data_8HWK
#
_entry.id   8HWK
#
_cell.length_a   206.150
_cell.length_b   101.188
_cell.length_c   106.791
_cell.angle_alpha   90.00
_cell.angle_beta   108.84
_cell.angle_gamma   90.00
#
_symmetry.space_group_name_H-M   'C 1 2 1'
#
loop_
_entity.id
_entity.type
_entity.pdbx_description
1 polymer dextransucrase
2 branched alpha-D-glucopyranose-(1-4)-alpha-D-glucopyranose-(1-4)-alpha-D-glucopyranose-(1-4)-alpha-D-glucopyranose-(1-4)-alpha-D-glucopyranose-(1-4)-alpha-D-glucopyranose
3 non-polymer 'SODIUM ION'
4 non-polymer 'CITRIC ACID'
5 non-polymer DI(HYDROXYETHYL)ETHER
6 water water
#
_entity_poly.entity_id   1
_entity_poly.type   'polypeptide(L)'
_entity_poly.pdbx_seq_one_letter_code
;MGPGTWENMAFAQDSSAINNINGYLSYTGWYRPYGTSQDGKTWYPTTVADWRPILMYVWPSKDVQVKFIQYFVNHGYENS
NYGLTAGSVKDLSENTASINLNEVAQNLRYVIEQHIVAAKSTSQLANDINNFITTIPELSASSELPDESGYGQVIFVNND
NTSYADSKYRLMSRTINNQTGNDNSGDNGYEFLTGIDIDNSNPVVQAENLNWEYFLLNYGKLMGYNPDGNFDGFRIDAAD
HIDADVLDQMGQLMDDMYHMKGNPQNANNHLSYNEGYRSSAARMLNKKGNPQLYMDYVGSTLGNVLGRANNRDTISNLIT
GSIVNRQNDVTENEATPNWSFVTNHDQRANLINGLIIKDHPGAYKAEYANQAWQEFYADQKKTDKQYAQYNVPAQYAILL
SNKDTVPQIYYGDLYNETAQYMQEKSIYYDAITTLMKARKQFVSGGQTMTKLSDNLIASVRYGKGVANANSEGTDSLSRT
SGMAVIVGNNPQMAEQTISINMGRAHANEQYRNLLDTTDNGLTYNADGAENPETLTTDDNGILKVTVKGYSNPYVSGYLG
VWVPVVSVNQDVTTNAATVSADSNKIFESNAALDSHMIYQDFSLYQPEPISTENHAYNIIAQNAELFNNLGITDFWMAPP
YTQYSESRYNDGYSVTDRYNLGTNANPTKYGSGEELANAIAALHSAGLKAQVDIVMNQMIGLPGQEAVTVTRADNRGMQT
DVNGKTYANQMYFAYTTGGGNGQETYGGKYLSELQSKYPDLFTTRAISTGVAPDPTTHITKWSAKYENGTSLQNIGIGLA
VKLPNGEYAYLRSSDNKSFNTLLPSEISAKFNN
;
_entity_poly.pdbx_strand_id   A,B
#
# COMPACT_ATOMS: atom_id res chain seq x y z
N GLY A 2 -37.14 -58.73 1.71
CA GLY A 2 -36.97 -58.46 3.17
C GLY A 2 -36.02 -57.31 3.50
N PRO A 3 -36.28 -56.60 4.62
CA PRO A 3 -35.60 -55.35 4.93
C PRO A 3 -34.43 -55.44 5.94
N GLY A 4 -33.90 -54.29 6.34
CA GLY A 4 -32.83 -54.18 7.35
C GLY A 4 -31.93 -52.97 7.11
N THR A 5 -31.13 -52.58 8.10
CA THR A 5 -30.22 -51.42 7.96
C THR A 5 -28.82 -51.83 7.44
N TRP A 6 -28.60 -53.12 7.22
CA TRP A 6 -27.41 -53.59 6.50
C TRP A 6 -27.34 -53.02 5.08
N GLU A 7 -28.42 -52.39 4.64
CA GLU A 7 -28.56 -51.93 3.27
C GLU A 7 -28.07 -50.50 3.03
N ASN A 8 -27.64 -49.82 4.08
CA ASN A 8 -26.94 -48.54 3.93
C ASN A 8 -25.53 -48.73 3.32
N MET A 9 -25.01 -49.94 3.47
CA MET A 9 -23.95 -50.49 2.63
C MET A 9 -24.06 -49.90 1.23
N ALA A 10 -22.92 -49.57 0.62
CA ALA A 10 -22.90 -49.17 -0.77
C ALA A 10 -23.21 -50.39 -1.63
N PHE A 11 -23.88 -50.17 -2.76
CA PHE A 11 -24.29 -51.24 -3.67
C PHE A 11 -23.06 -51.98 -4.23
N ALA A 12 -21.95 -51.27 -4.37
CA ALA A 12 -20.69 -51.86 -4.83
C ALA A 12 -19.56 -50.97 -4.40
N GLN A 13 -18.40 -51.55 -4.14
CA GLN A 13 -17.29 -50.73 -3.65
C GLN A 13 -16.30 -50.39 -4.78
N ASP A 14 -16.89 -49.93 -5.89
CA ASP A 14 -16.16 -49.39 -7.04
C ASP A 14 -16.70 -47.99 -7.35
N SER A 15 -16.11 -47.33 -8.34
CA SER A 15 -16.53 -45.97 -8.73
C SER A 15 -17.95 -45.84 -9.29
N SER A 16 -18.55 -46.97 -9.70
CA SER A 16 -19.89 -46.95 -10.31
C SER A 16 -20.97 -46.66 -9.28
N ALA A 17 -20.66 -46.84 -8.00
CA ALA A 17 -21.60 -46.57 -6.91
C ALA A 17 -21.12 -45.60 -5.81
N ILE A 18 -19.80 -45.37 -5.72
CA ILE A 18 -19.22 -44.45 -4.74
C ILE A 18 -18.46 -43.35 -5.48
N ASN A 19 -18.74 -42.10 -5.16
CA ASN A 19 -17.95 -40.99 -5.69
C ASN A 19 -16.58 -41.06 -5.10
N ASN A 20 -15.58 -40.90 -5.95
CA ASN A 20 -14.25 -40.79 -5.44
C ASN A 20 -13.39 -40.04 -6.42
N ILE A 21 -12.42 -39.34 -5.85
CA ILE A 21 -11.37 -38.71 -6.60
C ILE A 21 -10.14 -39.51 -6.21
N ASN A 22 -9.41 -40.01 -7.21
CA ASN A 22 -8.21 -40.88 -7.00
C ASN A 22 -8.30 -41.96 -5.96
N GLY A 23 -9.51 -42.43 -5.73
CA GLY A 23 -9.78 -43.44 -4.70
C GLY A 23 -10.26 -42.90 -3.37
N TYR A 24 -10.21 -41.59 -3.18
CA TYR A 24 -10.54 -41.06 -1.88
C TYR A 24 -11.97 -40.54 -1.87
N LEU A 25 -12.53 -40.39 -0.67
CA LEU A 25 -13.91 -39.98 -0.53
C LEU A 25 -14.02 -38.57 0.04
N SER A 26 -15.14 -37.91 -0.28
CA SER A 26 -15.41 -36.57 0.21
C SER A 26 -16.72 -36.57 0.97
N TYR A 27 -16.77 -35.81 2.06
CA TYR A 27 -18.03 -35.60 2.77
C TYR A 27 -19.08 -34.83 1.92
N THR A 28 -18.63 -34.08 0.91
CA THR A 28 -19.53 -33.57 -0.15
C THR A 28 -19.83 -34.59 -1.24
N GLY A 29 -19.21 -35.77 -1.18
CA GLY A 29 -19.47 -36.84 -2.14
C GLY A 29 -20.84 -37.49 -2.02
N TRP A 30 -21.22 -38.19 -3.09
CA TRP A 30 -22.49 -38.91 -3.19
C TRP A 30 -22.20 -40.38 -3.48
N TYR A 31 -23.00 -41.30 -2.95
CA TYR A 31 -22.82 -42.72 -3.23
C TYR A 31 -24.17 -43.39 -3.34
N ARG A 32 -24.18 -44.58 -3.92
CA ARG A 32 -25.40 -45.39 -4.06
C ARG A 32 -25.51 -46.48 -2.98
N PRO A 33 -26.38 -46.28 -1.97
CA PRO A 33 -26.60 -47.37 -1.03
C PRO A 33 -27.29 -48.55 -1.72
N TYR A 34 -27.20 -49.75 -1.12
CA TYR A 34 -27.93 -50.93 -1.62
C TYR A 34 -29.42 -50.68 -1.52
N GLY A 35 -29.86 -49.98 -0.48
CA GLY A 35 -31.26 -49.57 -0.35
C GLY A 35 -31.48 -48.38 0.59
N THR A 36 -32.66 -47.76 0.45
CA THR A 36 -33.09 -46.68 1.32
C THR A 36 -34.48 -47.00 1.87
N SER A 37 -34.83 -46.31 2.96
CA SER A 37 -36.13 -46.48 3.61
C SER A 37 -36.59 -45.18 4.23
N GLN A 38 -37.90 -45.05 4.34
CA GLN A 38 -38.55 -43.81 4.78
C GLN A 38 -39.22 -43.95 6.14
N ASP A 39 -39.59 -45.19 6.51
CA ASP A 39 -40.29 -45.47 7.77
C ASP A 39 -39.48 -46.33 8.72
N GLY A 40 -38.66 -47.23 8.18
CA GLY A 40 -37.94 -48.19 9.01
C GLY A 40 -38.35 -49.62 8.69
N LYS A 41 -39.61 -49.82 8.29
CA LYS A 41 -40.12 -51.17 8.01
C LYS A 41 -39.78 -51.68 6.58
N THR A 42 -40.16 -50.92 5.54
CA THR A 42 -39.94 -51.37 4.16
C THR A 42 -38.71 -50.70 3.52
N TRP A 43 -37.74 -51.51 3.10
CA TRP A 43 -36.55 -51.01 2.44
C TRP A 43 -36.57 -51.40 0.96
N TYR A 44 -36.38 -50.40 0.10
CA TYR A 44 -36.46 -50.56 -1.36
C TYR A 44 -35.05 -50.64 -1.91
N PRO A 45 -34.76 -51.65 -2.75
CA PRO A 45 -33.51 -51.58 -3.50
C PRO A 45 -33.37 -50.28 -4.30
N THR A 46 -32.14 -49.77 -4.40
CA THR A 46 -31.85 -48.54 -5.17
C THR A 46 -31.68 -48.88 -6.64
N THR A 47 -32.08 -47.97 -7.51
CA THR A 47 -31.70 -47.99 -8.91
C THR A 47 -30.36 -47.27 -9.05
N VAL A 48 -29.65 -47.49 -10.15
CA VAL A 48 -28.39 -46.77 -10.41
C VAL A 48 -28.59 -45.24 -10.44
N ALA A 49 -29.83 -44.77 -10.42
CA ALA A 49 -30.11 -43.32 -10.38
C ALA A 49 -30.37 -42.78 -8.96
N ASP A 50 -30.50 -43.70 -8.00
CA ASP A 50 -30.78 -43.36 -6.60
C ASP A 50 -29.44 -43.13 -5.86
N TRP A 51 -29.03 -41.86 -5.78
CA TRP A 51 -27.73 -41.48 -5.20
C TRP A 51 -27.97 -40.57 -3.99
N ARG A 52 -27.17 -40.75 -2.95
CA ARG A 52 -27.36 -40.04 -1.68
C ARG A 52 -26.05 -39.48 -1.17
N PRO A 53 -26.11 -38.30 -0.51
CA PRO A 53 -24.90 -37.62 -0.07
C PRO A 53 -24.28 -38.36 1.11
N ILE A 54 -22.94 -38.44 1.14
CA ILE A 54 -22.24 -39.23 2.16
C ILE A 54 -22.42 -38.68 3.57
N LEU A 55 -22.62 -37.37 3.67
CA LEU A 55 -22.70 -36.70 4.96
C LEU A 55 -24.00 -36.99 5.76
N MET A 56 -24.93 -37.75 5.15
CA MET A 56 -26.08 -38.40 5.82
C MET A 56 -25.69 -39.66 6.61
N TYR A 57 -24.57 -40.30 6.25
CA TYR A 57 -24.19 -41.60 6.83
C TYR A 57 -22.87 -41.63 7.62
N VAL A 58 -21.96 -40.70 7.32
CA VAL A 58 -20.62 -40.70 7.87
C VAL A 58 -20.17 -39.27 8.20
N TRP A 59 -19.52 -39.10 9.34
CA TRP A 59 -19.11 -37.78 9.78
C TRP A 59 -17.67 -37.79 10.24
N PRO A 60 -17.05 -36.60 10.23
CA PRO A 60 -15.69 -36.41 10.73
C PRO A 60 -15.53 -36.72 12.20
N SER A 61 -16.56 -36.40 12.98
CA SER A 61 -16.56 -36.67 14.41
C SER A 61 -17.95 -36.52 14.96
N LYS A 62 -18.18 -37.06 16.16
CA LYS A 62 -19.48 -37.03 16.80
C LYS A 62 -20.00 -35.61 16.98
N ASP A 63 -19.13 -34.70 17.36
CA ASP A 63 -19.54 -33.30 17.42
C ASP A 63 -20.25 -32.90 16.12
N VAL A 64 -19.72 -33.34 14.97
CA VAL A 64 -20.26 -32.96 13.66
C VAL A 64 -21.54 -33.72 13.33
N GLN A 65 -21.56 -35.02 13.64
CA GLN A 65 -22.80 -35.82 13.57
C GLN A 65 -23.91 -35.10 14.29
N VAL A 66 -23.61 -34.61 15.49
CA VAL A 66 -24.55 -33.85 16.30
C VAL A 66 -25.06 -32.63 15.53
N LYS A 67 -24.16 -31.73 15.11
CA LYS A 67 -24.56 -30.54 14.35
C LYS A 67 -25.29 -30.81 13.02
N PHE A 68 -25.04 -31.97 12.42
CA PHE A 68 -25.74 -32.33 11.17
C PHE A 68 -27.22 -32.58 11.47
N ILE A 69 -27.46 -33.30 12.57
CA ILE A 69 -28.80 -33.67 13.04
C ILE A 69 -29.63 -32.44 13.40
N GLN A 70 -29.13 -31.63 14.32
CA GLN A 70 -29.78 -30.38 14.74
C GLN A 70 -30.05 -29.42 13.59
N TYR A 71 -29.07 -29.28 12.69
CA TYR A 71 -29.23 -28.35 11.57
C TYR A 71 -30.39 -28.82 10.71
N PHE A 72 -30.37 -30.09 10.33
CA PHE A 72 -31.43 -30.61 9.48
C PHE A 72 -32.80 -30.48 10.16
N VAL A 73 -32.87 -30.85 11.43
CA VAL A 73 -34.14 -30.74 12.16
C VAL A 73 -34.67 -29.30 12.15
N ASN A 74 -33.84 -28.34 12.54
CA ASN A 74 -34.24 -26.92 12.62
C ASN A 74 -34.37 -26.20 11.24
N HIS A 75 -34.39 -26.96 10.14
CA HIS A 75 -34.48 -26.40 8.78
C HIS A 75 -35.52 -27.09 7.89
N GLY A 76 -36.50 -27.79 8.50
CA GLY A 76 -37.56 -28.50 7.76
C GLY A 76 -37.63 -30.02 7.87
N TYR A 77 -36.61 -30.65 8.45
CA TYR A 77 -36.53 -32.11 8.51
C TYR A 77 -36.89 -32.67 9.89
N GLU A 78 -37.69 -31.92 10.65
CA GLU A 78 -38.25 -32.41 11.91
C GLU A 78 -39.49 -33.28 11.65
N ASN A 79 -39.70 -34.28 12.49
CA ASN A 79 -40.90 -35.13 12.46
C ASN A 79 -40.97 -35.87 13.80
N SER A 80 -41.97 -35.52 14.61
CA SER A 80 -42.10 -36.07 15.97
C SER A 80 -42.56 -37.53 16.00
N ASN A 81 -43.21 -37.97 14.92
CA ASN A 81 -43.55 -39.38 14.75
C ASN A 81 -42.30 -40.28 14.63
N TYR A 82 -41.13 -39.65 14.46
CA TYR A 82 -39.83 -40.33 14.55
C TYR A 82 -38.92 -39.69 15.62
N GLY A 83 -39.51 -38.95 16.55
CA GLY A 83 -38.81 -38.40 17.71
C GLY A 83 -37.85 -37.28 17.38
N LEU A 84 -38.16 -36.49 16.36
CA LEU A 84 -37.27 -35.44 15.90
C LEU A 84 -37.96 -34.07 15.88
N THR A 85 -37.80 -33.33 16.97
CA THR A 85 -38.14 -31.89 17.05
C THR A 85 -36.99 -31.20 17.72
N ALA A 86 -36.87 -29.89 17.53
CA ALA A 86 -35.89 -29.08 18.23
C ALA A 86 -35.77 -29.55 19.69
N GLY A 87 -36.92 -29.82 20.31
CA GLY A 87 -36.98 -30.31 21.68
C GLY A 87 -36.29 -31.65 21.92
N SER A 88 -36.36 -32.57 20.95
CA SER A 88 -35.74 -33.90 21.08
C SER A 88 -34.22 -33.94 20.75
N VAL A 89 -33.69 -32.91 20.11
CA VAL A 89 -32.27 -32.89 19.67
C VAL A 89 -31.38 -31.87 20.38
N LYS A 90 -31.99 -30.94 21.11
CA LYS A 90 -31.27 -29.78 21.60
C LYS A 90 -30.26 -30.10 22.71
N ASP A 91 -30.41 -31.22 23.40
CA ASP A 91 -29.50 -31.58 24.51
C ASP A 91 -28.38 -32.54 24.09
N LEU A 92 -28.47 -33.09 22.88
CA LEU A 92 -27.48 -34.04 22.35
C LEU A 92 -26.13 -33.38 22.15
N SER A 93 -25.06 -34.12 22.40
CA SER A 93 -23.71 -33.59 22.23
C SER A 93 -22.71 -34.71 21.95
N GLU A 94 -21.44 -34.35 21.78
CA GLU A 94 -20.40 -35.36 21.55
C GLU A 94 -20.30 -36.38 22.71
N ASN A 95 -20.87 -36.04 23.86
CA ASN A 95 -20.88 -36.93 25.03
C ASN A 95 -21.99 -37.98 24.98
N THR A 96 -22.95 -37.85 24.07
CA THR A 96 -24.04 -38.81 23.96
C THR A 96 -23.52 -40.16 23.50
N ALA A 97 -24.21 -41.25 23.88
CA ALA A 97 -23.82 -42.59 23.47
C ALA A 97 -23.77 -42.66 21.96
N SER A 98 -22.67 -43.19 21.43
CA SER A 98 -22.57 -43.48 20.01
C SER A 98 -23.78 -44.29 19.53
N ILE A 99 -24.24 -45.23 20.37
CA ILE A 99 -25.39 -46.07 20.01
C ILE A 99 -26.69 -45.24 19.92
N ASN A 100 -26.85 -44.24 20.79
CA ASN A 100 -28.01 -43.33 20.75
C ASN A 100 -27.96 -42.43 19.49
N LEU A 101 -26.89 -41.65 19.35
CA LEU A 101 -26.73 -40.73 18.22
C LEU A 101 -27.04 -41.35 16.87
N ASN A 102 -26.65 -42.60 16.68
CA ASN A 102 -26.83 -43.28 15.41
C ASN A 102 -28.29 -43.57 15.17
N GLU A 103 -29.00 -43.98 16.22
CA GLU A 103 -30.44 -44.18 16.13
C GLU A 103 -31.10 -42.89 15.71
N VAL A 104 -30.69 -41.78 16.34
CA VAL A 104 -31.20 -40.46 15.95
C VAL A 104 -30.89 -40.17 14.48
N ALA A 105 -29.64 -40.41 14.07
CA ALA A 105 -29.20 -40.18 12.69
C ALA A 105 -29.96 -41.04 11.69
N GLN A 106 -30.17 -42.31 12.04
CA GLN A 106 -30.95 -43.22 11.19
C GLN A 106 -32.37 -42.70 11.02
N ASN A 107 -32.94 -42.11 12.06
CA ASN A 107 -34.29 -41.60 12.00
C ASN A 107 -34.39 -40.35 11.15
N LEU A 108 -33.40 -39.47 11.28
CA LEU A 108 -33.28 -38.31 10.41
C LEU A 108 -33.25 -38.76 8.96
N ARG A 109 -32.54 -39.85 8.71
CA ARG A 109 -32.41 -40.38 7.36
C ARG A 109 -33.75 -40.88 6.77
N TYR A 110 -34.62 -41.39 7.64
CA TYR A 110 -35.98 -41.73 7.22
C TYR A 110 -36.69 -40.46 6.72
N VAL A 111 -36.58 -39.37 7.49
CA VAL A 111 -37.23 -38.09 7.14
C VAL A 111 -36.67 -37.47 5.85
N ILE A 112 -35.36 -37.59 5.66
CA ILE A 112 -34.74 -37.10 4.43
C ILE A 112 -35.33 -37.83 3.20
N GLU A 113 -35.39 -39.16 3.28
CA GLU A 113 -36.04 -39.95 2.23
C GLU A 113 -37.47 -39.47 1.98
N GLN A 114 -38.14 -39.01 3.04
CA GLN A 114 -39.48 -38.47 2.89
C GLN A 114 -39.49 -37.21 2.05
N HIS A 115 -38.66 -36.23 2.42
CA HIS A 115 -38.52 -34.99 1.66
C HIS A 115 -38.15 -35.24 0.19
N ILE A 116 -37.34 -36.27 -0.07
CA ILE A 116 -36.92 -36.59 -1.45
C ILE A 116 -38.11 -37.07 -2.29
N VAL A 117 -38.90 -37.95 -1.70
CA VAL A 117 -40.19 -38.40 -2.23
C VAL A 117 -41.13 -37.19 -2.46
N ALA A 118 -41.37 -36.40 -1.42
CA ALA A 118 -42.24 -35.22 -1.51
C ALA A 118 -41.85 -34.31 -2.67
N ALA A 119 -40.58 -33.95 -2.72
CA ALA A 119 -40.05 -33.02 -3.71
C ALA A 119 -39.70 -33.66 -5.05
N LYS A 120 -39.65 -34.99 -5.10
CA LYS A 120 -39.37 -35.71 -6.33
C LYS A 120 -37.96 -35.41 -6.87
N SER A 121 -37.04 -35.06 -5.97
CA SER A 121 -35.65 -34.77 -6.35
C SER A 121 -34.73 -34.65 -5.12
N THR A 122 -33.44 -34.81 -5.37
CA THR A 122 -32.41 -34.67 -4.37
C THR A 122 -31.71 -33.31 -4.52
N SER A 123 -32.49 -32.24 -4.71
CA SER A 123 -31.95 -30.88 -4.90
C SER A 123 -31.88 -30.07 -3.61
N GLN A 124 -33.01 -29.95 -2.89
CA GLN A 124 -33.04 -29.16 -1.66
C GLN A 124 -32.14 -29.82 -0.64
N LEU A 125 -32.04 -31.15 -0.73
CA LEU A 125 -31.11 -31.90 0.11
C LEU A 125 -29.70 -31.42 -0.16
N ALA A 126 -29.31 -31.46 -1.43
CA ALA A 126 -27.98 -31.03 -1.87
C ALA A 126 -27.70 -29.58 -1.46
N ASN A 127 -28.69 -28.71 -1.63
CA ASN A 127 -28.62 -27.31 -1.23
C ASN A 127 -28.55 -27.13 0.30
N ASP A 128 -29.10 -28.09 1.03
CA ASP A 128 -29.05 -28.07 2.49
C ASP A 128 -27.72 -28.62 2.98
N ILE A 129 -27.18 -29.63 2.30
CA ILE A 129 -25.86 -30.15 2.62
C ILE A 129 -24.82 -29.04 2.46
N ASN A 130 -24.94 -28.26 1.38
CA ASN A 130 -23.99 -27.18 1.12
C ASN A 130 -24.10 -26.10 2.17
N ASN A 131 -25.32 -25.69 2.47
CA ASN A 131 -25.51 -24.70 3.52
C ASN A 131 -25.04 -25.24 4.87
N PHE A 132 -25.32 -26.50 5.15
CA PHE A 132 -24.88 -27.08 6.42
C PHE A 132 -23.39 -26.93 6.55
N ILE A 133 -22.68 -27.36 5.51
CA ILE A 133 -21.23 -27.40 5.54
C ILE A 133 -20.64 -26.05 5.93
N THR A 134 -21.18 -24.94 5.40
CA THR A 134 -20.63 -23.62 5.74
C THR A 134 -20.66 -23.32 7.25
N THR A 135 -21.60 -23.91 7.98
CA THR A 135 -21.69 -23.69 9.44
C THR A 135 -20.55 -24.34 10.21
N ILE A 136 -19.95 -25.37 9.62
CA ILE A 136 -18.87 -26.14 10.26
C ILE A 136 -17.47 -25.57 9.94
N PRO A 137 -16.78 -25.03 10.96
CA PRO A 137 -15.44 -24.53 10.65
C PRO A 137 -14.54 -25.53 9.85
N GLU A 138 -14.27 -26.73 10.39
CA GLU A 138 -13.37 -27.73 9.75
C GLU A 138 -13.75 -28.23 8.33
N LEU A 139 -15.02 -28.13 7.98
CA LEU A 139 -15.53 -28.68 6.72
C LEU A 139 -15.69 -27.61 5.66
N SER A 140 -15.74 -26.35 6.08
CA SER A 140 -16.09 -25.23 5.18
C SER A 140 -14.96 -24.79 4.27
N ALA A 141 -15.31 -23.97 3.29
CA ALA A 141 -14.29 -23.29 2.51
C ALA A 141 -13.31 -22.47 3.41
N SER A 142 -13.76 -21.94 4.54
CA SER A 142 -12.86 -21.14 5.36
C SER A 142 -11.70 -21.95 6.03
N SER A 143 -11.76 -23.28 6.02
CA SER A 143 -10.66 -24.09 6.61
C SER A 143 -9.32 -24.02 5.84
N GLU A 144 -9.39 -23.70 4.56
CA GLU A 144 -8.19 -23.56 3.71
C GLU A 144 -7.46 -22.22 3.95
N LEU A 145 -7.98 -21.41 4.86
CA LEU A 145 -7.28 -20.28 5.46
C LEU A 145 -6.95 -19.18 4.49
N PRO A 146 -7.99 -18.47 4.00
CA PRO A 146 -7.77 -17.26 3.24
C PRO A 146 -7.01 -16.29 4.09
N ASP A 147 -6.24 -15.38 3.49
CA ASP A 147 -5.63 -14.28 4.25
C ASP A 147 -6.67 -13.17 4.43
N GLU A 148 -6.31 -12.13 5.15
CA GLU A 148 -7.31 -11.13 5.48
C GLU A 148 -7.89 -10.38 4.26
N SER A 149 -7.15 -10.30 3.16
CA SER A 149 -7.70 -9.76 1.89
C SER A 149 -8.53 -10.76 1.03
N GLY A 150 -8.75 -12.00 1.49
CA GLY A 150 -9.43 -13.02 0.68
C GLY A 150 -8.53 -13.74 -0.33
N TYR A 151 -7.23 -13.77 -0.07
CA TYR A 151 -6.25 -14.34 -0.99
C TYR A 151 -5.51 -15.51 -0.31
N GLY A 152 -4.68 -16.20 -1.08
CA GLY A 152 -3.86 -17.27 -0.56
C GLY A 152 -3.61 -18.30 -1.62
N GLN A 153 -2.63 -19.16 -1.39
CA GLN A 153 -2.25 -20.23 -2.30
C GLN A 153 -1.81 -21.42 -1.44
N VAL A 154 -1.91 -22.64 -1.98
CA VAL A 154 -1.27 -23.81 -1.39
C VAL A 154 -0.20 -24.33 -2.35
N ILE A 155 0.77 -25.10 -1.83
CA ILE A 155 1.75 -25.78 -2.71
C ILE A 155 1.46 -27.25 -2.79
N PHE A 156 1.79 -27.86 -3.92
CA PHE A 156 1.68 -29.30 -4.05
C PHE A 156 3.00 -29.97 -3.67
N VAL A 157 2.88 -30.92 -2.75
CA VAL A 157 4.02 -31.66 -2.21
C VAL A 157 3.82 -33.15 -2.40
N ASN A 158 4.89 -33.89 -2.16
CA ASN A 158 4.89 -35.34 -2.29
C ASN A 158 4.25 -36.00 -1.08
N ASN A 159 3.61 -37.15 -1.29
CA ASN A 159 2.86 -37.79 -0.20
C ASN A 159 2.64 -39.26 -0.55
N ASP A 160 2.66 -40.17 0.43
CA ASP A 160 2.49 -41.59 0.13
C ASP A 160 1.08 -41.92 -0.40
N ASN A 161 0.08 -41.10 -0.05
CA ASN A 161 -1.30 -41.22 -0.52
C ASN A 161 -1.60 -40.65 -1.90
N THR A 162 -0.86 -39.61 -2.30
CA THR A 162 -1.05 -38.97 -3.61
C THR A 162 0.23 -39.01 -4.46
N SER A 163 0.83 -40.20 -4.58
CA SER A 163 2.18 -40.35 -5.11
C SER A 163 2.26 -40.15 -6.59
N TYR A 164 1.18 -40.51 -7.30
CA TYR A 164 0.96 -40.13 -8.72
C TYR A 164 1.15 -38.61 -8.99
N ALA A 165 0.96 -37.77 -7.96
CA ALA A 165 1.17 -36.33 -8.07
C ALA A 165 2.51 -35.88 -7.56
N ASP A 166 3.46 -36.81 -7.41
CA ASP A 166 4.77 -36.47 -6.86
C ASP A 166 5.63 -35.94 -7.96
N SER A 167 6.48 -34.98 -7.63
CA SER A 167 7.44 -34.43 -8.59
C SER A 167 8.81 -34.30 -7.96
N LYS A 168 9.82 -34.49 -8.80
CA LYS A 168 11.19 -34.29 -8.40
C LYS A 168 11.56 -32.81 -8.58
N TYR A 169 10.72 -32.01 -9.24
CA TYR A 169 11.09 -30.63 -9.57
C TYR A 169 10.30 -29.66 -8.73
N ARG A 170 9.36 -28.94 -9.31
CA ARG A 170 8.68 -27.89 -8.57
C ARG A 170 9.72 -26.96 -7.94
N LEU A 171 10.65 -26.49 -8.73
CA LEU A 171 11.56 -25.52 -8.18
C LEU A 171 10.79 -24.21 -8.20
N MET A 172 10.66 -23.59 -7.04
CA MET A 172 9.78 -22.46 -6.91
C MET A 172 10.54 -21.16 -6.79
N SER A 173 9.90 -20.09 -7.30
CA SER A 173 10.40 -18.72 -7.26
C SER A 173 11.81 -18.65 -7.86
N ARG A 174 12.06 -19.40 -8.92
CA ARG A 174 13.38 -19.41 -9.59
C ARG A 174 13.46 -18.37 -10.71
N THR A 175 13.20 -17.13 -10.35
CA THR A 175 12.95 -16.09 -11.30
C THR A 175 14.15 -15.18 -11.29
N ILE A 176 14.40 -14.49 -12.39
CA ILE A 176 15.34 -13.37 -12.41
C ILE A 176 16.73 -13.77 -11.88
N ASN A 177 17.22 -13.10 -10.84
CA ASN A 177 18.57 -13.36 -10.37
C ASN A 177 18.58 -14.57 -9.45
N ASN A 178 17.44 -15.25 -9.33
CA ASN A 178 17.34 -16.47 -8.53
C ASN A 178 17.04 -17.70 -9.37
N GLN A 179 17.54 -17.71 -10.59
CA GLN A 179 17.31 -18.82 -11.48
C GLN A 179 17.97 -20.07 -10.91
N THR A 180 19.03 -19.90 -10.16
CA THR A 180 19.73 -21.04 -9.57
C THR A 180 19.27 -21.36 -8.16
N GLY A 181 18.28 -20.63 -7.65
CA GLY A 181 17.84 -20.84 -6.27
C GLY A 181 18.87 -20.40 -5.23
N ASN A 182 19.80 -19.53 -5.61
CA ASN A 182 20.87 -19.11 -4.71
C ASN A 182 20.70 -17.74 -4.03
N ASP A 183 19.55 -17.10 -4.19
CA ASP A 183 19.25 -15.92 -3.40
C ASP A 183 17.75 -15.79 -3.22
N ASN A 184 17.16 -16.75 -2.50
CA ASN A 184 15.71 -16.78 -2.32
C ASN A 184 15.16 -15.58 -1.64
N SER A 185 15.98 -15.02 -0.76
CA SER A 185 15.65 -13.87 0.08
C SER A 185 15.60 -12.54 -0.68
N GLY A 186 16.11 -12.53 -1.91
CA GLY A 186 16.39 -11.28 -2.61
C GLY A 186 15.30 -10.82 -3.54
N ASP A 187 15.74 -10.14 -4.60
CA ASP A 187 14.96 -9.30 -5.48
C ASP A 187 14.36 -10.04 -6.67
N ASN A 188 14.06 -11.32 -6.50
CA ASN A 188 13.66 -12.13 -7.62
C ASN A 188 12.28 -11.81 -8.20
N GLY A 189 11.20 -11.91 -7.45
CA GLY A 189 9.89 -12.06 -8.12
C GLY A 189 9.35 -13.44 -7.81
N TYR A 190 8.13 -13.46 -7.29
CA TYR A 190 7.59 -14.62 -6.59
C TYR A 190 6.83 -15.55 -7.55
N GLU A 191 6.72 -16.81 -7.14
CA GLU A 191 6.16 -17.87 -7.97
C GLU A 191 4.67 -17.75 -8.24
N PHE A 192 3.90 -17.41 -7.20
CA PHE A 192 2.44 -17.47 -7.28
C PHE A 192 1.77 -16.12 -7.52
N LEU A 193 1.01 -16.07 -8.61
CA LEU A 193 0.05 -14.98 -8.86
C LEU A 193 -1.27 -15.57 -8.49
N THR A 194 -2.04 -16.04 -9.46
CA THR A 194 -3.35 -16.58 -9.19
C THR A 194 -3.53 -17.76 -10.14
N GLY A 195 -4.47 -18.64 -9.83
CA GLY A 195 -4.74 -19.80 -10.67
C GLY A 195 -3.93 -21.03 -10.32
N ILE A 196 -3.96 -22.00 -11.23
CA ILE A 196 -3.20 -23.24 -11.09
C ILE A 196 -1.82 -22.98 -11.67
N ASP A 197 -0.83 -22.87 -10.76
CA ASP A 197 0.52 -22.44 -11.13
C ASP A 197 1.25 -23.61 -11.75
N ILE A 198 1.74 -23.39 -12.97
CA ILE A 198 2.47 -24.37 -13.76
C ILE A 198 3.95 -24.39 -13.36
N ASP A 199 4.49 -25.61 -13.23
CA ASP A 199 5.91 -25.83 -12.91
C ASP A 199 6.78 -25.71 -14.18
N ASN A 200 7.13 -24.49 -14.50
CA ASN A 200 8.00 -24.26 -15.61
C ASN A 200 9.45 -24.62 -15.27
N SER A 201 9.68 -25.43 -14.24
CA SER A 201 11.03 -25.93 -13.91
C SER A 201 11.12 -27.40 -14.23
N ASN A 202 9.97 -28.03 -14.46
CA ASN A 202 9.98 -29.40 -14.91
C ASN A 202 10.50 -29.46 -16.37
N PRO A 203 11.53 -30.26 -16.63
CA PRO A 203 12.08 -30.35 -17.97
C PRO A 203 11.07 -30.65 -19.07
N VAL A 204 10.07 -31.47 -18.77
CA VAL A 204 9.08 -31.83 -19.79
C VAL A 204 8.19 -30.62 -20.11
N VAL A 205 7.88 -29.84 -19.08
CA VAL A 205 7.10 -28.62 -19.26
C VAL A 205 7.86 -27.65 -20.16
N GLN A 206 9.16 -27.59 -19.97
CA GLN A 206 10.01 -26.68 -20.72
C GLN A 206 10.05 -27.05 -22.21
N ALA A 207 10.01 -28.35 -22.47
CA ALA A 207 9.86 -28.83 -23.81
C ALA A 207 8.48 -28.45 -24.39
N GLU A 208 7.41 -28.62 -23.62
CA GLU A 208 6.08 -28.23 -24.09
C GLU A 208 5.99 -26.72 -24.41
N ASN A 209 6.68 -25.86 -23.65
CA ASN A 209 6.70 -24.42 -23.95
C ASN A 209 7.36 -24.12 -25.31
N LEU A 210 8.41 -24.86 -25.65
CA LEU A 210 8.99 -24.72 -27.00
C LEU A 210 8.02 -25.14 -28.08
N ASN A 211 7.33 -26.25 -27.83
CA ASN A 211 6.33 -26.74 -28.75
C ASN A 211 5.27 -25.67 -29.00
N TRP A 212 4.83 -25.07 -27.90
CA TRP A 212 3.82 -24.03 -27.93
C TRP A 212 4.29 -22.83 -28.76
N GLU A 213 5.47 -22.33 -28.41
CA GLU A 213 6.04 -21.19 -29.10
C GLU A 213 6.15 -21.47 -30.63
N TYR A 214 6.56 -22.69 -31.00
CA TYR A 214 6.70 -23.03 -32.42
C TYR A 214 5.33 -23.08 -33.13
N PHE A 215 4.33 -23.67 -32.49
CA PHE A 215 2.96 -23.64 -33.04
C PHE A 215 2.54 -22.17 -33.32
N LEU A 216 2.71 -21.30 -32.31
CA LEU A 216 2.28 -19.89 -32.39
C LEU A 216 3.03 -19.10 -33.48
N LEU A 217 4.33 -19.32 -33.57
CA LEU A 217 5.08 -18.68 -34.62
C LEU A 217 4.74 -19.22 -36.01
N ASN A 218 3.96 -20.32 -36.08
CA ASN A 218 3.59 -20.88 -37.38
C ASN A 218 2.12 -21.18 -37.52
N TYR A 219 1.32 -20.35 -36.86
CA TYR A 219 -0.09 -20.64 -36.60
C TYR A 219 -0.93 -20.85 -37.85
N GLY A 220 -0.95 -19.88 -38.74
CA GLY A 220 -1.76 -20.00 -39.93
C GLY A 220 -1.38 -21.17 -40.79
N LYS A 221 -0.08 -21.42 -40.90
CA LYS A 221 0.40 -22.51 -41.73
C LYS A 221 -0.06 -23.78 -41.10
N LEU A 222 0.37 -24.02 -39.88
CA LEU A 222 0.12 -25.29 -39.22
C LEU A 222 -1.35 -25.65 -39.13
N MET A 223 -2.21 -24.65 -38.99
CA MET A 223 -3.63 -24.86 -38.88
C MET A 223 -4.35 -24.84 -40.22
N GLY A 224 -3.62 -24.64 -41.31
CA GLY A 224 -4.26 -24.49 -42.61
C GLY A 224 -5.25 -23.35 -42.61
N TYR A 225 -4.95 -22.25 -41.92
CA TYR A 225 -5.74 -21.04 -42.09
C TYR A 225 -4.98 -20.16 -43.09
N ASN A 226 -5.25 -18.87 -43.16
CA ASN A 226 -4.41 -17.98 -43.98
C ASN A 226 -2.94 -18.24 -43.71
N PRO A 227 -2.18 -18.67 -44.72
CA PRO A 227 -0.81 -19.09 -44.39
C PRO A 227 0.15 -17.96 -43.99
N ASP A 228 -0.16 -16.69 -44.22
CA ASP A 228 0.71 -15.61 -43.75
C ASP A 228 0.26 -15.06 -42.39
N GLY A 229 -0.57 -15.86 -41.70
CA GLY A 229 -1.17 -15.51 -40.38
C GLY A 229 -0.39 -16.14 -39.26
N ASN A 230 0.86 -15.73 -39.16
CA ASN A 230 1.81 -16.27 -38.19
C ASN A 230 2.39 -15.17 -37.32
N PHE A 231 2.56 -15.46 -36.04
CA PHE A 231 3.12 -14.50 -35.12
C PHE A 231 4.62 -14.36 -35.35
N ASP A 232 5.14 -13.20 -35.03
CA ASP A 232 6.53 -12.87 -35.25
C ASP A 232 7.32 -12.82 -33.97
N GLY A 233 6.65 -13.07 -32.83
CA GLY A 233 7.26 -12.79 -31.53
C GLY A 233 6.30 -12.82 -30.36
N PHE A 234 6.80 -12.45 -29.19
CA PHE A 234 6.03 -12.65 -27.96
C PHE A 234 5.98 -11.42 -27.06
N ARG A 235 4.86 -11.33 -26.35
CA ARG A 235 4.73 -10.51 -25.17
C ARG A 235 4.63 -11.55 -24.05
N ILE A 236 5.59 -11.57 -23.12
CA ILE A 236 5.62 -12.63 -22.09
C ILE A 236 4.90 -12.26 -20.74
N ASP A 237 3.66 -12.71 -20.60
CA ASP A 237 2.87 -12.48 -19.38
C ASP A 237 3.56 -13.11 -18.18
N ALA A 238 3.53 -12.40 -17.06
CA ALA A 238 4.03 -12.86 -15.77
C ALA A 238 5.45 -13.38 -15.81
N ALA A 239 6.34 -12.66 -16.51
CA ALA A 239 7.69 -13.12 -16.72
C ALA A 239 8.53 -13.17 -15.44
N ASP A 240 8.21 -12.33 -14.45
CA ASP A 240 8.91 -12.36 -13.15
C ASP A 240 8.44 -13.53 -12.28
N HIS A 241 7.49 -14.34 -12.76
CA HIS A 241 6.77 -15.29 -11.90
C HIS A 241 6.85 -16.75 -12.33
N ILE A 242 7.71 -16.98 -13.33
CA ILE A 242 7.98 -18.28 -13.90
C ILE A 242 9.47 -18.50 -13.96
N ASP A 243 9.86 -19.77 -13.77
CA ASP A 243 11.26 -20.18 -13.81
C ASP A 243 11.92 -19.55 -15.02
N ALA A 244 12.98 -18.79 -14.78
CA ALA A 244 13.58 -18.05 -15.85
C ALA A 244 14.15 -18.91 -16.98
N ASP A 245 14.23 -20.23 -16.78
CA ASP A 245 14.74 -21.15 -17.80
C ASP A 245 14.03 -20.98 -19.15
N VAL A 246 12.73 -20.81 -19.06
CA VAL A 246 11.86 -20.66 -20.22
C VAL A 246 12.10 -19.40 -21.03
N LEU A 247 12.65 -18.37 -20.38
CA LEU A 247 12.96 -17.15 -21.06
C LEU A 247 14.27 -17.33 -21.82
N ASP A 248 15.18 -18.12 -21.23
CA ASP A 248 16.38 -18.55 -21.93
C ASP A 248 15.96 -19.34 -23.15
N GLN A 249 15.11 -20.33 -22.90
CA GLN A 249 14.72 -21.27 -23.92
C GLN A 249 14.00 -20.62 -25.12
N MET A 250 13.05 -19.72 -24.85
CA MET A 250 12.40 -18.91 -25.91
C MET A 250 13.44 -18.17 -26.74
N GLY A 251 14.36 -17.53 -26.03
CA GLY A 251 15.43 -16.77 -26.68
C GLY A 251 16.17 -17.62 -27.67
N GLN A 252 16.49 -18.83 -27.23
CA GLN A 252 17.25 -19.78 -28.02
C GLN A 252 16.51 -20.26 -29.28
N LEU A 253 15.23 -20.62 -29.11
CA LEU A 253 14.39 -20.95 -30.24
C LEU A 253 14.35 -19.81 -31.25
N MET A 254 14.06 -18.61 -30.75
CA MET A 254 13.92 -17.44 -31.61
C MET A 254 15.24 -17.14 -32.30
N ASP A 255 16.37 -17.39 -31.60
CA ASP A 255 17.66 -17.24 -32.26
C ASP A 255 17.90 -18.31 -33.31
N ASP A 256 17.58 -19.55 -33.00
CA ASP A 256 17.74 -20.65 -33.96
C ASP A 256 16.87 -20.45 -35.21
N MET A 257 15.60 -20.12 -35.00
CA MET A 257 14.68 -20.01 -36.14
C MET A 257 15.02 -18.82 -37.05
N TYR A 258 15.25 -17.63 -36.48
CA TYR A 258 15.36 -16.39 -37.28
C TYR A 258 16.74 -15.76 -37.35
N HIS A 259 17.75 -16.36 -36.72
CA HIS A 259 19.14 -15.83 -36.69
C HIS A 259 19.20 -14.37 -36.29
N MET A 260 19.00 -14.13 -35.00
CA MET A 260 18.82 -12.78 -34.47
C MET A 260 20.09 -12.17 -33.87
N LYS A 261 21.00 -13.00 -33.37
CA LYS A 261 22.18 -12.52 -32.65
C LYS A 261 23.07 -11.60 -33.50
N GLY A 262 23.30 -12.04 -34.72
CA GLY A 262 24.07 -11.23 -35.64
C GLY A 262 23.31 -10.02 -36.14
N ASN A 263 22.07 -10.19 -36.55
CA ASN A 263 21.36 -9.23 -37.40
C ASN A 263 20.35 -8.40 -36.64
N PRO A 264 20.64 -7.13 -36.39
CA PRO A 264 19.56 -6.34 -35.81
C PRO A 264 18.32 -6.34 -36.67
N GLN A 265 18.45 -6.49 -37.98
CA GLN A 265 17.27 -6.53 -38.84
C GLN A 265 16.37 -7.71 -38.50
N ASN A 266 16.97 -8.89 -38.37
CA ASN A 266 16.26 -10.10 -37.95
C ASN A 266 15.79 -10.04 -36.49
N ALA A 267 16.62 -9.51 -35.60
CA ALA A 267 16.17 -9.32 -34.24
C ALA A 267 14.95 -8.40 -34.24
N ASN A 268 15.11 -7.19 -34.78
CA ASN A 268 14.03 -6.21 -34.77
C ASN A 268 12.69 -6.62 -35.43
N ASN A 269 12.75 -7.56 -36.38
CA ASN A 269 11.54 -8.13 -36.98
C ASN A 269 10.90 -9.24 -36.16
N HIS A 270 11.51 -9.61 -35.03
CA HIS A 270 10.97 -10.67 -34.17
C HIS A 270 11.04 -10.23 -32.71
N LEU A 271 10.37 -9.12 -32.47
CA LEU A 271 10.43 -8.44 -31.18
C LEU A 271 9.79 -9.29 -30.12
N SER A 272 10.40 -9.31 -28.94
CA SER A 272 9.76 -9.84 -27.75
C SER A 272 9.95 -8.90 -26.55
N TYR A 273 8.91 -8.83 -25.73
CA TYR A 273 8.87 -7.98 -24.56
C TYR A 273 8.26 -8.71 -23.38
N ASN A 274 8.94 -8.65 -22.24
CA ASN A 274 8.51 -9.28 -20.98
C ASN A 274 7.75 -8.33 -20.12
N GLU A 275 6.58 -8.75 -19.65
CA GLU A 275 5.84 -8.00 -18.63
C GLU A 275 6.59 -8.22 -17.35
N GLY A 276 6.89 -7.15 -16.64
CA GLY A 276 7.68 -7.22 -15.41
C GLY A 276 8.68 -6.09 -15.28
N TYR A 277 8.44 -5.20 -14.30
CA TYR A 277 9.22 -3.96 -14.20
C TYR A 277 10.37 -3.97 -13.16
N ARG A 278 10.45 -4.99 -12.31
CA ARG A 278 11.52 -5.10 -11.31
C ARG A 278 12.85 -4.78 -11.93
N SER A 279 13.57 -3.82 -11.35
CA SER A 279 14.84 -3.38 -11.93
C SER A 279 15.88 -4.50 -11.99
N SER A 280 15.70 -5.49 -11.14
CA SER A 280 16.52 -6.67 -11.20
C SER A 280 16.36 -7.36 -12.54
N ALA A 281 15.16 -7.28 -13.13
CA ALA A 281 14.89 -7.90 -14.41
C ALA A 281 15.71 -7.33 -15.55
N ALA A 282 15.98 -6.04 -15.48
CA ALA A 282 16.79 -5.38 -16.51
C ALA A 282 18.21 -5.90 -16.46
N ARG A 283 18.78 -5.90 -15.26
CA ARG A 283 20.08 -6.52 -14.95
C ARG A 283 20.24 -7.91 -15.60
N MET A 284 19.29 -8.80 -15.30
CA MET A 284 19.23 -10.17 -15.82
C MET A 284 19.26 -10.14 -17.34
N LEU A 285 18.33 -9.40 -17.94
CA LEU A 285 18.25 -9.32 -19.39
C LEU A 285 19.55 -8.80 -19.94
N ASN A 286 20.04 -7.70 -19.40
CA ASN A 286 21.34 -7.20 -19.82
C ASN A 286 22.46 -8.25 -19.71
N LYS A 287 22.59 -8.91 -18.57
CA LYS A 287 23.63 -9.93 -18.42
C LYS A 287 23.48 -11.02 -19.47
N LYS A 288 22.26 -11.28 -19.90
CA LYS A 288 22.00 -12.31 -20.91
C LYS A 288 22.02 -11.82 -22.37
N GLY A 289 22.39 -10.59 -22.65
CA GLY A 289 22.35 -10.11 -24.03
C GLY A 289 20.99 -9.76 -24.60
N ASN A 290 20.02 -9.50 -23.72
CA ASN A 290 18.72 -8.93 -24.09
C ASN A 290 17.87 -9.72 -25.08
N PRO A 291 17.66 -11.03 -24.80
CA PRO A 291 16.74 -11.86 -25.63
C PRO A 291 15.34 -11.23 -25.74
N GLN A 292 14.87 -10.62 -24.65
CA GLN A 292 13.63 -9.83 -24.66
C GLN A 292 13.85 -8.37 -24.18
N LEU A 293 12.84 -7.54 -24.46
CA LEU A 293 12.72 -6.17 -23.98
C LEU A 293 12.24 -6.07 -22.52
N TYR A 294 13.00 -5.39 -21.68
CA TYR A 294 12.58 -5.09 -20.29
C TYR A 294 11.37 -4.10 -20.20
N MET A 295 10.42 -4.36 -19.30
CA MET A 295 9.31 -3.44 -19.07
C MET A 295 9.69 -2.37 -18.07
N ASP A 296 9.80 -1.13 -18.56
CA ASP A 296 10.26 0.00 -17.80
C ASP A 296 9.14 0.55 -16.96
N TYR A 297 9.50 1.25 -15.88
CA TYR A 297 8.54 1.70 -14.86
C TYR A 297 7.98 3.08 -15.10
N VAL A 298 8.45 3.74 -16.16
CA VAL A 298 8.22 5.18 -16.38
C VAL A 298 6.75 5.61 -16.46
N GLY A 299 5.86 4.70 -16.81
CA GLY A 299 4.44 5.02 -16.78
C GLY A 299 3.99 5.33 -15.36
N SER A 300 4.54 4.59 -14.41
CA SER A 300 4.23 4.86 -13.02
C SER A 300 4.71 6.26 -12.66
N THR A 301 5.96 6.61 -12.97
CA THR A 301 6.42 8.00 -12.85
C THR A 301 5.45 9.02 -13.48
N LEU A 302 4.99 8.68 -14.68
CA LEU A 302 4.15 9.56 -15.46
C LEU A 302 2.83 9.82 -14.79
N GLY A 303 2.21 8.81 -14.21
CA GLY A 303 0.96 8.99 -13.50
C GLY A 303 1.17 9.70 -12.19
N ASN A 304 2.30 9.40 -11.54
CA ASN A 304 2.69 10.07 -10.29
C ASN A 304 3.00 11.55 -10.45
N VAL A 305 3.63 11.95 -11.55
CA VAL A 305 4.00 13.35 -11.77
C VAL A 305 2.91 14.22 -12.44
N LEU A 306 2.19 13.62 -13.38
CA LEU A 306 1.16 14.31 -14.16
C LEU A 306 -0.26 13.88 -13.84
N GLY A 307 -0.46 12.59 -13.53
CA GLY A 307 -1.79 11.98 -13.55
C GLY A 307 -2.67 12.13 -12.33
N ARG A 308 -2.05 12.29 -11.17
CA ARG A 308 -2.81 12.44 -9.91
C ARG A 308 -3.49 13.79 -9.83
N ALA A 309 -4.56 13.85 -9.05
CA ALA A 309 -5.18 15.14 -8.77
C ALA A 309 -4.37 15.84 -7.69
N ASN A 310 -4.21 15.19 -6.54
CA ASN A 310 -3.39 15.67 -5.41
C ASN A 310 -1.96 15.15 -5.54
N ASN A 311 -1.07 15.67 -4.71
CA ASN A 311 0.14 14.95 -4.34
C ASN A 311 1.07 14.65 -5.51
N ARG A 312 1.25 15.61 -6.41
CA ARG A 312 2.02 15.36 -7.64
C ARG A 312 3.54 15.45 -7.46
N ASP A 313 4.24 14.37 -7.81
CA ASP A 313 5.68 14.30 -7.68
C ASP A 313 6.28 15.38 -8.55
N THR A 314 7.45 15.89 -8.18
CA THR A 314 8.04 17.00 -8.92
C THR A 314 8.32 16.55 -10.33
N ILE A 315 8.37 17.53 -11.23
CA ILE A 315 8.62 17.33 -12.65
C ILE A 315 9.98 16.64 -12.92
N SER A 316 11.00 16.89 -12.11
CA SER A 316 12.34 16.27 -12.33
C SER A 316 12.30 14.75 -12.49
N ASN A 317 11.32 14.10 -11.86
CA ASN A 317 11.19 12.64 -11.91
C ASN A 317 10.93 12.03 -13.27
N LEU A 318 10.53 12.84 -14.26
CA LEU A 318 10.42 12.33 -15.63
C LEU A 318 11.80 12.10 -16.24
N ILE A 319 12.82 12.65 -15.59
CA ILE A 319 14.21 12.57 -16.00
C ILE A 319 14.89 11.30 -15.48
N THR A 320 14.67 10.98 -14.19
CA THR A 320 15.42 9.93 -13.51
C THR A 320 14.58 8.73 -13.11
N GLY A 321 13.27 8.86 -13.25
CA GLY A 321 12.32 7.84 -12.78
C GLY A 321 11.99 6.76 -13.80
N SER A 322 13.04 6.26 -14.46
CA SER A 322 12.96 5.22 -15.47
C SER A 322 14.27 4.45 -15.40
N ILE A 323 14.31 3.27 -16.01
CA ILE A 323 15.54 2.52 -16.13
C ILE A 323 16.52 3.25 -17.04
N VAL A 324 16.04 4.27 -17.76
CA VAL A 324 16.90 5.16 -18.53
C VAL A 324 16.87 6.58 -17.98
N ASN A 325 18.05 7.11 -17.72
CA ASN A 325 18.19 8.51 -17.31
C ASN A 325 18.37 9.42 -18.54
N ARG A 326 17.50 10.41 -18.67
CA ARG A 326 17.50 11.24 -19.86
C ARG A 326 17.88 12.70 -19.58
N GLN A 327 18.63 12.90 -18.51
CA GLN A 327 19.17 14.20 -18.15
C GLN A 327 19.86 14.73 -19.40
N ASN A 328 20.64 13.85 -20.04
CA ASN A 328 21.21 14.14 -21.34
C ASN A 328 21.66 12.86 -22.04
N ASP A 329 20.73 12.20 -22.73
CA ASP A 329 20.95 10.86 -23.29
C ASP A 329 21.28 10.98 -24.77
N VAL A 330 22.56 10.83 -25.07
CA VAL A 330 23.13 11.21 -26.38
C VAL A 330 23.92 10.06 -26.97
N THR A 331 23.76 8.87 -26.40
CA THR A 331 24.54 7.71 -26.78
C THR A 331 23.59 6.66 -27.28
N GLU A 332 24.13 5.65 -27.95
CA GLU A 332 23.35 4.51 -28.41
C GLU A 332 23.90 3.22 -27.80
N ASN A 333 23.13 2.14 -27.97
CA ASN A 333 23.53 0.83 -27.51
C ASN A 333 24.02 0.76 -26.07
N GLU A 334 23.64 1.73 -25.25
CA GLU A 334 23.95 1.67 -23.81
C GLU A 334 22.71 1.42 -22.95
N ALA A 335 21.59 2.05 -23.31
CA ALA A 335 20.38 1.88 -22.57
C ALA A 335 19.96 0.41 -22.58
N THR A 336 19.34 -0.04 -21.49
CA THR A 336 18.67 -1.33 -21.47
C THR A 336 17.55 -1.27 -22.50
N PRO A 337 17.49 -2.26 -23.39
CA PRO A 337 16.38 -2.30 -24.35
C PRO A 337 15.05 -2.54 -23.65
N ASN A 338 14.12 -1.60 -23.82
CA ASN A 338 12.93 -1.57 -23.00
C ASN A 338 11.69 -1.10 -23.73
N TRP A 339 10.56 -1.43 -23.12
CA TRP A 339 9.29 -0.99 -23.62
C TRP A 339 8.60 -0.27 -22.50
N SER A 340 7.92 0.82 -22.83
CA SER A 340 7.31 1.67 -21.81
C SER A 340 5.94 2.12 -22.26
N PHE A 341 5.20 2.76 -21.36
CA PHE A 341 3.79 3.04 -21.62
C PHE A 341 3.28 4.09 -20.65
N VAL A 342 2.10 4.62 -20.96
CA VAL A 342 1.35 5.44 -20.05
C VAL A 342 0.41 4.57 -19.24
N THR A 343 -0.33 3.70 -19.93
CA THR A 343 -1.32 2.88 -19.30
C THR A 343 -1.24 1.44 -19.81
N ASN A 344 -1.53 0.48 -18.96
CA ASN A 344 -1.78 -0.91 -19.39
C ASN A 344 -3.09 -1.47 -18.81
N HIS A 345 -3.50 -2.60 -19.37
CA HIS A 345 -4.71 -3.32 -18.94
C HIS A 345 -4.84 -3.48 -17.41
N ASP A 346 -3.73 -3.74 -16.73
CA ASP A 346 -3.72 -3.97 -15.28
C ASP A 346 -3.93 -2.67 -14.47
N GLN A 347 -3.31 -1.54 -14.87
CA GLN A 347 -3.64 -0.25 -14.24
C GLN A 347 -5.12 0.16 -14.36
N ARG A 348 -5.68 0.03 -15.55
CA ARG A 348 -7.07 0.43 -15.78
C ARG A 348 -8.04 -0.45 -14.95
N ALA A 349 -7.70 -1.72 -14.75
CA ALA A 349 -8.50 -2.58 -13.91
C ALA A 349 -8.37 -2.24 -12.42
N ASN A 350 -7.15 -1.92 -11.98
CA ASN A 350 -6.95 -1.62 -10.58
C ASN A 350 -7.87 -0.51 -10.20
N LEU A 351 -7.99 0.48 -11.08
CA LEU A 351 -8.81 1.68 -10.85
C LEU A 351 -10.33 1.38 -10.87
N ILE A 352 -10.78 0.61 -11.85
CA ILE A 352 -12.19 0.22 -11.90
C ILE A 352 -12.58 -0.68 -10.70
N ASN A 353 -11.79 -1.70 -10.39
CA ASN A 353 -11.91 -2.38 -9.09
C ASN A 353 -11.34 -1.32 -8.16
N GLY A 354 -11.87 -1.17 -6.96
CA GLY A 354 -11.43 -0.02 -6.16
C GLY A 354 -12.52 1.02 -6.25
N LEU A 355 -12.96 1.37 -7.46
CA LEU A 355 -14.25 2.08 -7.61
C LEU A 355 -15.40 1.13 -7.24
N ILE A 356 -15.24 -0.14 -7.56
CA ILE A 356 -16.29 -1.11 -7.26
C ILE A 356 -16.50 -1.19 -5.73
N ILE A 357 -15.41 -1.29 -4.97
CA ILE A 357 -15.53 -1.40 -3.50
C ILE A 357 -15.92 -0.08 -2.80
N LYS A 358 -15.60 1.07 -3.40
CA LYS A 358 -16.07 2.37 -2.88
C LYS A 358 -17.58 2.50 -3.06
N ASP A 359 -18.06 2.20 -4.26
CA ASP A 359 -19.48 2.31 -4.55
C ASP A 359 -20.33 1.22 -3.90
N HIS A 360 -19.71 0.17 -3.37
CA HIS A 360 -20.45 -0.92 -2.71
C HIS A 360 -19.67 -1.53 -1.56
N PRO A 361 -20.15 -1.34 -0.31
CA PRO A 361 -19.28 -1.62 0.84
C PRO A 361 -18.77 -3.07 0.81
N GLY A 362 -17.55 -3.26 0.29
CA GLY A 362 -16.95 -4.60 0.10
C GLY A 362 -17.93 -5.75 -0.15
N ALA A 363 -19.07 -5.44 -0.76
CA ALA A 363 -20.27 -6.31 -0.75
C ALA A 363 -20.20 -7.47 -1.77
N TYR A 364 -21.33 -8.16 -1.93
CA TYR A 364 -21.47 -9.19 -2.96
C TYR A 364 -21.18 -8.55 -4.32
N LYS A 365 -20.20 -9.09 -5.05
CA LYS A 365 -19.71 -8.49 -6.29
C LYS A 365 -20.64 -8.65 -7.50
N ALA A 366 -21.94 -8.34 -7.34
CA ALA A 366 -22.89 -8.30 -8.47
C ALA A 366 -22.34 -7.32 -9.52
N GLU A 367 -22.70 -7.50 -10.79
CA GLU A 367 -22.06 -6.71 -11.86
C GLU A 367 -22.58 -5.26 -11.93
N TYR A 368 -22.16 -4.48 -10.94
CA TYR A 368 -22.22 -3.01 -10.98
C TYR A 368 -20.81 -2.48 -11.27
N ALA A 369 -20.26 -3.06 -12.32
CA ALA A 369 -19.10 -2.55 -12.98
C ALA A 369 -19.57 -1.70 -14.17
N ASN A 370 -20.87 -1.75 -14.50
CA ASN A 370 -21.49 -0.77 -15.40
C ASN A 370 -21.54 0.57 -14.72
N GLN A 371 -21.72 0.53 -13.40
CA GLN A 371 -21.75 1.72 -12.56
C GLN A 371 -20.37 2.35 -12.44
N ALA A 372 -19.34 1.53 -12.28
CA ALA A 372 -18.00 2.05 -12.14
C ALA A 372 -17.55 2.67 -13.45
N TRP A 373 -17.98 2.06 -14.56
CA TRP A 373 -17.50 2.51 -15.88
C TRP A 373 -18.17 3.82 -16.27
N GLN A 374 -19.44 3.98 -15.89
CA GLN A 374 -20.15 5.24 -16.13
C GLN A 374 -19.48 6.37 -15.35
N GLU A 375 -19.06 6.07 -14.13
CA GLU A 375 -18.39 7.04 -13.29
C GLU A 375 -17.04 7.45 -13.84
N PHE A 376 -16.34 6.48 -14.45
CA PHE A 376 -15.04 6.72 -15.10
C PHE A 376 -15.22 7.67 -16.30
N TYR A 377 -16.13 7.30 -17.20
CA TYR A 377 -16.41 8.14 -18.38
C TYR A 377 -16.81 9.57 -17.97
N ALA A 378 -17.54 9.68 -16.85
CA ALA A 378 -18.01 10.95 -16.35
C ALA A 378 -16.83 11.78 -15.77
N ASP A 379 -16.07 11.15 -14.88
CA ASP A 379 -14.87 11.81 -14.32
C ASP A 379 -13.83 12.16 -15.38
N GLN A 380 -13.72 11.30 -16.39
CA GLN A 380 -12.81 11.48 -17.51
C GLN A 380 -12.97 12.81 -18.25
N LYS A 381 -14.23 13.26 -18.38
CA LYS A 381 -14.54 14.48 -19.11
C LYS A 381 -14.37 15.77 -18.30
N LYS A 382 -14.43 15.67 -16.97
CA LYS A 382 -14.44 16.84 -16.11
C LYS A 382 -13.05 17.43 -16.01
N THR A 383 -12.96 18.72 -15.71
CA THR A 383 -11.68 19.34 -15.43
C THR A 383 -11.23 18.86 -14.07
N ASP A 384 -12.05 19.06 -13.05
CA ASP A 384 -11.70 18.67 -11.68
C ASP A 384 -11.99 17.18 -11.48
N LYS A 385 -11.13 16.32 -11.99
CA LYS A 385 -11.38 14.88 -11.95
C LYS A 385 -11.09 14.37 -10.54
N GLN A 386 -11.81 13.34 -10.12
CA GLN A 386 -11.56 12.68 -8.82
C GLN A 386 -10.74 11.38 -8.93
N TYR A 387 -11.03 10.56 -9.94
CA TYR A 387 -10.30 9.30 -10.18
C TYR A 387 -9.38 9.42 -11.40
N ALA A 388 -10.00 9.36 -12.61
CA ALA A 388 -9.27 9.25 -13.91
C ALA A 388 -8.00 10.12 -14.02
N GLN A 389 -7.07 9.63 -14.78
CA GLN A 389 -5.82 10.31 -14.96
C GLN A 389 -6.02 11.75 -15.46
N TYR A 390 -5.38 12.68 -14.78
CA TYR A 390 -5.17 14.03 -15.29
C TYR A 390 -4.06 13.99 -16.35
N ASN A 391 -4.02 14.98 -17.23
CA ASN A 391 -2.87 15.15 -18.11
C ASN A 391 -2.51 14.01 -19.08
N VAL A 392 -3.52 13.32 -19.59
CA VAL A 392 -3.25 12.20 -20.47
C VAL A 392 -2.51 12.59 -21.76
N PRO A 393 -2.86 13.71 -22.41
CA PRO A 393 -2.10 14.14 -23.58
C PRO A 393 -0.64 14.41 -23.29
N ALA A 394 -0.38 15.08 -22.17
CA ALA A 394 1.01 15.35 -21.77
C ALA A 394 1.81 14.09 -21.51
N GLN A 395 1.20 13.07 -20.91
CA GLN A 395 1.93 11.83 -20.60
C GLN A 395 2.41 11.11 -21.90
N TYR A 396 1.50 11.03 -22.87
CA TYR A 396 1.86 10.50 -24.20
C TYR A 396 2.86 11.42 -24.93
N ALA A 397 2.81 12.71 -24.67
CA ALA A 397 3.76 13.61 -25.31
C ALA A 397 5.17 13.27 -24.87
N ILE A 398 5.31 13.04 -23.56
CA ILE A 398 6.57 12.66 -22.95
C ILE A 398 7.06 11.32 -23.50
N LEU A 399 6.16 10.35 -23.49
CA LEU A 399 6.47 8.99 -23.88
C LEU A 399 6.88 8.89 -25.35
N LEU A 400 6.24 9.71 -26.19
CA LEU A 400 6.42 9.56 -27.63
C LEU A 400 7.59 10.35 -28.08
N SER A 401 8.06 11.24 -27.21
CA SER A 401 9.26 11.99 -27.45
C SER A 401 10.45 11.30 -26.77
N ASN A 402 10.19 10.37 -25.86
CA ASN A 402 11.26 9.72 -25.07
C ASN A 402 12.12 8.79 -25.93
N LYS A 403 13.43 9.02 -25.84
CA LYS A 403 14.44 8.24 -26.53
C LYS A 403 14.74 6.97 -25.75
N ASP A 404 15.24 5.97 -26.47
CA ASP A 404 15.64 4.70 -25.87
C ASP A 404 14.46 4.10 -25.15
N THR A 405 13.43 3.80 -25.94
CA THR A 405 12.35 2.98 -25.48
C THR A 405 11.57 2.61 -26.73
N VAL A 406 10.79 1.54 -26.64
CA VAL A 406 9.77 1.20 -27.64
C VAL A 406 8.42 1.52 -26.99
N PRO A 407 7.83 2.68 -27.29
CA PRO A 407 6.62 3.07 -26.55
C PRO A 407 5.41 2.22 -26.95
N GLN A 408 4.55 1.98 -25.97
CA GLN A 408 3.36 1.12 -26.09
C GLN A 408 2.09 1.92 -25.82
N ILE A 409 1.21 1.97 -26.81
CA ILE A 409 -0.04 2.70 -26.69
C ILE A 409 -1.13 1.78 -26.21
N TYR A 410 -2.03 2.32 -25.36
CA TYR A 410 -3.17 1.53 -24.82
C TYR A 410 -4.38 1.73 -25.70
N TYR A 411 -4.91 0.66 -26.25
CA TYR A 411 -6.20 0.73 -26.97
C TYR A 411 -7.20 1.68 -26.31
N GLY A 412 -7.32 1.54 -25.00
CA GLY A 412 -8.26 2.28 -24.21
C GLY A 412 -7.99 3.75 -24.08
N ASP A 413 -6.81 4.19 -24.47
CA ASP A 413 -6.56 5.60 -24.42
C ASP A 413 -7.00 6.25 -25.73
N LEU A 414 -7.10 5.46 -26.80
CA LEU A 414 -7.62 5.94 -28.12
C LEU A 414 -9.14 5.72 -28.33
N TYR A 415 -9.71 4.77 -27.60
CA TYR A 415 -11.06 4.29 -27.80
C TYR A 415 -11.74 4.09 -26.46
N ASN A 416 -13.07 4.19 -26.42
CA ASN A 416 -13.81 3.80 -25.22
C ASN A 416 -13.87 2.30 -25.12
N GLU A 417 -13.02 1.77 -24.28
CA GLU A 417 -12.77 0.33 -24.25
C GLU A 417 -13.96 -0.59 -23.94
N THR A 418 -15.04 -0.09 -23.34
CA THR A 418 -16.21 -0.92 -23.05
C THR A 418 -17.25 -0.90 -24.16
N ALA A 419 -17.16 0.05 -25.07
CA ALA A 419 -18.01 0.03 -26.21
C ALA A 419 -17.46 -1.03 -27.13
N GLN A 420 -18.21 -1.40 -28.16
CA GLN A 420 -17.77 -2.42 -29.11
C GLN A 420 -16.44 -2.02 -29.74
N TYR A 421 -15.63 -3.02 -30.08
CA TYR A 421 -14.27 -2.77 -30.51
C TYR A 421 -14.21 -1.70 -31.59
N MET A 422 -13.51 -0.63 -31.28
CA MET A 422 -13.27 0.56 -32.12
C MET A 422 -14.47 1.42 -32.47
N GLN A 423 -15.66 1.05 -32.01
CA GLN A 423 -16.88 1.81 -32.24
C GLN A 423 -16.79 3.28 -31.77
N GLU A 424 -16.11 3.53 -30.65
CA GLU A 424 -16.13 4.86 -30.02
C GLU A 424 -14.73 5.35 -29.70
N LYS A 425 -14.35 6.45 -30.34
CA LYS A 425 -13.08 7.11 -30.05
C LYS A 425 -13.14 7.85 -28.74
N SER A 426 -12.03 7.87 -28.02
CA SER A 426 -11.93 8.60 -26.76
C SER A 426 -11.74 10.08 -27.07
N ILE A 427 -11.92 10.90 -26.06
CA ILE A 427 -11.70 12.33 -26.20
C ILE A 427 -10.24 12.60 -26.39
N TYR A 428 -9.41 11.70 -25.88
CA TYR A 428 -7.96 11.80 -26.07
C TYR A 428 -7.45 11.31 -27.47
N TYR A 429 -8.33 10.86 -28.36
CA TYR A 429 -7.89 10.27 -29.61
C TYR A 429 -7.14 11.28 -30.45
N ASP A 430 -7.71 12.48 -30.58
CA ASP A 430 -7.14 13.47 -31.50
C ASP A 430 -5.75 13.87 -31.05
N ALA A 431 -5.61 14.26 -29.78
CA ALA A 431 -4.28 14.55 -29.23
C ALA A 431 -3.26 13.43 -29.51
N ILE A 432 -3.49 12.24 -28.95
CA ILE A 432 -2.56 11.12 -29.06
C ILE A 432 -2.21 10.79 -30.51
N THR A 433 -3.20 10.51 -31.34
CA THR A 433 -2.91 10.17 -32.73
C THR A 433 -2.11 11.29 -33.37
N THR A 434 -2.42 12.52 -33.04
CA THR A 434 -1.64 13.61 -33.55
C THR A 434 -0.16 13.49 -33.16
N LEU A 435 0.11 13.20 -31.89
CA LEU A 435 1.47 13.03 -31.37
C LEU A 435 2.18 11.81 -31.92
N MET A 436 1.42 10.73 -32.16
CA MET A 436 1.92 9.51 -32.79
C MET A 436 2.44 9.78 -34.22
N LYS A 437 1.67 10.54 -35.00
CA LYS A 437 2.05 10.89 -36.37
C LYS A 437 3.24 11.87 -36.35
N ALA A 438 3.31 12.74 -35.35
CA ALA A 438 4.48 13.60 -35.18
C ALA A 438 5.76 12.79 -34.91
N ARG A 439 5.60 11.65 -34.24
CA ARG A 439 6.74 10.85 -33.88
C ARG A 439 7.47 10.32 -35.10
N LYS A 440 6.71 9.72 -36.01
CA LYS A 440 7.22 9.16 -37.25
C LYS A 440 7.98 10.22 -38.04
N GLN A 441 7.40 11.42 -38.08
CA GLN A 441 7.91 12.49 -38.90
C GLN A 441 9.07 13.29 -38.29
N PHE A 442 9.19 13.30 -36.96
CA PHE A 442 10.11 14.24 -36.31
C PHE A 442 10.98 13.70 -35.16
N VAL A 443 10.61 12.58 -34.55
CA VAL A 443 11.26 12.19 -33.29
C VAL A 443 12.43 11.30 -33.55
N SER A 444 13.62 11.88 -33.38
CA SER A 444 14.88 11.18 -33.57
C SER A 444 16.00 11.99 -32.91
N GLY A 445 17.18 11.39 -32.93
CA GLY A 445 18.37 12.02 -32.36
C GLY A 445 18.44 11.97 -30.85
N GLY A 446 19.45 12.63 -30.30
CA GLY A 446 19.64 12.69 -28.86
C GLY A 446 18.56 13.48 -28.17
N GLN A 447 18.58 13.39 -26.84
CA GLN A 447 17.54 13.96 -26.00
C GLN A 447 18.12 14.67 -24.78
N THR A 448 17.66 15.89 -24.53
CA THR A 448 17.98 16.50 -23.26
C THR A 448 16.69 16.95 -22.58
N MET A 449 16.48 16.43 -21.37
CA MET A 449 15.37 16.83 -20.50
C MET A 449 15.90 17.81 -19.45
N THR A 450 15.36 19.02 -19.43
CA THR A 450 15.82 20.06 -18.51
C THR A 450 14.69 20.68 -17.68
N LYS A 451 14.91 20.64 -16.37
CA LYS A 451 14.10 21.33 -15.37
C LYS A 451 14.14 22.86 -15.60
N LEU A 452 13.00 23.53 -15.52
CA LEU A 452 12.94 25.01 -15.46
C LEU A 452 11.98 25.47 -14.34
N SER A 453 11.71 24.59 -13.36
CA SER A 453 10.79 24.82 -12.22
C SER A 453 10.56 23.43 -11.58
N ASP A 454 10.01 23.36 -10.34
CA ASP A 454 9.61 22.04 -9.76
C ASP A 454 8.38 21.48 -10.50
N ASN A 455 7.74 22.36 -11.29
CA ASN A 455 6.54 22.03 -12.03
C ASN A 455 6.63 22.15 -13.56
N LEU A 456 7.75 22.65 -14.11
CA LEU A 456 7.91 22.82 -15.58
C LEU A 456 9.16 22.13 -16.10
N ILE A 457 9.03 21.40 -17.21
CA ILE A 457 10.16 20.73 -17.86
C ILE A 457 10.11 20.89 -19.40
N ALA A 458 11.30 20.87 -20.03
CA ALA A 458 11.44 20.91 -21.50
C ALA A 458 12.22 19.70 -22.03
N SER A 459 11.54 18.83 -22.76
CA SER A 459 12.18 17.62 -23.27
C SER A 459 12.39 17.85 -24.72
N VAL A 460 13.66 17.93 -25.14
CA VAL A 460 14.00 18.18 -26.53
C VAL A 460 14.73 17.00 -27.17
N ARG A 461 14.26 16.58 -28.35
CA ARG A 461 14.99 15.70 -29.25
C ARG A 461 15.60 16.56 -30.35
N TYR A 462 16.83 16.26 -30.69
CA TYR A 462 17.59 17.12 -31.60
C TYR A 462 17.46 16.78 -33.10
N GLY A 463 16.71 15.76 -33.47
CA GLY A 463 16.51 15.40 -34.89
C GLY A 463 17.38 14.24 -35.37
N LYS A 464 17.01 13.64 -36.49
CA LYS A 464 17.72 12.45 -36.97
C LYS A 464 19.15 12.79 -37.30
N GLY A 465 20.09 11.99 -36.79
CA GLY A 465 21.51 12.17 -37.08
C GLY A 465 22.13 13.40 -36.43
N VAL A 466 21.47 13.89 -35.39
CA VAL A 466 22.01 14.93 -34.54
C VAL A 466 22.12 14.29 -33.19
N ALA A 467 23.33 13.88 -32.82
CA ALA A 467 23.55 13.09 -31.59
C ALA A 467 23.30 13.88 -30.29
N ASN A 468 23.51 15.19 -30.31
CA ASN A 468 23.43 16.01 -29.09
C ASN A 468 23.23 17.48 -29.42
N ALA A 469 23.24 18.33 -28.41
CA ALA A 469 22.97 19.75 -28.61
C ALA A 469 23.94 20.42 -29.61
N ASN A 470 25.22 20.03 -29.60
CA ASN A 470 26.26 20.70 -30.40
C ASN A 470 26.45 20.19 -31.82
N SER A 471 25.78 19.10 -32.20
CA SER A 471 26.02 18.48 -33.49
C SER A 471 25.47 19.29 -34.65
N GLU A 472 26.17 19.22 -35.76
CA GLU A 472 25.82 19.95 -36.99
C GLU A 472 24.64 19.26 -37.67
N GLY A 473 24.81 17.97 -37.90
CA GLY A 473 23.77 17.13 -38.48
C GLY A 473 24.34 16.30 -39.61
N THR A 474 24.24 14.97 -39.50
CA THR A 474 24.67 14.07 -40.57
C THR A 474 23.60 13.94 -41.64
N ASP A 475 22.46 13.37 -41.25
CA ASP A 475 21.35 13.07 -42.15
C ASP A 475 20.79 14.34 -42.81
N SER A 476 20.20 14.19 -43.99
CA SER A 476 19.57 15.33 -44.67
C SER A 476 18.21 15.74 -44.05
N LEU A 477 17.62 14.90 -43.20
CA LEU A 477 16.45 15.26 -42.40
C LEU A 477 16.82 15.97 -41.08
N SER A 478 18.09 15.90 -40.70
CA SER A 478 18.61 16.54 -39.47
C SER A 478 18.07 17.93 -39.23
N ARG A 479 18.06 18.76 -40.26
CA ARG A 479 17.65 20.14 -40.09
C ARG A 479 16.18 20.22 -39.70
N THR A 480 15.32 19.57 -40.49
CA THR A 480 13.88 19.69 -40.33
C THR A 480 13.24 18.62 -39.43
N SER A 481 14.00 18.03 -38.50
CA SER A 481 13.42 17.09 -37.53
C SER A 481 13.86 17.50 -36.12
N GLY A 482 13.45 16.74 -35.12
CA GLY A 482 13.54 17.16 -33.73
C GLY A 482 12.21 17.70 -33.19
N MET A 483 12.17 17.97 -31.88
CA MET A 483 10.93 18.34 -31.18
C MET A 483 11.21 18.92 -29.80
N ALA A 484 10.42 19.89 -29.39
CA ALA A 484 10.38 20.31 -28.00
C ALA A 484 9.02 19.97 -27.39
N VAL A 485 9.02 19.37 -26.21
CA VAL A 485 7.80 19.06 -25.53
C VAL A 485 7.87 19.78 -24.20
N ILE A 486 7.05 20.79 -23.99
CA ILE A 486 7.03 21.44 -22.67
C ILE A 486 5.83 20.96 -21.84
N VAL A 487 6.10 20.48 -20.62
CA VAL A 487 5.06 19.99 -19.74
C VAL A 487 5.11 20.69 -18.39
N GLY A 488 3.99 21.28 -18.00
CA GLY A 488 3.85 21.84 -16.67
C GLY A 488 2.84 21.02 -15.92
N ASN A 489 3.12 20.71 -14.66
CA ASN A 489 2.20 19.92 -13.84
C ASN A 489 1.55 20.74 -12.75
N ASN A 490 1.62 22.07 -12.88
CA ASN A 490 0.88 22.92 -11.95
C ASN A 490 -0.09 23.85 -12.68
N PRO A 491 -1.41 23.66 -12.43
CA PRO A 491 -2.41 24.42 -13.15
C PRO A 491 -2.47 25.88 -12.73
N GLN A 492 -1.78 26.20 -11.64
CA GLN A 492 -1.72 27.55 -11.09
C GLN A 492 -0.42 28.27 -11.47
N MET A 493 0.36 27.65 -12.36
CA MET A 493 1.66 28.20 -12.69
C MET A 493 1.53 29.60 -13.28
N ALA A 494 2.33 30.52 -12.76
CA ALA A 494 2.37 31.93 -13.20
C ALA A 494 2.74 32.07 -14.69
N GLU A 495 2.06 32.94 -15.42
CA GLU A 495 2.40 33.18 -16.84
C GLU A 495 3.84 33.68 -16.95
N GLN A 496 4.57 33.25 -17.97
CA GLN A 496 6.00 33.50 -18.03
C GLN A 496 6.60 33.12 -19.38
N THR A 497 7.79 33.67 -19.64
CA THR A 497 8.61 33.37 -20.81
C THR A 497 9.63 32.26 -20.47
N ILE A 498 9.85 31.31 -21.38
CA ILE A 498 10.94 30.34 -21.21
C ILE A 498 11.85 30.32 -22.42
N SER A 499 13.00 29.67 -22.24
CA SER A 499 13.95 29.42 -23.30
C SER A 499 14.23 27.95 -23.38
N ILE A 500 14.29 27.46 -24.59
CA ILE A 500 14.46 26.05 -24.85
C ILE A 500 15.62 25.93 -25.81
N ASN A 501 16.68 25.21 -25.43
CA ASN A 501 17.77 24.99 -26.38
C ASN A 501 17.44 23.86 -27.35
N MET A 502 17.14 24.23 -28.59
CA MET A 502 16.80 23.28 -29.65
C MET A 502 18.02 22.58 -30.33
N GLY A 503 19.24 22.88 -29.86
CA GLY A 503 20.48 22.33 -30.42
C GLY A 503 21.00 23.30 -31.47
N ARG A 504 22.31 23.25 -31.73
CA ARG A 504 22.98 24.12 -32.74
C ARG A 504 22.54 23.81 -34.19
N ALA A 505 22.02 22.61 -34.43
CA ALA A 505 21.53 22.25 -35.75
C ALA A 505 20.27 23.03 -36.18
N HIS A 506 19.75 23.89 -35.28
CA HIS A 506 18.47 24.56 -35.49
C HIS A 506 18.54 26.06 -35.20
N ALA A 507 19.67 26.66 -35.56
CA ALA A 507 19.83 28.11 -35.51
C ALA A 507 18.89 28.73 -36.53
N ASN A 508 18.23 29.83 -36.16
CA ASN A 508 17.40 30.62 -37.08
C ASN A 508 16.50 29.77 -37.95
N GLU A 509 15.62 29.03 -37.28
CA GLU A 509 14.72 28.06 -37.91
C GLU A 509 13.29 28.26 -37.47
N GLN A 510 12.37 28.00 -38.38
CA GLN A 510 10.99 28.20 -38.09
C GLN A 510 10.42 26.94 -37.48
N TYR A 511 9.47 27.14 -36.56
CA TYR A 511 8.88 26.07 -35.74
C TYR A 511 7.34 26.15 -35.68
N ARG A 512 6.71 25.09 -36.12
CA ARG A 512 5.28 25.00 -36.11
C ARG A 512 4.76 24.80 -34.68
N ASN A 513 3.71 25.51 -34.30
CA ASN A 513 3.01 25.18 -33.07
C ASN A 513 2.17 23.92 -33.32
N LEU A 514 2.78 22.76 -33.06
CA LEU A 514 2.13 21.48 -33.30
C LEU A 514 0.89 21.35 -32.43
N LEU A 515 1.03 21.70 -31.16
CA LEU A 515 0.00 21.51 -30.16
C LEU A 515 0.23 22.45 -29.01
N ASP A 516 -0.76 23.27 -28.67
CA ASP A 516 -0.64 24.20 -27.54
C ASP A 516 -1.90 24.13 -26.70
N THR A 517 -1.76 24.50 -25.44
CA THR A 517 -2.86 24.48 -24.50
C THR A 517 -3.60 25.79 -24.65
N THR A 518 -4.91 25.69 -24.47
CA THR A 518 -5.83 26.84 -24.45
C THR A 518 -6.72 26.81 -23.23
N ASP A 519 -7.61 27.80 -23.13
CA ASP A 519 -8.60 27.86 -22.07
C ASP A 519 -9.45 26.62 -22.03
N ASN A 520 -9.91 26.16 -23.19
CA ASN A 520 -10.82 25.03 -23.25
C ASN A 520 -10.11 23.68 -23.30
N GLY A 521 -8.90 23.66 -23.86
CA GLY A 521 -8.15 22.41 -23.96
C GLY A 521 -6.86 22.53 -24.73
N LEU A 522 -6.87 21.96 -25.93
CA LEU A 522 -5.72 22.00 -26.84
C LEU A 522 -6.08 22.56 -28.21
N THR A 523 -5.23 23.38 -28.78
CA THR A 523 -5.42 23.78 -30.17
C THR A 523 -4.34 23.17 -31.04
N TYR A 524 -4.68 22.88 -32.30
CA TYR A 524 -3.77 22.20 -33.21
C TYR A 524 -3.21 23.18 -34.23
N ASN A 525 -3.69 24.42 -34.21
CA ASN A 525 -3.33 25.44 -35.21
C ASN A 525 -2.93 26.81 -34.61
N ALA A 526 -2.65 26.82 -33.31
CA ALA A 526 -2.45 28.05 -32.53
C ALA A 526 -3.72 28.81 -32.04
N ASP A 527 -4.90 28.63 -32.65
CA ASP A 527 -6.08 29.40 -32.20
C ASP A 527 -6.26 29.27 -30.71
N GLY A 528 -6.24 30.39 -29.99
CA GLY A 528 -6.65 30.44 -28.59
C GLY A 528 -5.60 30.13 -27.56
N ALA A 529 -4.35 29.99 -28.03
CA ALA A 529 -3.21 29.67 -27.19
C ALA A 529 -2.52 30.98 -26.86
N GLU A 530 -1.37 30.89 -26.17
CA GLU A 530 -0.59 32.07 -25.84
C GLU A 530 0.55 32.31 -26.84
N ASN A 531 0.73 31.39 -27.78
CA ASN A 531 1.79 31.48 -28.79
C ASN A 531 1.23 31.44 -30.22
N PRO A 532 1.92 32.11 -31.16
CA PRO A 532 1.48 32.10 -32.56
C PRO A 532 1.75 30.75 -33.21
N GLU A 533 1.41 30.61 -34.48
CA GLU A 533 1.51 29.32 -35.17
C GLU A 533 2.93 29.00 -35.55
N THR A 534 3.76 30.01 -35.75
CA THR A 534 5.16 29.78 -36.08
C THR A 534 6.07 30.69 -35.24
N LEU A 535 7.15 30.12 -34.77
CA LEU A 535 8.13 30.85 -34.00
C LEU A 535 9.48 30.50 -34.59
N THR A 536 10.45 31.39 -34.39
CA THR A 536 11.79 31.24 -34.94
C THR A 536 12.83 31.23 -33.82
N THR A 537 13.88 30.42 -33.99
CA THR A 537 14.97 30.37 -33.01
C THR A 537 15.95 31.52 -33.28
N ASP A 538 16.63 31.97 -32.23
CA ASP A 538 17.70 32.97 -32.38
C ASP A 538 18.95 32.33 -33.00
N ASP A 539 20.06 33.06 -33.01
CA ASP A 539 21.29 32.62 -33.68
C ASP A 539 21.97 31.44 -32.97
N ASN A 540 21.62 31.22 -31.70
CA ASN A 540 22.14 30.09 -30.92
C ASN A 540 21.20 28.87 -30.88
N GLY A 541 20.06 28.96 -31.51
CA GLY A 541 19.12 27.85 -31.53
C GLY A 541 18.26 27.77 -30.28
N ILE A 542 18.05 28.93 -29.66
CA ILE A 542 17.19 29.02 -28.49
C ILE A 542 15.79 29.47 -28.93
N LEU A 543 14.76 28.75 -28.47
CA LEU A 543 13.36 29.12 -28.71
C LEU A 543 12.78 29.90 -27.53
N LYS A 544 12.12 31.02 -27.83
CA LYS A 544 11.43 31.82 -26.80
C LYS A 544 9.94 31.48 -26.90
N VAL A 545 9.38 30.95 -25.80
CA VAL A 545 7.99 30.52 -25.74
C VAL A 545 7.28 31.10 -24.50
N THR A 546 5.97 31.34 -24.59
CA THR A 546 5.17 31.84 -23.47
C THR A 546 4.32 30.74 -22.87
N VAL A 547 4.48 30.47 -21.58
CA VAL A 547 3.71 29.39 -20.95
C VAL A 547 2.96 29.86 -19.70
N LYS A 548 1.84 29.20 -19.39
CA LYS A 548 1.14 29.45 -18.12
C LYS A 548 0.30 28.25 -17.69
N GLY A 549 -0.15 28.29 -16.45
CA GLY A 549 -1.04 27.29 -15.91
C GLY A 549 -2.44 27.35 -16.49
N TYR A 550 -2.92 26.17 -16.90
CA TYR A 550 -4.24 25.99 -17.43
C TYR A 550 -4.87 24.83 -16.70
N SER A 551 -6.19 24.83 -16.70
CA SER A 551 -6.93 23.83 -15.98
C SER A 551 -8.19 23.54 -16.76
N ASN A 552 -8.19 22.41 -17.46
CA ASN A 552 -9.31 21.97 -18.23
C ASN A 552 -9.20 20.46 -18.43
N PRO A 553 -10.18 19.84 -19.07
CA PRO A 553 -10.14 18.40 -19.08
C PRO A 553 -8.91 17.78 -19.73
N TYR A 554 -8.26 18.48 -20.63
CA TYR A 554 -7.12 17.90 -21.32
C TYR A 554 -5.81 18.16 -20.57
N VAL A 555 -5.73 19.30 -19.87
CA VAL A 555 -4.51 19.76 -19.22
C VAL A 555 -4.79 20.31 -17.85
N SER A 556 -4.07 19.82 -16.86
CA SER A 556 -4.03 20.42 -15.53
C SER A 556 -2.57 20.76 -15.24
N GLY A 557 -2.15 21.88 -15.82
CA GLY A 557 -0.75 22.25 -15.90
C GLY A 557 -0.50 23.04 -17.17
N TYR A 558 0.40 22.55 -18.02
CA TYR A 558 0.64 23.15 -19.32
C TYR A 558 1.16 22.05 -20.21
N LEU A 559 0.80 22.13 -21.49
CA LEU A 559 1.38 21.29 -22.54
C LEU A 559 1.55 22.10 -23.83
N GLY A 560 2.74 22.02 -24.43
CA GLY A 560 2.99 22.59 -25.75
C GLY A 560 4.05 21.76 -26.46
N VAL A 561 3.89 21.62 -27.77
CA VAL A 561 4.83 20.87 -28.60
C VAL A 561 5.29 21.67 -29.83
N TRP A 562 6.59 21.67 -30.08
CA TRP A 562 7.17 22.40 -31.23
C TRP A 562 7.99 21.50 -32.14
N VAL A 563 7.71 21.57 -33.42
CA VAL A 563 8.43 20.80 -34.40
C VAL A 563 8.78 21.75 -35.54
N PRO A 564 9.87 21.47 -36.24
CA PRO A 564 10.26 22.24 -37.42
C PRO A 564 9.15 22.37 -38.45
N VAL A 565 9.09 23.54 -39.07
CA VAL A 565 8.31 23.74 -40.28
C VAL A 565 8.94 23.00 -41.48
N VAL A 566 8.09 22.27 -42.22
CA VAL A 566 8.50 21.61 -43.47
C VAL A 566 7.42 21.76 -44.56
N SER A 567 7.80 21.49 -45.80
CA SER A 567 6.84 21.54 -46.91
C SER A 567 6.35 20.15 -47.28
N VAL A 568 6.99 19.13 -46.70
CA VAL A 568 6.85 17.75 -47.14
C VAL A 568 6.54 16.79 -45.99
N ASN A 569 5.96 15.63 -46.32
CA ASN A 569 5.91 14.50 -45.37
C ASN A 569 7.37 14.11 -45.14
N GLN A 570 7.73 13.72 -43.91
CA GLN A 570 9.06 13.10 -43.70
C GLN A 570 8.99 11.92 -42.73
N ASP A 571 9.94 10.99 -42.83
CA ASP A 571 9.95 9.82 -41.97
C ASP A 571 11.35 9.65 -41.46
N VAL A 572 11.52 9.77 -40.16
CA VAL A 572 12.83 9.75 -39.56
C VAL A 572 13.19 8.37 -38.99
N THR A 573 12.45 7.33 -39.39
CA THR A 573 12.75 5.97 -38.87
C THR A 573 14.14 5.53 -39.39
N THR A 574 14.98 4.95 -38.53
CA THR A 574 16.29 4.41 -38.92
C THR A 574 16.14 2.89 -39.22
N ASN A 575 16.49 2.48 -40.45
CA ASN A 575 16.59 1.05 -40.78
C ASN A 575 17.74 0.46 -39.99
N ALA A 576 17.62 -0.81 -39.64
CA ALA A 576 18.69 -1.53 -38.98
C ALA A 576 19.62 -2.14 -40.04
N ALA A 577 20.93 -2.19 -39.82
CA ALA A 577 21.80 -2.94 -40.76
C ALA A 577 21.78 -4.45 -40.43
N THR A 578 22.26 -5.32 -41.34
CA THR A 578 22.22 -6.80 -41.14
C THR A 578 23.55 -7.40 -40.57
N VAL A 579 24.28 -6.58 -39.84
CA VAL A 579 25.40 -7.00 -38.99
C VAL A 579 25.50 -6.00 -37.81
N SER A 580 25.61 -6.49 -36.57
CA SER A 580 25.41 -5.66 -35.36
C SER A 580 26.68 -5.05 -34.79
N ALA A 581 26.54 -3.85 -34.22
CA ALA A 581 27.60 -3.25 -33.41
C ALA A 581 28.19 -4.25 -32.36
N ASP A 582 27.42 -5.30 -32.03
CA ASP A 582 27.81 -6.28 -31.02
C ASP A 582 27.15 -7.66 -31.30
N SER A 583 27.98 -8.69 -31.44
CA SER A 583 27.49 -10.04 -31.79
C SER A 583 27.03 -10.82 -30.57
N ASN A 584 27.29 -10.27 -29.37
CA ASN A 584 26.79 -10.83 -28.12
C ASN A 584 25.36 -10.39 -27.83
N LYS A 585 24.81 -9.47 -28.63
CA LYS A 585 23.50 -8.91 -28.36
C LYS A 585 22.43 -9.39 -29.31
N ILE A 586 21.21 -9.55 -28.75
CA ILE A 586 19.98 -9.65 -29.54
C ILE A 586 19.41 -8.23 -29.76
N PHE A 587 18.71 -7.67 -28.77
CA PHE A 587 18.18 -6.33 -28.91
C PHE A 587 19.10 -5.24 -28.33
N GLU A 588 19.12 -4.10 -29.04
CA GLU A 588 20.00 -2.99 -28.73
C GLU A 588 19.17 -1.74 -28.71
N SER A 589 19.35 -0.90 -27.70
CA SER A 589 18.58 0.31 -27.61
C SER A 589 19.22 1.36 -28.53
N ASN A 590 18.63 1.57 -29.71
CA ASN A 590 19.14 2.59 -30.65
C ASN A 590 18.08 3.15 -31.61
N ALA A 591 18.47 4.15 -32.42
CA ALA A 591 17.57 4.78 -33.40
C ALA A 591 16.62 3.76 -34.09
N ALA A 592 17.19 2.65 -34.60
CA ALA A 592 16.40 1.57 -35.23
C ALA A 592 15.31 1.02 -34.28
N LEU A 593 15.69 0.63 -33.06
CA LEU A 593 14.72 0.10 -32.08
C LEU A 593 13.70 1.18 -31.63
N ASP A 594 14.15 2.43 -31.48
CA ASP A 594 13.28 3.56 -31.12
C ASP A 594 12.24 3.86 -32.21
N SER A 595 12.52 3.48 -33.46
CA SER A 595 11.56 3.69 -34.54
C SER A 595 10.33 2.74 -34.44
N HIS A 596 10.44 1.66 -33.68
CA HIS A 596 9.31 0.79 -33.42
C HIS A 596 8.36 1.44 -32.41
N MET A 597 7.10 1.03 -32.47
CA MET A 597 6.07 1.47 -31.55
C MET A 597 5.10 0.31 -31.41
N ILE A 598 4.77 -0.04 -30.18
CA ILE A 598 3.84 -1.13 -29.86
C ILE A 598 2.42 -0.57 -29.65
N TYR A 599 1.41 -1.37 -29.98
CA TYR A 599 0.01 -1.07 -29.63
C TYR A 599 -0.61 -2.27 -28.94
N GLN A 600 -1.02 -2.07 -27.68
CA GLN A 600 -1.85 -3.03 -26.97
C GLN A 600 -3.24 -2.94 -27.56
N ASP A 601 -3.67 -4.02 -28.23
CA ASP A 601 -4.93 -4.04 -29.03
C ASP A 601 -6.16 -4.48 -28.22
N PHE A 602 -6.06 -4.40 -26.89
CA PHE A 602 -7.17 -4.84 -26.05
C PHE A 602 -7.26 -4.22 -24.67
N SER A 603 -8.46 -4.40 -24.10
CA SER A 603 -8.74 -4.06 -22.73
C SER A 603 -9.44 -5.23 -22.12
N LEU A 604 -9.20 -5.50 -20.84
CA LEU A 604 -9.92 -6.58 -20.13
C LEU A 604 -11.43 -6.38 -20.12
N TYR A 605 -11.87 -5.11 -20.07
CA TYR A 605 -13.29 -4.76 -20.05
C TYR A 605 -13.79 -4.47 -21.47
N GLN A 606 -13.28 -5.23 -22.43
CA GLN A 606 -13.70 -5.12 -23.81
C GLN A 606 -14.94 -6.00 -23.84
N PRO A 607 -16.05 -5.52 -24.42
CA PRO A 607 -17.29 -6.27 -24.34
C PRO A 607 -17.33 -7.44 -25.30
N GLU A 608 -18.19 -8.42 -24.97
CA GLU A 608 -18.45 -9.55 -25.84
C GLU A 608 -18.95 -9.05 -27.20
N PRO A 609 -18.43 -9.57 -28.30
CA PRO A 609 -19.00 -9.11 -29.57
C PRO A 609 -20.42 -9.57 -29.73
N ILE A 610 -21.26 -8.72 -30.34
CA ILE A 610 -22.68 -9.09 -30.55
C ILE A 610 -22.77 -9.90 -31.84
N SER A 611 -22.43 -9.30 -32.98
CA SER A 611 -22.31 -10.04 -34.24
C SER A 611 -20.88 -10.45 -34.56
N THR A 612 -20.73 -11.19 -35.65
CA THR A 612 -19.43 -11.52 -36.20
C THR A 612 -18.69 -10.29 -36.69
N GLU A 613 -19.41 -9.30 -37.22
CA GLU A 613 -18.78 -8.03 -37.69
C GLU A 613 -18.00 -7.32 -36.57
N ASN A 614 -18.39 -7.59 -35.33
CA ASN A 614 -17.79 -6.95 -34.19
C ASN A 614 -16.61 -7.67 -33.57
N HIS A 615 -16.27 -8.85 -34.09
CA HIS A 615 -15.04 -9.50 -33.68
C HIS A 615 -13.85 -8.56 -33.89
N ALA A 616 -13.15 -8.28 -32.80
CA ALA A 616 -11.97 -7.45 -32.84
C ALA A 616 -11.06 -7.92 -33.94
N TYR A 617 -10.94 -9.23 -34.14
CA TYR A 617 -10.06 -9.71 -35.22
C TYR A 617 -10.52 -9.21 -36.60
N ASN A 618 -11.82 -9.12 -36.81
CA ASN A 618 -12.34 -8.71 -38.12
C ASN A 618 -12.17 -7.22 -38.28
N ILE A 619 -12.46 -6.46 -37.23
CA ILE A 619 -12.27 -5.02 -37.26
C ILE A 619 -10.80 -4.61 -37.38
N ILE A 620 -9.89 -5.40 -36.81
CA ILE A 620 -8.45 -5.18 -36.97
C ILE A 620 -7.99 -5.42 -38.41
N ALA A 621 -8.44 -6.51 -39.03
CA ALA A 621 -8.10 -6.76 -40.43
C ALA A 621 -8.60 -5.62 -41.35
N GLN A 622 -9.71 -4.99 -40.96
CA GLN A 622 -10.22 -3.86 -41.73
C GLN A 622 -9.46 -2.54 -41.57
N ASN A 623 -8.68 -2.39 -40.51
CA ASN A 623 -8.01 -1.11 -40.28
C ASN A 623 -6.50 -1.24 -40.12
N ALA A 624 -5.91 -2.17 -40.84
CA ALA A 624 -4.49 -2.39 -40.76
C ALA A 624 -3.78 -1.11 -41.17
N GLU A 625 -4.17 -0.58 -42.32
CA GLU A 625 -3.56 0.65 -42.84
C GLU A 625 -3.62 1.84 -41.87
N LEU A 626 -4.70 1.93 -41.10
CA LEU A 626 -4.85 2.93 -40.04
C LEU A 626 -3.71 2.87 -39.00
N PHE A 627 -3.53 1.69 -38.40
CA PHE A 627 -2.43 1.49 -37.45
C PHE A 627 -1.11 1.86 -38.12
N ASN A 628 -0.91 1.43 -39.36
CA ASN A 628 0.32 1.70 -40.09
C ASN A 628 0.50 3.19 -40.29
N ASN A 629 -0.57 3.86 -40.65
CA ASN A 629 -0.53 5.29 -40.79
C ASN A 629 -0.14 5.98 -39.47
N LEU A 630 -0.49 5.35 -38.36
CA LEU A 630 -0.25 5.96 -37.07
C LEU A 630 1.17 5.73 -36.61
N GLY A 631 1.99 5.08 -37.42
CA GLY A 631 3.36 4.91 -37.05
C GLY A 631 3.56 3.66 -36.25
N ILE A 632 2.50 2.86 -36.05
CA ILE A 632 2.58 1.57 -35.35
C ILE A 632 3.24 0.51 -36.22
N THR A 633 4.17 -0.20 -35.62
CA THR A 633 5.01 -1.18 -36.25
C THR A 633 4.79 -2.60 -35.69
N ASP A 634 4.40 -2.68 -34.42
CA ASP A 634 4.35 -3.96 -33.70
C ASP A 634 3.06 -4.04 -32.86
N PHE A 635 2.25 -5.04 -33.18
CA PHE A 635 0.89 -5.21 -32.67
C PHE A 635 0.94 -6.26 -31.58
N TRP A 636 0.68 -5.85 -30.34
CA TRP A 636 0.56 -6.78 -29.20
C TRP A 636 -0.88 -7.22 -29.16
N MET A 637 -1.12 -8.52 -29.32
CA MET A 637 -2.48 -9.03 -29.40
C MET A 637 -2.84 -9.77 -28.14
N ALA A 638 -4.11 -9.75 -27.79
CA ALA A 638 -4.57 -10.40 -26.58
C ALA A 638 -4.24 -11.91 -26.62
N PRO A 639 -4.08 -12.50 -25.43
CA PRO A 639 -3.97 -13.91 -25.39
C PRO A 639 -5.16 -14.49 -26.13
N PRO A 640 -4.87 -15.27 -27.15
CA PRO A 640 -5.98 -15.71 -27.96
C PRO A 640 -6.54 -17.06 -27.57
N TYR A 641 -6.23 -17.54 -26.38
CA TYR A 641 -6.52 -18.94 -26.01
C TYR A 641 -7.98 -19.10 -25.54
N THR A 642 -8.52 -20.30 -25.65
CA THR A 642 -9.87 -20.59 -25.15
C THR A 642 -9.93 -20.49 -23.63
N GLN A 643 -11.00 -19.89 -23.12
CA GLN A 643 -11.09 -19.57 -21.70
C GLN A 643 -12.11 -20.40 -20.91
N TYR A 644 -11.96 -20.33 -19.58
CA TYR A 644 -12.90 -20.86 -18.58
C TYR A 644 -14.25 -20.18 -18.73
N SER A 645 -15.31 -20.98 -18.85
CA SER A 645 -16.65 -20.46 -19.16
C SER A 645 -17.05 -19.39 -18.19
N GLU A 646 -16.73 -19.61 -16.91
CA GLU A 646 -17.25 -18.76 -15.82
C GLU A 646 -16.38 -17.58 -15.46
N SER A 647 -15.39 -17.24 -16.30
CA SER A 647 -14.41 -16.22 -15.95
C SER A 647 -15.04 -14.85 -15.91
N ARG A 648 -14.46 -13.95 -15.11
CA ARG A 648 -15.03 -12.63 -15.00
C ARG A 648 -15.01 -11.92 -16.36
N TYR A 649 -13.83 -11.70 -16.91
CA TYR A 649 -13.69 -10.85 -18.09
C TYR A 649 -13.60 -11.57 -19.44
N ASN A 650 -13.56 -12.89 -19.44
CA ASN A 650 -13.34 -13.68 -20.67
C ASN A 650 -12.17 -13.18 -21.57
N ASP A 651 -11.06 -12.76 -20.93
CA ASP A 651 -10.11 -11.83 -21.56
C ASP A 651 -8.86 -12.46 -22.16
N GLY A 652 -8.65 -13.74 -21.90
CA GLY A 652 -7.44 -14.37 -22.35
C GLY A 652 -6.55 -14.91 -21.26
N TYR A 653 -6.57 -14.34 -20.05
CA TYR A 653 -5.60 -14.79 -19.03
C TYR A 653 -6.07 -16.05 -18.26
N SER A 654 -7.36 -16.40 -18.39
CA SER A 654 -7.92 -17.60 -17.76
C SER A 654 -7.83 -18.83 -18.66
N VAL A 655 -6.61 -19.27 -19.01
CA VAL A 655 -6.47 -20.27 -20.10
C VAL A 655 -6.97 -21.69 -19.73
N THR A 656 -7.69 -22.29 -20.66
CA THR A 656 -8.30 -23.64 -20.54
C THR A 656 -7.85 -24.56 -21.72
N ASP A 657 -7.58 -23.99 -22.88
CA ASP A 657 -6.88 -24.65 -23.96
C ASP A 657 -5.80 -23.70 -24.54
N ARG A 658 -4.54 -24.14 -24.49
CA ARG A 658 -3.42 -23.30 -24.97
C ARG A 658 -3.33 -23.29 -26.50
N TYR A 659 -3.98 -24.24 -27.16
CA TYR A 659 -3.89 -24.39 -28.62
C TYR A 659 -5.17 -24.06 -29.41
N ASN A 660 -6.30 -23.95 -28.71
CA ASN A 660 -7.59 -23.60 -29.32
C ASN A 660 -7.84 -22.08 -29.31
N LEU A 661 -7.65 -21.44 -30.45
CA LEU A 661 -7.72 -19.98 -30.51
C LEU A 661 -9.05 -19.52 -31.03
N GLY A 662 -10.02 -20.45 -31.01
CA GLY A 662 -11.39 -20.17 -31.37
C GLY A 662 -11.73 -20.77 -32.71
N THR A 663 -12.97 -21.23 -32.87
CA THR A 663 -13.46 -21.73 -34.16
C THR A 663 -14.64 -20.93 -34.59
N ASN A 664 -15.20 -21.25 -35.76
CA ASN A 664 -16.30 -20.47 -36.34
C ASN A 664 -17.50 -20.34 -35.45
N ALA A 665 -17.83 -21.42 -34.75
CA ALA A 665 -18.99 -21.47 -33.85
C ALA A 665 -18.66 -21.13 -32.42
N ASN A 666 -17.37 -21.21 -32.08
CA ASN A 666 -16.87 -21.03 -30.71
C ASN A 666 -15.64 -20.16 -30.74
N PRO A 667 -15.86 -18.85 -30.87
CA PRO A 667 -14.75 -17.91 -30.81
C PRO A 667 -14.47 -17.48 -29.40
N THR A 668 -13.30 -16.90 -29.22
CA THR A 668 -12.94 -16.23 -28.00
C THR A 668 -13.74 -14.94 -27.99
N LYS A 669 -13.40 -14.01 -27.11
CA LYS A 669 -14.05 -12.71 -27.16
C LYS A 669 -13.64 -12.05 -28.47
N TYR A 670 -12.43 -12.38 -28.90
CA TYR A 670 -11.78 -11.68 -29.99
C TYR A 670 -12.12 -12.24 -31.39
N GLY A 671 -12.47 -13.52 -31.46
CA GLY A 671 -12.90 -14.16 -32.73
C GLY A 671 -12.48 -15.61 -32.90
N SER A 672 -12.56 -16.13 -34.13
CA SER A 672 -12.09 -17.47 -34.43
C SER A 672 -10.61 -17.43 -34.80
N GLY A 673 -9.95 -18.57 -34.77
CA GLY A 673 -8.57 -18.69 -35.21
C GLY A 673 -8.37 -18.44 -36.71
N GLU A 674 -9.39 -18.79 -37.51
CA GLU A 674 -9.42 -18.40 -38.94
C GLU A 674 -9.27 -16.86 -39.07
N GLU A 675 -10.13 -16.18 -38.31
CA GLU A 675 -10.15 -14.74 -38.21
C GLU A 675 -8.84 -14.16 -37.59
N LEU A 676 -8.25 -14.89 -36.63
CA LEU A 676 -6.99 -14.47 -36.05
C LEU A 676 -5.95 -14.43 -37.14
N ALA A 677 -5.84 -15.53 -37.88
CA ALA A 677 -4.85 -15.61 -38.97
C ALA A 677 -5.01 -14.49 -39.97
N ASN A 678 -6.26 -14.18 -40.30
CA ASN A 678 -6.52 -13.14 -41.30
C ASN A 678 -6.13 -11.77 -40.81
N ALA A 679 -6.37 -11.47 -39.55
CA ALA A 679 -5.93 -10.18 -39.02
C ALA A 679 -4.40 -10.08 -39.05
N ILE A 680 -3.76 -11.15 -38.61
CA ILE A 680 -2.31 -11.18 -38.60
C ILE A 680 -1.78 -10.88 -39.99
N ALA A 681 -2.40 -11.47 -41.01
CA ALA A 681 -1.88 -11.31 -42.36
C ALA A 681 -2.27 -9.95 -42.91
N ALA A 682 -3.37 -9.38 -42.46
CA ALA A 682 -3.69 -8.00 -42.83
C ALA A 682 -2.59 -7.06 -42.32
N LEU A 683 -2.15 -7.32 -41.11
CA LEU A 683 -1.11 -6.52 -40.52
C LEU A 683 0.17 -6.68 -41.31
N HIS A 684 0.56 -7.91 -41.60
CA HIS A 684 1.74 -8.15 -42.44
C HIS A 684 1.59 -7.43 -43.77
N SER A 685 0.49 -7.65 -44.47
CA SER A 685 0.22 -6.95 -45.71
C SER A 685 0.51 -5.45 -45.65
N ALA A 686 0.34 -4.83 -44.48
CA ALA A 686 0.65 -3.39 -44.30
C ALA A 686 2.03 -3.09 -43.68
N GLY A 687 2.90 -4.10 -43.64
CA GLY A 687 4.25 -3.94 -43.15
C GLY A 687 4.33 -3.93 -41.64
N LEU A 688 3.32 -4.38 -40.93
CA LEU A 688 3.39 -4.45 -39.47
C LEU A 688 3.73 -5.86 -38.98
N LYS A 689 4.07 -5.99 -37.70
CA LYS A 689 4.35 -7.28 -37.07
C LYS A 689 3.41 -7.51 -35.91
N ALA A 690 3.11 -8.77 -35.67
CA ALA A 690 2.15 -9.13 -34.63
C ALA A 690 2.89 -9.93 -33.58
N GLN A 691 2.67 -9.60 -32.31
CA GLN A 691 3.13 -10.45 -31.21
C GLN A 691 1.95 -11.05 -30.44
N VAL A 692 2.16 -12.25 -29.88
CA VAL A 692 1.11 -12.96 -29.12
C VAL A 692 1.40 -12.92 -27.61
N ASP A 693 0.35 -12.74 -26.82
CA ASP A 693 0.47 -12.71 -25.40
C ASP A 693 0.57 -14.19 -25.00
N ILE A 694 1.73 -14.61 -24.53
CA ILE A 694 1.93 -16.01 -24.13
C ILE A 694 1.92 -16.22 -22.58
N VAL A 695 1.01 -17.08 -22.11
CA VAL A 695 0.69 -17.25 -20.70
C VAL A 695 1.17 -18.62 -20.18
N MET A 696 2.43 -18.63 -19.76
CA MET A 696 3.09 -19.84 -19.25
C MET A 696 2.94 -20.01 -17.75
N ASN A 697 2.41 -18.99 -17.09
CA ASN A 697 2.41 -18.97 -15.64
C ASN A 697 1.28 -19.80 -15.04
N GLN A 698 0.07 -19.66 -15.59
CA GLN A 698 -1.11 -20.31 -15.00
C GLN A 698 -2.09 -20.85 -16.04
N MET A 699 -2.92 -21.76 -15.57
CA MET A 699 -4.15 -22.13 -16.22
C MET A 699 -5.26 -22.03 -15.17
N ILE A 700 -6.47 -21.73 -15.64
CA ILE A 700 -7.61 -21.43 -14.78
C ILE A 700 -8.83 -22.08 -15.42
N GLY A 701 -9.65 -22.75 -14.61
CA GLY A 701 -10.81 -23.45 -15.09
C GLY A 701 -10.63 -24.89 -15.56
N LEU A 702 -9.52 -25.53 -15.22
CA LEU A 702 -9.36 -26.94 -15.55
C LEU A 702 -10.46 -27.77 -14.84
N PRO A 703 -11.20 -28.57 -15.60
CA PRO A 703 -12.41 -29.19 -15.06
C PRO A 703 -12.22 -30.43 -14.19
N GLY A 704 -11.03 -31.03 -14.27
CA GLY A 704 -10.80 -32.33 -13.68
C GLY A 704 -10.17 -32.21 -12.33
N GLN A 705 -10.87 -32.69 -11.31
CA GLN A 705 -10.34 -32.74 -9.93
C GLN A 705 -9.36 -33.91 -9.71
N GLU A 706 -8.36 -33.65 -8.87
CA GLU A 706 -7.38 -34.63 -8.47
C GLU A 706 -7.23 -34.54 -6.95
N ALA A 707 -6.98 -35.68 -6.30
CA ALA A 707 -6.55 -35.67 -4.92
C ALA A 707 -5.03 -35.42 -4.88
N VAL A 708 -4.68 -34.27 -4.33
CA VAL A 708 -3.31 -33.85 -4.15
C VAL A 708 -3.07 -33.51 -2.68
N THR A 709 -1.79 -33.44 -2.30
CA THR A 709 -1.40 -33.11 -0.93
C THR A 709 -0.78 -31.70 -0.90
N VAL A 710 -1.23 -30.89 0.06
CA VAL A 710 -0.98 -29.44 0.02
C VAL A 710 -0.61 -28.81 1.37
N THR A 711 0.11 -27.69 1.28
CA THR A 711 0.61 -26.94 2.43
C THR A 711 0.29 -25.46 2.23
N ARG A 712 -0.44 -24.89 3.17
CA ARG A 712 -0.76 -23.48 3.08
C ARG A 712 0.56 -22.75 3.02
N ALA A 713 0.72 -21.96 1.98
CA ALA A 713 1.98 -21.39 1.63
C ALA A 713 1.83 -19.93 1.26
N ASP A 714 2.89 -19.14 1.49
CA ASP A 714 2.93 -17.72 1.06
C ASP A 714 3.07 -17.71 -0.45
N ASN A 715 3.16 -16.52 -1.04
CA ASN A 715 3.20 -16.44 -2.49
C ASN A 715 4.60 -16.75 -3.09
N ARG A 716 5.54 -17.24 -2.29
CA ARG A 716 6.80 -17.78 -2.83
C ARG A 716 6.88 -19.28 -2.73
N GLY A 717 5.85 -19.94 -2.24
CA GLY A 717 5.88 -21.40 -2.12
C GLY A 717 6.60 -21.90 -0.88
N MET A 718 6.88 -20.98 0.04
CA MET A 718 7.28 -21.31 1.40
C MET A 718 6.01 -21.28 2.25
N GLN A 719 5.87 -22.27 3.12
CA GLN A 719 4.75 -22.36 4.03
C GLN A 719 4.62 -21.06 4.83
N THR A 720 3.38 -20.65 5.08
CA THR A 720 3.05 -19.44 5.84
C THR A 720 2.08 -19.79 6.96
N ASP A 721 1.99 -18.90 7.92
CA ASP A 721 1.32 -19.18 9.17
C ASP A 721 0.21 -18.12 9.31
N VAL A 722 -0.77 -18.21 8.40
CA VAL A 722 -1.94 -17.29 8.37
C VAL A 722 -2.77 -17.19 9.66
N ASN A 723 -2.77 -15.99 10.25
CA ASN A 723 -3.35 -15.64 11.57
C ASN A 723 -3.36 -16.72 12.65
N GLY A 724 -2.15 -17.07 13.08
CA GLY A 724 -2.00 -18.13 14.07
C GLY A 724 -1.95 -19.48 13.37
N LYS A 725 -3.06 -19.85 12.74
CA LYS A 725 -3.17 -21.14 12.05
C LYS A 725 -2.19 -21.36 10.85
N THR A 726 -1.95 -22.65 10.57
CA THR A 726 -1.32 -23.11 9.31
C THR A 726 -1.64 -24.60 9.11
N TYR A 727 -1.19 -25.17 8.00
CA TYR A 727 -1.44 -26.56 7.72
C TYR A 727 -0.54 -27.04 6.60
N ALA A 728 -0.06 -28.27 6.76
CA ALA A 728 0.88 -28.82 5.86
C ALA A 728 0.45 -30.25 5.69
N ASN A 729 0.88 -30.83 4.58
CA ASN A 729 0.58 -32.21 4.28
C ASN A 729 -0.92 -32.59 4.43
N GLN A 730 -1.82 -31.74 3.91
CA GLN A 730 -3.27 -32.02 3.88
C GLN A 730 -3.72 -32.61 2.55
N MET A 731 -4.69 -33.53 2.57
CA MET A 731 -5.36 -33.94 1.33
C MET A 731 -6.32 -32.83 0.84
N TYR A 732 -6.25 -32.52 -0.46
CA TYR A 732 -7.04 -31.45 -1.07
C TYR A 732 -7.49 -31.92 -2.46
N PHE A 733 -8.75 -31.63 -2.79
CA PHE A 733 -9.39 -32.17 -3.98
C PHE A 733 -9.45 -31.09 -5.03
N ALA A 734 -8.29 -30.62 -5.44
CA ALA A 734 -8.22 -29.46 -6.29
C ALA A 734 -8.52 -29.78 -7.73
N TYR A 735 -9.03 -28.80 -8.43
CA TYR A 735 -9.12 -28.85 -9.90
C TYR A 735 -7.73 -28.68 -10.51
N THR A 736 -7.21 -29.73 -11.13
CA THR A 736 -5.81 -29.74 -11.65
C THR A 736 -5.60 -30.27 -13.04
N THR A 737 -6.63 -30.63 -13.77
CA THR A 737 -6.45 -31.48 -14.95
C THR A 737 -7.26 -31.03 -16.15
N GLY A 738 -6.60 -30.89 -17.29
CA GLY A 738 -7.30 -30.38 -18.44
C GLY A 738 -6.35 -29.99 -19.53
N GLY A 739 -6.84 -29.14 -20.43
CA GLY A 739 -6.08 -28.83 -21.62
C GLY A 739 -6.92 -28.61 -22.85
N GLY A 740 -8.07 -29.30 -22.93
CA GLY A 740 -8.92 -29.27 -24.13
C GLY A 740 -8.39 -30.26 -25.15
N ASN A 741 -9.07 -30.41 -26.28
CA ASN A 741 -8.55 -31.25 -27.41
C ASN A 741 -7.27 -30.67 -27.97
N GLY A 742 -7.06 -29.39 -27.71
CA GLY A 742 -5.93 -28.66 -28.22
C GLY A 742 -4.66 -29.18 -27.63
N GLN A 743 -4.60 -29.23 -26.32
CA GLN A 743 -3.46 -29.84 -25.68
C GLN A 743 -3.25 -31.33 -26.16
N GLU A 744 -4.34 -32.05 -26.48
CA GLU A 744 -4.24 -33.45 -26.93
C GLU A 744 -3.74 -33.61 -28.37
N THR A 745 -4.33 -32.86 -29.31
CA THR A 745 -3.94 -32.88 -30.71
C THR A 745 -2.51 -32.38 -30.96
N TYR A 746 -2.18 -31.29 -30.29
CA TYR A 746 -0.97 -30.50 -30.57
C TYR A 746 0.14 -30.64 -29.53
N GLY A 747 -0.20 -31.09 -28.31
CA GLY A 747 0.78 -31.26 -27.23
C GLY A 747 1.97 -32.13 -27.60
N GLY A 748 3.14 -31.51 -27.75
CA GLY A 748 4.36 -32.21 -28.06
C GLY A 748 4.52 -32.57 -29.52
N LYS A 749 3.55 -32.20 -30.35
CA LYS A 749 3.54 -32.64 -31.75
C LYS A 749 4.72 -32.12 -32.60
N TYR A 750 5.27 -30.95 -32.28
CA TYR A 750 6.30 -30.34 -33.14
C TYR A 750 7.73 -30.55 -32.61
N LEU A 751 7.85 -31.31 -31.52
CA LEU A 751 9.13 -31.56 -30.84
C LEU A 751 10.10 -32.38 -31.66
N SER A 752 9.62 -33.34 -32.46
CA SER A 752 10.51 -34.14 -33.32
C SER A 752 10.98 -33.30 -34.49
N GLU A 753 10.08 -32.49 -35.05
CA GLU A 753 10.49 -31.50 -36.06
C GLU A 753 11.48 -30.49 -35.44
N LEU A 754 11.21 -30.05 -34.21
CA LEU A 754 12.13 -29.14 -33.50
C LEU A 754 13.52 -29.73 -33.16
N GLN A 755 13.58 -31.02 -32.90
CA GLN A 755 14.85 -31.71 -32.60
C GLN A 755 15.73 -31.90 -33.86
N SER A 756 15.09 -32.37 -34.92
CA SER A 756 15.73 -32.60 -36.22
C SER A 756 16.38 -31.33 -36.79
N LYS A 757 15.67 -30.20 -36.76
CA LYS A 757 16.20 -28.95 -37.29
C LYS A 757 17.14 -28.17 -36.32
N TYR A 758 16.93 -28.31 -35.02
CA TYR A 758 17.62 -27.47 -34.03
C TYR A 758 17.96 -28.29 -32.77
N PRO A 759 18.94 -29.20 -32.87
CA PRO A 759 19.12 -30.15 -31.76
C PRO A 759 19.59 -29.49 -30.45
N ASP A 760 20.28 -28.36 -30.57
CA ASP A 760 20.81 -27.61 -29.40
C ASP A 760 19.76 -27.30 -28.34
N LEU A 761 18.50 -27.15 -28.77
CA LEU A 761 17.40 -26.91 -27.85
C LEU A 761 17.34 -28.01 -26.79
N PHE A 762 17.62 -29.26 -27.18
CA PHE A 762 17.44 -30.40 -26.28
C PHE A 762 18.72 -31.01 -25.73
N THR A 763 19.86 -30.38 -26.06
CA THR A 763 21.14 -30.65 -25.38
C THR A 763 21.60 -29.50 -24.42
N THR A 764 21.06 -28.29 -24.57
CA THR A 764 21.46 -27.14 -23.73
C THR A 764 20.87 -27.30 -22.34
N ARG A 765 21.71 -27.46 -21.33
CA ARG A 765 21.26 -27.66 -19.95
C ARG A 765 20.72 -26.36 -19.36
N ALA A 766 19.48 -26.39 -18.88
CA ALA A 766 18.86 -25.23 -18.23
C ALA A 766 19.55 -24.87 -16.92
N ILE A 767 19.56 -23.58 -16.61
CA ILE A 767 20.26 -23.09 -15.42
C ILE A 767 19.64 -23.61 -14.13
N SER A 768 18.32 -23.45 -13.97
CA SER A 768 17.64 -23.89 -12.72
C SER A 768 17.68 -25.41 -12.46
N THR A 769 17.77 -26.22 -13.50
CA THR A 769 17.73 -27.68 -13.34
C THR A 769 19.06 -28.37 -13.66
N GLY A 770 19.93 -27.73 -14.44
CA GLY A 770 21.17 -28.38 -14.90
C GLY A 770 20.89 -29.51 -15.89
N VAL A 771 19.76 -29.42 -16.56
CA VAL A 771 19.24 -30.54 -17.32
C VAL A 771 18.46 -29.90 -18.48
N ALA A 772 18.62 -30.46 -19.68
CA ALA A 772 18.00 -29.91 -20.88
C ALA A 772 16.51 -30.24 -20.94
N PRO A 773 15.75 -29.47 -21.74
CA PRO A 773 14.35 -29.79 -21.87
C PRO A 773 14.22 -31.17 -22.44
N ASP A 774 13.23 -31.90 -21.96
CA ASP A 774 13.05 -33.29 -22.30
C ASP A 774 11.88 -33.45 -23.29
N PRO A 775 12.20 -33.74 -24.55
CA PRO A 775 11.17 -33.92 -25.55
C PRO A 775 10.65 -35.32 -25.63
N THR A 776 11.18 -36.25 -24.81
CA THR A 776 10.73 -37.68 -24.84
C THR A 776 9.36 -38.01 -24.23
N THR A 777 8.79 -37.12 -23.42
CA THR A 777 7.40 -37.23 -22.99
C THR A 777 6.60 -36.05 -23.52
N HIS A 778 5.52 -36.31 -24.25
CA HIS A 778 4.64 -35.22 -24.64
C HIS A 778 3.66 -34.92 -23.51
N ILE A 779 3.22 -33.68 -23.38
CA ILE A 779 2.10 -33.35 -22.51
C ILE A 779 0.85 -33.19 -23.34
N THR A 780 -0.10 -34.09 -23.10
CA THR A 780 -1.36 -34.09 -23.81
C THR A 780 -2.51 -33.76 -22.87
N LYS A 781 -2.18 -33.54 -21.58
CA LYS A 781 -3.15 -33.21 -20.56
C LYS A 781 -2.40 -32.68 -19.31
N TRP A 782 -2.85 -31.56 -18.78
CA TRP A 782 -2.15 -31.02 -17.63
C TRP A 782 -2.73 -31.75 -16.47
N SER A 783 -1.92 -31.99 -15.45
CA SER A 783 -2.33 -32.59 -14.18
C SER A 783 -1.38 -32.07 -13.11
N ALA A 784 -1.68 -32.37 -11.84
CA ALA A 784 -0.84 -31.93 -10.69
C ALA A 784 0.67 -32.17 -10.78
N LYS A 785 1.08 -33.22 -11.49
CA LYS A 785 2.48 -33.58 -11.59
C LYS A 785 3.32 -32.54 -12.31
N TYR A 786 2.67 -31.69 -13.09
CA TYR A 786 3.31 -30.59 -13.81
C TYR A 786 2.99 -29.20 -13.21
N GLU A 787 2.56 -29.18 -11.95
CA GLU A 787 2.06 -27.94 -11.30
C GLU A 787 2.64 -27.82 -9.91
N ASN A 788 3.06 -26.59 -9.57
CA ASN A 788 3.60 -26.28 -8.24
C ASN A 788 2.55 -26.17 -7.14
N GLY A 789 1.32 -25.89 -7.56
CA GLY A 789 0.24 -25.58 -6.63
C GLY A 789 -0.84 -24.77 -7.32
N THR A 790 -1.75 -24.29 -6.50
CA THR A 790 -2.87 -23.53 -6.98
C THR A 790 -3.16 -22.39 -6.00
N SER A 791 -3.67 -21.27 -6.52
CA SER A 791 -4.33 -20.30 -5.65
C SER A 791 -5.48 -21.03 -4.89
N LEU A 792 -5.91 -20.50 -3.74
CA LEU A 792 -6.99 -21.12 -2.98
C LEU A 792 -8.20 -21.27 -3.87
N GLN A 793 -8.88 -22.40 -3.77
CA GLN A 793 -9.89 -22.80 -4.75
C GLN A 793 -11.33 -22.74 -4.19
N ASN A 794 -11.46 -22.27 -2.95
CA ASN A 794 -12.74 -22.17 -2.27
C ASN A 794 -13.48 -23.51 -1.95
N ILE A 795 -12.73 -24.58 -1.70
CA ILE A 795 -13.27 -25.89 -1.35
C ILE A 795 -13.15 -26.27 0.13
N GLY A 796 -12.01 -25.93 0.72
CA GLY A 796 -11.72 -26.30 2.12
C GLY A 796 -10.84 -27.53 2.22
N ILE A 797 -10.28 -27.75 3.41
CA ILE A 797 -9.32 -28.84 3.57
C ILE A 797 -9.87 -30.09 4.29
N GLY A 798 -11.07 -29.99 4.87
CA GLY A 798 -11.61 -31.11 5.61
C GLY A 798 -12.50 -32.04 4.83
N LEU A 799 -12.48 -32.03 3.50
CA LEU A 799 -13.37 -32.89 2.74
C LEU A 799 -13.00 -34.36 2.74
N ALA A 800 -11.72 -34.68 2.91
CA ALA A 800 -11.27 -36.06 2.77
C ALA A 800 -11.71 -36.86 3.98
N VAL A 801 -12.33 -37.98 3.69
CA VAL A 801 -12.96 -38.78 4.71
C VAL A 801 -11.90 -39.62 5.38
N LYS A 802 -11.86 -39.52 6.70
CA LYS A 802 -10.94 -40.30 7.50
C LYS A 802 -11.67 -41.28 8.37
N LEU A 803 -11.26 -42.53 8.32
CA LEU A 803 -11.83 -43.51 9.22
C LEU A 803 -11.39 -43.23 10.65
N PRO A 804 -12.23 -43.64 11.61
CA PRO A 804 -11.88 -43.58 13.02
C PRO A 804 -10.42 -43.94 13.36
N ASN A 805 -9.83 -44.92 12.67
CA ASN A 805 -8.45 -45.34 12.97
C ASN A 805 -7.31 -44.41 12.46
N GLY A 806 -7.67 -43.37 11.71
CA GLY A 806 -6.67 -42.37 11.29
C GLY A 806 -6.34 -42.35 9.81
N GLU A 807 -6.67 -43.44 9.10
CA GLU A 807 -6.40 -43.58 7.67
C GLU A 807 -7.56 -43.05 6.85
N TYR A 808 -7.25 -42.44 5.70
CA TYR A 808 -8.27 -41.96 4.79
C TYR A 808 -8.99 -43.16 4.21
N ALA A 809 -10.29 -43.03 4.00
CA ALA A 809 -11.04 -44.05 3.30
C ALA A 809 -10.47 -44.24 1.89
N TYR A 810 -10.55 -45.46 1.34
CA TYR A 810 -9.99 -45.79 0.00
C TYR A 810 -10.80 -46.82 -0.82
N LEU A 811 -10.75 -46.69 -2.16
CA LEU A 811 -11.34 -47.67 -3.10
C LEU A 811 -10.36 -48.14 -4.16
N ARG A 812 -10.21 -49.44 -4.32
CA ARG A 812 -9.52 -49.94 -5.50
C ARG A 812 -10.57 -49.86 -6.61
N SER A 813 -10.41 -48.88 -7.51
CA SER A 813 -11.47 -48.47 -8.45
C SER A 813 -11.22 -48.87 -9.91
N SER A 814 -10.20 -48.27 -10.52
CA SER A 814 -9.82 -48.53 -11.91
C SER A 814 -8.30 -48.26 -12.09
N ASP A 815 -7.92 -47.03 -12.49
CA ASP A 815 -6.52 -46.57 -12.43
C ASP A 815 -6.05 -46.61 -10.97
N ASN A 816 -7.01 -46.38 -10.06
CA ASN A 816 -6.78 -46.43 -8.61
C ASN A 816 -6.78 -47.88 -8.13
N LYS A 817 -5.59 -48.44 -7.89
CA LYS A 817 -5.43 -49.86 -7.54
C LYS A 817 -4.18 -50.13 -6.67
N SER A 818 -3.72 -49.11 -5.94
CA SER A 818 -2.43 -49.17 -5.24
C SER A 818 -2.53 -49.96 -3.93
N PHE A 819 -3.28 -49.42 -2.98
CA PHE A 819 -3.39 -49.96 -1.63
C PHE A 819 -4.68 -50.79 -1.49
N ASN A 820 -5.03 -51.20 -0.28
CA ASN A 820 -6.22 -52.04 -0.06
C ASN A 820 -7.44 -51.27 0.37
N THR A 821 -8.59 -51.60 -0.24
CA THR A 821 -9.86 -50.89 -0.03
C THR A 821 -10.31 -50.86 1.43
N LEU A 822 -10.86 -49.72 1.82
CA LEU A 822 -11.15 -49.43 3.21
C LEU A 822 -12.21 -48.33 3.26
N LEU A 823 -13.44 -48.74 3.58
CA LEU A 823 -14.58 -47.85 3.60
C LEU A 823 -15.09 -47.66 5.03
N PRO A 824 -15.89 -46.60 5.27
CA PRO A 824 -16.43 -46.43 6.62
C PRO A 824 -17.33 -47.57 7.11
N SER A 825 -17.47 -47.66 8.42
CA SER A 825 -18.37 -48.62 9.06
C SER A 825 -19.72 -48.56 8.39
N GLU A 826 -20.25 -47.35 8.31
CA GLU A 826 -21.62 -47.13 7.89
C GLU A 826 -21.85 -47.28 6.37
N ILE A 827 -20.91 -47.92 5.66
CA ILE A 827 -21.03 -48.23 4.20
C ILE A 827 -20.44 -49.64 3.90
N SER A 828 -20.93 -50.66 4.61
CA SER A 828 -20.50 -52.07 4.45
C SER A 828 -20.99 -52.93 5.64
N GLY B 2 -53.26 20.06 40.09
CA GLY B 2 -53.90 19.37 38.93
C GLY B 2 -52.93 18.92 37.83
N PRO B 3 -53.33 17.90 37.04
CA PRO B 3 -52.45 17.30 36.04
C PRO B 3 -52.66 17.81 34.59
N GLY B 4 -51.95 17.18 33.64
CA GLY B 4 -52.09 17.47 32.21
C GLY B 4 -50.79 17.23 31.45
N THR B 5 -50.87 17.17 30.12
CA THR B 5 -49.69 16.91 29.28
C THR B 5 -48.98 18.20 28.83
N TRP B 6 -49.53 19.35 29.22
CA TRP B 6 -48.84 20.64 29.09
C TRP B 6 -47.52 20.65 29.85
N GLU B 7 -47.31 19.64 30.69
CA GLU B 7 -46.18 19.58 31.61
C GLU B 7 -44.94 18.90 31.05
N ASN B 8 -45.03 18.37 29.83
CA ASN B 8 -43.84 17.91 29.10
C ASN B 8 -42.95 19.09 28.67
N MET B 9 -43.57 20.26 28.57
CA MET B 9 -42.89 21.54 28.60
C MET B 9 -41.65 21.45 29.48
N ALA B 10 -40.57 22.09 29.05
CA ALA B 10 -39.39 22.21 29.89
C ALA B 10 -39.72 23.18 31.04
N PHE B 11 -39.10 22.93 32.20
CA PHE B 11 -39.31 23.74 33.40
C PHE B 11 -38.90 25.20 33.18
N ALA B 12 -37.94 25.43 32.31
CA ALA B 12 -37.49 26.78 31.95
C ALA B 12 -36.72 26.70 30.64
N GLN B 13 -36.75 27.77 29.85
CA GLN B 13 -36.06 27.74 28.57
C GLN B 13 -34.69 28.44 28.64
N ASP B 14 -33.93 28.04 29.66
CA ASP B 14 -32.53 28.40 29.83
C ASP B 14 -31.69 27.12 29.99
N SER B 15 -30.38 27.28 30.10
CA SER B 15 -29.47 26.14 30.26
C SER B 15 -29.62 25.31 31.54
N SER B 16 -30.32 25.87 32.54
CA SER B 16 -30.46 25.20 33.84
C SER B 16 -31.43 24.03 33.76
N ALA B 17 -32.25 23.99 32.71
CA ALA B 17 -33.23 22.91 32.50
C ALA B 17 -33.14 22.18 31.14
N ILE B 18 -32.48 22.80 30.16
CA ILE B 18 -32.32 22.22 28.83
C ILE B 18 -30.82 22.09 28.52
N ASN B 19 -30.38 20.89 28.13
CA ASN B 19 -29.01 20.73 27.66
C ASN B 19 -28.84 21.47 26.37
N ASN B 20 -27.75 22.20 26.24
CA ASN B 20 -27.46 22.80 24.97
C ASN B 20 -25.99 23.09 24.86
N ILE B 21 -25.52 23.02 23.62
CA ILE B 21 -24.21 23.42 23.26
C ILE B 21 -24.43 24.65 22.38
N ASN B 22 -23.77 25.76 22.73
CA ASN B 22 -23.92 27.05 22.03
C ASN B 22 -25.32 27.48 21.69
N GLY B 23 -26.27 27.02 22.49
CA GLY B 23 -27.68 27.29 22.25
C GLY B 23 -28.42 26.22 21.46
N TYR B 24 -27.73 25.25 20.92
CA TYR B 24 -28.40 24.29 20.09
C TYR B 24 -28.69 23.02 20.88
N LEU B 25 -29.63 22.22 20.39
CA LEU B 25 -30.05 21.05 21.10
C LEU B 25 -29.62 19.76 20.38
N SER B 26 -29.48 18.68 21.15
CA SER B 26 -29.10 17.39 20.62
C SER B 26 -30.14 16.36 20.94
N TYR B 27 -30.40 15.45 19.99
CA TYR B 27 -31.27 14.30 20.27
C TYR B 27 -30.69 13.35 21.35
N THR B 28 -29.37 13.38 21.54
CA THR B 28 -28.73 12.75 22.72
C THR B 28 -28.79 13.63 23.98
N GLY B 29 -29.29 14.85 23.86
CA GLY B 29 -29.47 15.72 25.01
C GLY B 29 -30.53 15.31 26.03
N TRP B 30 -30.43 15.89 27.22
CA TRP B 30 -31.35 15.66 28.33
C TRP B 30 -31.93 17.01 28.77
N TYR B 31 -33.19 17.01 29.19
CA TYR B 31 -33.81 18.24 29.67
C TYR B 31 -34.73 17.93 30.84
N ARG B 32 -35.08 18.96 31.60
CA ARG B 32 -35.99 18.84 32.74
C ARG B 32 -37.42 19.26 32.38
N PRO B 33 -38.33 18.29 32.21
CA PRO B 33 -39.71 18.69 32.01
C PRO B 33 -40.28 19.33 33.28
N TYR B 34 -41.37 20.11 33.15
CA TYR B 34 -42.09 20.64 34.31
C TYR B 34 -42.65 19.51 35.17
N GLY B 35 -43.07 18.42 34.52
CA GLY B 35 -43.49 17.21 35.21
C GLY B 35 -43.48 15.93 34.38
N THR B 36 -43.52 14.79 35.07
CA THR B 36 -43.62 13.48 34.42
C THR B 36 -44.78 12.69 35.02
N SER B 37 -45.23 11.66 34.30
CA SER B 37 -46.34 10.81 34.75
C SER B 37 -46.15 9.40 34.22
N GLN B 38 -46.75 8.45 34.96
CA GLN B 38 -46.55 7.02 34.74
C GLN B 38 -47.82 6.35 34.26
N ASP B 39 -48.99 6.91 34.61
CA ASP B 39 -50.30 6.34 34.23
C ASP B 39 -51.07 7.22 33.26
N GLY B 40 -50.90 8.52 33.36
CA GLY B 40 -51.69 9.47 32.58
C GLY B 40 -52.53 10.36 33.47
N LYS B 41 -52.93 9.87 34.64
CA LYS B 41 -53.83 10.62 35.53
C LYS B 41 -53.09 11.55 36.51
N THR B 42 -52.13 11.02 37.28
CA THR B 42 -51.38 11.85 38.24
C THR B 42 -50.01 12.28 37.72
N TRP B 43 -49.80 13.60 37.63
CA TRP B 43 -48.52 14.15 37.19
C TRP B 43 -47.78 14.76 38.39
N TYR B 44 -46.50 14.40 38.54
CA TYR B 44 -45.63 14.89 39.61
C TYR B 44 -44.76 16.02 39.12
N PRO B 45 -44.70 17.14 39.85
CA PRO B 45 -43.66 18.12 39.53
C PRO B 45 -42.24 17.50 39.55
N THR B 46 -41.35 17.96 38.67
CA THR B 46 -39.96 17.49 38.67
C THR B 46 -39.13 18.26 39.67
N THR B 47 -38.16 17.58 40.27
CA THR B 47 -37.11 18.24 41.02
C THR B 47 -35.98 18.57 40.03
N VAL B 48 -35.10 19.48 40.41
CA VAL B 48 -33.93 19.81 39.58
C VAL B 48 -33.04 18.57 39.28
N ALA B 49 -33.31 17.44 39.92
CA ALA B 49 -32.57 16.18 39.67
C ALA B 49 -33.28 15.24 38.68
N ASP B 50 -34.55 15.55 38.38
CA ASP B 50 -35.39 14.73 37.49
C ASP B 50 -35.17 15.17 36.04
N TRP B 51 -34.27 14.48 35.33
CA TRP B 51 -33.88 14.85 33.96
C TRP B 51 -34.22 13.70 33.02
N ARG B 52 -34.69 14.02 31.82
CA ARG B 52 -35.14 13.02 30.85
C ARG B 52 -34.56 13.28 29.49
N PRO B 53 -34.29 12.22 28.71
CA PRO B 53 -33.64 12.35 27.41
C PRO B 53 -34.60 12.94 26.41
N ILE B 54 -34.11 13.84 25.55
CA ILE B 54 -34.95 14.56 24.57
C ILE B 54 -35.58 13.63 23.56
N LEU B 55 -34.92 12.53 23.24
CA LEU B 55 -35.37 11.61 22.21
C LEU B 55 -36.63 10.80 22.58
N MET B 56 -37.12 10.95 23.83
CA MET B 56 -38.47 10.52 24.27
C MET B 56 -39.58 11.45 23.84
N TYR B 57 -39.26 12.72 23.55
CA TYR B 57 -40.27 13.76 23.25
C TYR B 57 -40.22 14.39 21.83
N VAL B 58 -39.05 14.33 21.19
CA VAL B 58 -38.81 15.01 19.91
C VAL B 58 -37.94 14.14 18.99
N TRP B 59 -38.29 14.09 17.70
CA TRP B 59 -37.58 13.24 16.76
C TRP B 59 -37.29 13.98 15.48
N PRO B 60 -36.27 13.52 14.75
CA PRO B 60 -35.85 14.08 13.47
C PRO B 60 -36.91 13.99 12.41
N SER B 61 -37.66 12.90 12.43
CA SER B 61 -38.76 12.71 11.50
C SER B 61 -39.64 11.59 12.00
N LYS B 62 -40.83 11.50 11.43
CA LYS B 62 -41.81 10.48 11.83
C LYS B 62 -41.28 9.08 11.65
N ASP B 63 -40.57 8.84 10.55
CA ASP B 63 -39.91 7.56 10.39
C ASP B 63 -39.15 7.17 11.67
N VAL B 64 -38.45 8.14 12.26
CA VAL B 64 -37.60 7.90 13.44
C VAL B 64 -38.43 7.76 14.71
N GLN B 65 -39.44 8.61 14.87
CA GLN B 65 -40.43 8.47 15.95
C GLN B 65 -40.96 7.04 15.96
N VAL B 66 -41.30 6.54 14.77
CA VAL B 66 -41.77 5.17 14.60
C VAL B 66 -40.75 4.16 15.15
N LYS B 67 -39.53 4.18 14.63
CA LYS B 67 -38.49 3.25 15.10
C LYS B 67 -38.11 3.40 16.59
N PHE B 68 -38.32 4.57 17.17
CA PHE B 68 -38.05 4.76 18.60
C PHE B 68 -39.05 3.94 19.44
N ILE B 69 -40.31 4.01 19.01
CA ILE B 69 -41.43 3.32 19.65
C ILE B 69 -41.27 1.80 19.61
N GLN B 70 -41.13 1.26 18.40
CA GLN B 70 -40.91 -0.18 18.19
C GLN B 70 -39.69 -0.71 18.91
N TYR B 71 -38.59 0.04 18.88
CA TYR B 71 -37.36 -0.41 19.52
C TYR B 71 -37.60 -0.55 21.01
N PHE B 72 -38.14 0.50 21.63
CA PHE B 72 -38.36 0.45 23.06
C PHE B 72 -39.32 -0.67 23.42
N VAL B 73 -40.41 -0.81 22.69
CA VAL B 73 -41.36 -1.87 22.97
C VAL B 73 -40.70 -3.26 22.92
N ASN B 74 -39.99 -3.56 21.82
CA ASN B 74 -39.33 -4.88 21.64
C ASN B 74 -38.06 -5.09 22.50
N HIS B 75 -37.81 -4.23 23.50
CA HIS B 75 -36.61 -4.31 24.36
C HIS B 75 -36.92 -4.19 25.86
N GLY B 76 -38.17 -4.47 26.26
CA GLY B 76 -38.59 -4.41 27.67
C GLY B 76 -39.65 -3.38 28.07
N TYR B 77 -39.99 -2.45 27.16
CA TYR B 77 -40.90 -1.35 27.50
C TYR B 77 -42.30 -1.56 26.91
N GLU B 78 -42.67 -2.81 26.68
CA GLU B 78 -44.04 -3.17 26.30
C GLU B 78 -44.93 -3.25 27.56
N ASN B 79 -46.20 -2.87 27.40
CA ASN B 79 -47.20 -2.97 28.46
C ASN B 79 -48.58 -2.84 27.79
N SER B 80 -49.35 -3.93 27.79
CA SER B 80 -50.63 -4.00 27.10
C SER B 80 -51.73 -3.20 27.81
N ASN B 81 -51.57 -2.96 29.11
CA ASN B 81 -52.46 -2.05 29.85
C ASN B 81 -52.39 -0.61 29.32
N TYR B 82 -51.39 -0.32 28.49
CA TYR B 82 -51.31 0.95 27.75
C TYR B 82 -51.26 0.74 26.23
N GLY B 83 -51.65 -0.46 25.78
CA GLY B 83 -51.77 -0.76 24.36
C GLY B 83 -50.44 -0.87 23.64
N LEU B 84 -49.42 -1.35 24.34
CA LEU B 84 -48.07 -1.43 23.77
C LEU B 84 -47.52 -2.85 23.85
N THR B 85 -47.67 -3.58 22.75
CA THR B 85 -47.03 -4.87 22.52
C THR B 85 -46.54 -4.84 21.09
N ALA B 86 -45.56 -5.68 20.79
CA ALA B 86 -45.08 -5.83 19.41
C ALA B 86 -46.27 -5.85 18.45
N GLY B 87 -47.33 -6.55 18.85
CA GLY B 87 -48.57 -6.62 18.10
C GLY B 87 -49.27 -5.30 17.85
N SER B 88 -49.23 -4.39 18.82
CA SER B 88 -49.88 -3.07 18.70
C SER B 88 -49.06 -2.00 17.93
N VAL B 89 -47.76 -2.22 17.73
CA VAL B 89 -46.87 -1.22 17.10
C VAL B 89 -46.31 -1.62 15.73
N LYS B 90 -46.48 -2.89 15.35
CA LYS B 90 -45.73 -3.42 14.21
C LYS B 90 -46.21 -2.90 12.85
N ASP B 91 -47.42 -2.38 12.76
CA ASP B 91 -47.94 -1.86 11.47
C ASP B 91 -47.79 -0.33 11.32
N LEU B 92 -47.39 0.35 12.39
CA LEU B 92 -47.17 1.82 12.37
C LEU B 92 -46.01 2.21 11.45
N SER B 93 -46.16 3.34 10.75
CA SER B 93 -45.12 3.80 9.83
C SER B 93 -45.16 5.32 9.68
N GLU B 94 -44.26 5.86 8.86
CA GLU B 94 -44.25 7.31 8.60
C GLU B 94 -45.59 7.82 8.03
N ASN B 95 -46.39 6.89 7.49
CA ASN B 95 -47.70 7.23 6.93
C ASN B 95 -48.79 7.36 7.99
N THR B 96 -48.54 6.94 9.22
CA THR B 96 -49.55 7.04 10.29
C THR B 96 -49.82 8.50 10.64
N ALA B 97 -51.03 8.80 11.12
CA ALA B 97 -51.37 10.17 11.54
C ALA B 97 -50.38 10.64 12.58
N SER B 98 -49.86 11.84 12.40
CA SER B 98 -49.06 12.51 13.40
C SER B 98 -49.79 12.52 14.77
N ILE B 99 -51.10 12.71 14.73
CA ILE B 99 -51.89 12.74 15.97
C ILE B 99 -51.92 11.35 16.65
N ASN B 100 -51.98 10.28 15.85
CA ASN B 100 -51.93 8.90 16.38
C ASN B 100 -50.55 8.57 16.99
N LEU B 101 -49.49 8.68 16.18
CA LEU B 101 -48.13 8.38 16.62
C LEU B 101 -47.77 9.02 17.97
N ASN B 102 -48.23 10.25 18.21
CA ASN B 102 -47.91 10.97 19.43
C ASN B 102 -48.59 10.34 20.63
N GLU B 103 -49.83 9.92 20.44
CA GLU B 103 -50.55 9.21 21.47
C GLU B 103 -49.79 7.94 21.84
N VAL B 104 -49.33 7.22 20.82
CA VAL B 104 -48.51 6.03 21.04
C VAL B 104 -47.22 6.38 21.82
N ALA B 105 -46.55 7.45 21.39
CA ALA B 105 -45.31 7.93 22.02
C ALA B 105 -45.54 8.37 23.46
N GLN B 106 -46.65 9.06 23.70
CA GLN B 106 -47.00 9.48 25.07
C GLN B 106 -47.20 8.27 25.97
N ASN B 107 -47.76 7.21 25.42
CA ASN B 107 -48.03 6.03 26.21
C ASN B 107 -46.75 5.27 26.53
N LEU B 108 -45.86 5.19 25.55
CA LEU B 108 -44.52 4.66 25.78
C LEU B 108 -43.82 5.40 26.91
N ARG B 109 -44.03 6.72 26.93
CA ARG B 109 -43.41 7.57 27.92
C ARG B 109 -43.92 7.26 29.35
N TYR B 110 -45.19 6.86 29.46
CA TYR B 110 -45.72 6.41 30.74
C TYR B 110 -44.94 5.17 31.20
N VAL B 111 -44.74 4.21 30.30
CA VAL B 111 -44.01 2.97 30.61
C VAL B 111 -42.54 3.21 30.98
N ILE B 112 -41.90 4.15 30.30
CA ILE B 112 -40.53 4.52 30.62
C ILE B 112 -40.45 5.04 32.07
N GLU B 113 -41.33 5.96 32.44
CA GLU B 113 -41.42 6.43 33.80
C GLU B 113 -41.60 5.27 34.79
N GLN B 114 -42.30 4.23 34.35
CA GLN B 114 -42.48 3.04 35.18
C GLN B 114 -41.16 2.33 35.43
N HIS B 115 -40.45 2.01 34.36
CA HIS B 115 -39.13 1.39 34.47
C HIS B 115 -38.15 2.21 35.34
N ILE B 116 -38.25 3.54 35.28
CA ILE B 116 -37.36 4.43 36.05
C ILE B 116 -37.63 4.26 37.55
N VAL B 117 -38.92 4.27 37.89
CA VAL B 117 -39.40 3.96 39.24
C VAL B 117 -38.92 2.56 39.69
N ALA B 118 -39.22 1.53 38.90
CA ALA B 118 -38.83 0.16 39.23
C ALA B 118 -37.34 0.05 39.52
N ALA B 119 -36.53 0.56 38.61
CA ALA B 119 -35.06 0.45 38.70
C ALA B 119 -34.42 1.53 39.55
N LYS B 120 -35.17 2.56 39.91
CA LYS B 120 -34.68 3.61 40.81
C LYS B 120 -33.52 4.40 40.20
N SER B 121 -33.49 4.49 38.87
CA SER B 121 -32.50 5.35 38.15
C SER B 121 -32.83 5.50 36.67
N THR B 122 -32.24 6.51 36.03
CA THR B 122 -32.38 6.73 34.60
C THR B 122 -31.15 6.19 33.84
N SER B 123 -30.69 4.99 34.18
CA SER B 123 -29.48 4.40 33.57
C SER B 123 -29.79 3.48 32.39
N GLN B 124 -30.67 2.49 32.60
CA GLN B 124 -30.96 1.53 31.53
C GLN B 124 -31.64 2.27 30.39
N LEU B 125 -32.37 3.33 30.76
CA LEU B 125 -32.98 4.21 29.78
C LEU B 125 -31.89 4.81 28.90
N ALA B 126 -30.92 5.45 29.55
CA ALA B 126 -29.79 6.09 28.87
C ALA B 126 -29.03 5.09 27.99
N ASN B 127 -28.82 3.88 28.53
CA ASN B 127 -28.16 2.80 27.80
C ASN B 127 -29.00 2.27 26.62
N ASP B 128 -30.32 2.42 26.73
CA ASP B 128 -31.23 2.02 25.67
C ASP B 128 -31.31 3.12 24.60
N ILE B 129 -31.28 4.38 25.02
CA ILE B 129 -31.21 5.50 24.08
C ILE B 129 -29.96 5.38 23.21
N ASN B 130 -28.82 5.04 23.83
CA ASN B 130 -27.57 4.91 23.09
C ASN B 130 -27.62 3.77 22.11
N ASN B 131 -28.09 2.63 22.58
CA ASN B 131 -28.23 1.50 21.68
C ASN B 131 -29.25 1.79 20.57
N PHE B 132 -30.34 2.47 20.91
CA PHE B 132 -31.33 2.79 19.90
C PHE B 132 -30.68 3.58 18.78
N ILE B 133 -29.95 4.62 19.17
CA ILE B 133 -29.37 5.54 18.19
C ILE B 133 -28.56 4.80 17.14
N THR B 134 -27.74 3.82 17.55
CA THR B 134 -26.93 3.09 16.59
C THR B 134 -27.74 2.41 15.48
N THR B 135 -28.99 2.06 15.75
CA THR B 135 -29.84 1.41 14.74
C THR B 135 -30.26 2.35 13.62
N ILE B 136 -30.25 3.66 13.91
CA ILE B 136 -30.71 4.71 12.98
C ILE B 136 -29.57 5.24 12.09
N PRO B 137 -29.64 4.99 10.78
CA PRO B 137 -28.56 5.53 9.94
C PRO B 137 -28.25 7.04 10.19
N GLU B 138 -29.22 7.93 9.98
CA GLU B 138 -28.99 9.40 10.10
C GLU B 138 -28.56 9.95 11.48
N LEU B 139 -28.82 9.19 12.53
CA LEU B 139 -28.54 9.64 13.90
C LEU B 139 -27.26 9.06 14.46
N SER B 140 -26.78 7.98 13.83
CA SER B 140 -25.65 7.21 14.36
C SER B 140 -24.32 7.86 14.07
N ALA B 141 -23.29 7.33 14.73
CA ALA B 141 -21.94 7.69 14.40
C ALA B 141 -21.62 7.43 12.89
N SER B 142 -22.23 6.45 12.26
CA SER B 142 -21.90 6.18 10.85
C SER B 142 -22.35 7.28 9.86
N SER B 143 -23.19 8.23 10.28
CA SER B 143 -23.62 9.33 9.37
C SER B 143 -22.49 10.33 8.99
N GLU B 144 -21.45 10.41 9.81
CA GLU B 144 -20.31 11.29 9.59
C GLU B 144 -19.34 10.69 8.56
N LEU B 145 -19.66 9.51 8.04
CA LEU B 145 -19.07 8.95 6.82
C LEU B 145 -17.61 8.62 6.96
N PRO B 146 -17.29 7.59 7.77
CA PRO B 146 -15.94 7.06 7.81
C PRO B 146 -15.61 6.56 6.42
N ASP B 147 -14.32 6.55 6.06
CA ASP B 147 -13.87 5.89 4.81
C ASP B 147 -13.76 4.39 5.03
N GLU B 148 -13.38 3.67 3.96
CA GLU B 148 -13.24 2.22 3.99
C GLU B 148 -12.45 1.67 5.20
N SER B 149 -11.37 2.35 5.54
CA SER B 149 -10.50 1.96 6.66
C SER B 149 -10.96 2.42 8.06
N GLY B 150 -12.12 3.07 8.19
CA GLY B 150 -12.54 3.66 9.47
C GLY B 150 -11.91 5.03 9.82
N TYR B 151 -11.49 5.76 8.78
CA TYR B 151 -10.80 7.03 8.96
C TYR B 151 -11.61 8.18 8.31
N GLY B 152 -11.15 9.41 8.49
CA GLY B 152 -11.79 10.57 7.90
C GLY B 152 -11.65 11.78 8.78
N GLN B 153 -11.89 12.96 8.20
CA GLN B 153 -11.82 14.23 8.90
C GLN B 153 -12.92 15.12 8.35
N VAL B 154 -13.36 16.11 9.13
CA VAL B 154 -14.19 17.20 8.61
C VAL B 154 -13.41 18.51 8.72
N ILE B 155 -13.78 19.52 7.93
CA ILE B 155 -13.22 20.88 8.09
C ILE B 155 -14.19 21.82 8.74
N PHE B 156 -13.68 22.79 9.49
CA PHE B 156 -14.52 23.82 10.06
C PHE B 156 -14.60 25.02 9.11
N VAL B 157 -15.84 25.37 8.80
CA VAL B 157 -16.16 26.46 7.90
C VAL B 157 -17.03 27.49 8.57
N ASN B 158 -17.19 28.61 7.90
CA ASN B 158 -17.99 29.71 8.43
C ASN B 158 -19.48 29.46 8.24
N ASN B 159 -20.30 29.97 9.13
CA ASN B 159 -21.75 29.70 9.08
C ASN B 159 -22.52 30.75 9.89
N ASP B 160 -23.71 31.14 9.47
CA ASP B 160 -24.46 32.18 10.21
C ASP B 160 -24.91 31.69 11.61
N ASN B 161 -25.08 30.37 11.76
CA ASN B 161 -25.43 29.74 13.05
C ASN B 161 -24.29 29.54 14.01
N THR B 162 -23.08 29.33 13.51
CA THR B 162 -21.89 29.11 14.36
C THR B 162 -20.81 30.18 14.10
N SER B 163 -21.20 31.46 14.14
CA SER B 163 -20.34 32.54 13.63
C SER B 163 -19.21 32.87 14.56
N TYR B 164 -19.44 32.66 15.88
CA TYR B 164 -18.35 32.63 16.89
C TYR B 164 -17.18 31.72 16.51
N ALA B 165 -17.42 30.70 15.67
CA ALA B 165 -16.36 29.80 15.19
C ALA B 165 -15.87 30.17 13.81
N ASP B 166 -16.13 31.40 13.36
CA ASP B 166 -15.72 31.78 12.00
C ASP B 166 -14.31 32.25 12.03
N SER B 167 -13.58 31.98 10.95
CA SER B 167 -12.20 32.43 10.82
C SER B 167 -11.97 32.96 9.42
N LYS B 168 -11.13 33.97 9.33
CA LYS B 168 -10.74 34.45 8.05
C LYS B 168 -9.47 33.78 7.60
N TYR B 169 -8.89 32.89 8.41
CA TYR B 169 -7.68 32.17 8.00
C TYR B 169 -7.97 30.71 7.64
N ARG B 170 -7.56 29.77 8.46
CA ARG B 170 -7.68 28.38 8.08
C ARG B 170 -7.07 28.16 6.70
N LEU B 171 -5.85 28.60 6.50
CA LEU B 171 -5.20 28.27 5.25
C LEU B 171 -4.72 26.84 5.41
N MET B 172 -5.19 25.96 4.54
CA MET B 172 -4.96 24.56 4.70
C MET B 172 -3.94 24.01 3.72
N SER B 173 -3.21 22.98 4.18
CA SER B 173 -2.20 22.28 3.41
C SER B 173 -1.17 23.27 2.84
N ARG B 174 -0.82 24.28 3.64
CA ARG B 174 0.19 25.29 3.25
C ARG B 174 1.59 24.90 3.70
N THR B 175 2.01 23.72 3.28
CA THR B 175 3.16 23.08 3.83
C THR B 175 4.21 23.12 2.75
N ILE B 176 5.48 23.06 3.14
CA ILE B 176 6.58 22.80 2.21
C ILE B 176 6.56 23.80 1.02
N ASN B 177 6.49 23.31 -0.21
CA ASN B 177 6.61 24.20 -1.35
C ASN B 177 5.28 24.88 -1.65
N ASN B 178 4.29 24.64 -0.80
CA ASN B 178 2.98 25.26 -0.94
C ASN B 178 2.65 26.21 0.19
N GLN B 179 3.66 26.85 0.73
CA GLN B 179 3.47 27.80 1.79
C GLN B 179 2.63 28.97 1.30
N THR B 180 2.71 29.27 0.02
CA THR B 180 1.92 30.37 -0.54
C THR B 180 0.61 29.91 -1.12
N GLY B 181 0.28 28.64 -1.03
CA GLY B 181 -0.94 28.14 -1.65
C GLY B 181 -0.92 28.14 -3.17
N ASN B 182 0.27 28.19 -3.76
CA ASN B 182 0.39 28.26 -5.22
C ASN B 182 0.71 26.96 -5.96
N ASP B 183 0.73 25.83 -5.27
CA ASP B 183 0.84 24.53 -5.93
C ASP B 183 0.16 23.47 -5.10
N ASN B 184 -1.14 23.58 -4.97
CA ASN B 184 -1.93 22.67 -4.13
C ASN B 184 -1.86 21.25 -4.61
N SER B 185 -1.70 21.10 -5.91
CA SER B 185 -1.67 19.81 -6.59
C SER B 185 -0.37 19.02 -6.38
N GLY B 186 0.66 19.68 -5.83
CA GLY B 186 2.01 19.14 -5.84
C GLY B 186 2.37 18.34 -4.62
N ASP B 187 3.67 18.18 -4.38
CA ASP B 187 4.13 17.35 -3.26
C ASP B 187 4.38 18.13 -1.99
N ASN B 188 3.55 19.11 -1.72
CA ASN B 188 3.39 19.54 -0.33
C ASN B 188 2.83 18.36 0.42
N GLY B 189 3.05 18.27 1.73
CA GLY B 189 2.27 17.35 2.54
C GLY B 189 0.94 17.94 3.04
N TYR B 190 0.07 17.03 3.49
CA TYR B 190 -1.33 17.34 3.69
C TYR B 190 -1.61 17.83 5.12
N GLU B 191 -2.69 18.59 5.26
CA GLU B 191 -3.03 19.26 6.52
C GLU B 191 -3.42 18.33 7.67
N PHE B 192 -4.21 17.32 7.36
CA PHE B 192 -4.84 16.47 8.38
C PHE B 192 -4.15 15.13 8.62
N LEU B 193 -3.72 14.93 9.87
CA LEU B 193 -3.31 13.62 10.37
C LEU B 193 -4.49 13.10 11.16
N THR B 194 -4.48 13.27 12.46
CA THR B 194 -5.55 12.78 13.30
C THR B 194 -5.73 13.82 14.41
N GLY B 195 -6.86 13.79 15.11
CA GLY B 195 -7.11 14.73 16.20
C GLY B 195 -7.78 16.03 15.78
N ILE B 196 -7.81 16.98 16.71
CA ILE B 196 -8.33 18.32 16.46
C ILE B 196 -7.20 19.15 15.86
N ASP B 197 -7.31 19.43 14.55
CA ASP B 197 -6.22 20.04 13.77
C ASP B 197 -6.21 21.53 14.04
N ILE B 198 -5.05 22.01 14.51
CA ILE B 198 -4.84 23.41 14.87
C ILE B 198 -4.48 24.22 13.63
N ASP B 199 -5.05 25.43 13.53
CA ASP B 199 -4.79 26.37 12.42
C ASP B 199 -3.51 27.17 12.67
N ASN B 200 -2.39 26.57 12.32
CA ASN B 200 -1.13 27.25 12.45
C ASN B 200 -0.96 28.29 11.34
N SER B 201 -2.04 28.73 10.68
CA SER B 201 -1.99 29.85 9.72
C SER B 201 -2.63 31.07 10.31
N ASN B 202 -3.35 30.90 11.40
CA ASN B 202 -3.92 32.04 12.10
C ASN B 202 -2.79 32.79 12.80
N PRO B 203 -2.65 34.09 12.53
CA PRO B 203 -1.57 34.85 13.12
C PRO B 203 -1.50 34.77 14.64
N VAL B 204 -2.65 34.69 15.31
CA VAL B 204 -2.64 34.63 16.78
C VAL B 204 -2.07 33.29 17.27
N VAL B 205 -2.39 32.22 16.54
CA VAL B 205 -1.86 30.90 16.84
C VAL B 205 -0.35 30.90 16.68
N GLN B 206 0.13 31.60 15.65
CA GLN B 206 1.57 31.65 15.34
C GLN B 206 2.32 32.37 16.48
N ALA B 207 1.68 33.39 17.04
CA ALA B 207 2.21 34.03 18.22
C ALA B 207 2.22 33.07 19.43
N GLU B 208 1.13 32.32 19.65
CA GLU B 208 1.10 31.37 20.76
C GLU B 208 2.19 30.28 20.63
N ASN B 209 2.52 29.85 19.40
CA ASN B 209 3.60 28.88 19.17
C ASN B 209 4.97 29.43 19.60
N LEU B 210 5.21 30.71 19.37
CA LEU B 210 6.45 31.34 19.86
C LEU B 210 6.47 31.36 21.38
N ASN B 211 5.33 31.70 21.96
CA ASN B 211 5.19 31.70 23.41
C ASN B 211 5.53 30.34 23.98
N TRP B 212 4.99 29.31 23.35
CA TRP B 212 5.20 27.93 23.73
C TRP B 212 6.67 27.56 23.65
N GLU B 213 7.27 27.81 22.50
CA GLU B 213 8.66 27.51 22.28
C GLU B 213 9.53 28.21 23.38
N TYR B 214 9.22 29.46 23.70
CA TYR B 214 9.99 30.21 24.68
C TYR B 214 9.83 29.61 26.09
N PHE B 215 8.61 29.26 26.48
CA PHE B 215 8.41 28.54 27.75
C PHE B 215 9.31 27.29 27.81
N LEU B 216 9.26 26.46 26.74
CA LEU B 216 9.99 25.17 26.70
C LEU B 216 11.50 25.37 26.73
N LEU B 217 11.98 26.35 26.01
CA LEU B 217 13.41 26.65 26.05
C LEU B 217 13.83 27.22 27.41
N ASN B 218 12.88 27.56 28.28
CA ASN B 218 13.23 28.12 29.58
C ASN B 218 12.48 27.47 30.74
N TYR B 219 12.20 26.17 30.56
CA TYR B 219 11.23 25.44 31.39
C TYR B 219 11.55 25.44 32.89
N GLY B 220 12.73 24.98 33.25
CA GLY B 220 13.08 24.89 34.63
C GLY B 220 13.07 26.25 35.32
N LYS B 221 13.56 27.25 34.61
CA LYS B 221 13.63 28.59 35.17
C LYS B 221 12.23 29.05 35.41
N LEU B 222 11.46 29.15 34.35
CA LEU B 222 10.12 29.73 34.39
C LEU B 222 9.21 29.05 35.42
N MET B 223 9.38 27.76 35.61
CA MET B 223 8.56 27.00 36.54
C MET B 223 9.16 26.94 37.96
N GLY B 224 10.32 27.55 38.16
CA GLY B 224 11.02 27.44 39.43
C GLY B 224 11.29 25.99 39.78
N TYR B 225 11.63 25.16 38.80
CA TYR B 225 12.14 23.82 39.13
C TYR B 225 13.66 23.94 39.06
N ASN B 226 14.38 22.83 38.92
CA ASN B 226 15.83 22.92 38.68
C ASN B 226 16.12 23.92 37.58
N PRO B 227 16.85 25.00 37.91
CA PRO B 227 16.95 26.05 36.89
C PRO B 227 17.78 25.72 35.65
N ASP B 228 18.58 24.66 35.65
CA ASP B 228 19.32 24.26 34.45
C ASP B 228 18.55 23.19 33.65
N GLY B 229 17.25 23.06 33.94
CA GLY B 229 16.35 22.08 33.32
C GLY B 229 15.57 22.69 32.17
N ASN B 230 16.32 23.11 31.16
CA ASN B 230 15.77 23.82 30.01
C ASN B 230 16.12 23.11 28.71
N PHE B 231 15.17 23.07 27.78
CA PHE B 231 15.42 22.44 26.50
C PHE B 231 16.29 23.34 25.62
N ASP B 232 17.02 22.72 24.72
CA ASP B 232 17.98 23.41 23.86
C ASP B 232 17.51 23.49 22.42
N GLY B 233 16.32 22.96 22.15
CA GLY B 233 15.91 22.77 20.74
C GLY B 233 14.71 21.86 20.58
N PHE B 234 14.38 21.57 19.32
CA PHE B 234 13.12 20.90 19.02
C PHE B 234 13.25 19.72 18.09
N ARG B 235 12.34 18.77 18.31
CA ARG B 235 12.01 17.74 17.35
C ARG B 235 10.59 18.14 16.93
N ILE B 236 10.39 18.49 15.67
CA ILE B 236 9.08 19.00 15.22
C ILE B 236 8.14 17.90 14.65
N ASP B 237 7.22 17.44 15.51
CA ASP B 237 6.22 16.43 15.11
C ASP B 237 5.38 16.97 13.98
N ALA B 238 5.06 16.10 13.03
CA ALA B 238 4.14 16.42 11.93
C ALA B 238 4.49 17.68 11.15
N ALA B 239 5.76 17.86 10.86
CA ALA B 239 6.24 19.09 10.24
C ALA B 239 5.73 19.30 8.81
N ASP B 240 5.45 18.20 8.10
CA ASP B 240 4.86 18.31 6.74
C ASP B 240 3.38 18.66 6.77
N HIS B 241 2.79 18.81 7.96
CA HIS B 241 1.34 18.83 8.11
C HIS B 241 0.76 20.07 8.77
N ILE B 242 1.65 21.06 8.97
CA ILE B 242 1.34 22.34 9.56
C ILE B 242 1.89 23.44 8.68
N ASP B 243 1.18 24.57 8.66
CA ASP B 243 1.54 25.72 7.84
C ASP B 243 3.00 26.01 8.07
N ALA B 244 3.77 26.03 6.99
CA ALA B 244 5.19 26.17 7.12
C ALA B 244 5.64 27.48 7.76
N ASP B 245 4.74 28.44 7.93
CA ASP B 245 5.08 29.73 8.56
C ASP B 245 5.72 29.54 9.91
N VAL B 246 5.20 28.58 10.67
CA VAL B 246 5.68 28.28 12.01
C VAL B 246 7.09 27.71 12.04
N LEU B 247 7.52 27.09 10.96
CA LEU B 247 8.86 26.57 10.88
C LEU B 247 9.82 27.72 10.58
N ASP B 248 9.36 28.68 9.79
CA ASP B 248 10.07 29.94 9.60
C ASP B 248 10.19 30.61 10.95
N GLN B 249 9.06 30.75 11.61
CA GLN B 249 8.99 31.51 12.83
C GLN B 249 9.84 30.93 13.98
N MET B 250 9.81 29.61 14.16
CA MET B 250 10.68 28.90 15.11
C MET B 250 12.13 29.20 14.81
N GLY B 251 12.48 29.09 13.52
CA GLY B 251 13.84 29.35 13.07
C GLY B 251 14.29 30.71 13.51
N GLN B 252 13.40 31.69 13.33
CA GLN B 252 13.69 33.08 13.61
C GLN B 252 13.89 33.35 15.12
N LEU B 253 13.01 32.79 15.95
CA LEU B 253 13.15 32.87 17.38
C LEU B 253 14.49 32.25 17.81
N MET B 254 14.76 31.04 17.33
CA MET B 254 15.96 30.33 17.69
C MET B 254 17.18 31.11 17.20
N ASP B 255 17.07 31.78 16.05
CA ASP B 255 18.16 32.64 15.60
C ASP B 255 18.32 33.87 16.48
N ASP B 256 17.20 34.51 16.83
CA ASP B 256 17.25 35.69 17.70
C ASP B 256 17.82 35.36 19.07
N MET B 257 17.33 34.28 19.68
CA MET B 257 17.76 33.95 21.04
C MET B 257 19.23 33.54 21.11
N TYR B 258 19.67 32.63 20.24
CA TYR B 258 21.00 32.00 20.36
C TYR B 258 22.03 32.38 19.29
N HIS B 259 21.68 33.27 18.37
CA HIS B 259 22.59 33.74 17.27
C HIS B 259 23.23 32.60 16.51
N MET B 260 22.43 31.93 15.69
CA MET B 260 22.81 30.68 15.05
C MET B 260 23.32 30.83 13.62
N LYS B 261 22.86 31.84 12.91
CA LYS B 261 23.18 32.00 11.48
C LYS B 261 24.68 32.11 11.21
N GLY B 262 25.36 32.92 12.01
CA GLY B 262 26.78 33.06 11.88
C GLY B 262 27.55 31.85 12.37
N ASN B 263 27.17 31.33 13.54
CA ASN B 263 28.03 30.44 14.32
C ASN B 263 27.59 29.00 14.23
N PRO B 264 28.35 28.16 13.52
CA PRO B 264 27.97 26.77 13.62
C PRO B 264 28.01 26.27 15.06
N GLN B 265 28.85 26.85 15.90
CA GLN B 265 28.90 26.41 17.30
C GLN B 265 27.55 26.62 17.99
N ASN B 266 27.00 27.82 17.82
CA ASN B 266 25.67 28.15 18.36
C ASN B 266 24.53 27.42 17.66
N ALA B 267 24.62 27.27 16.34
CA ALA B 267 23.62 26.47 15.66
C ALA B 267 23.67 25.04 16.21
N ASN B 268 24.83 24.39 16.14
CA ASN B 268 24.95 22.99 16.56
C ASN B 268 24.58 22.68 18.02
N ASN B 269 24.66 23.69 18.90
CA ASN B 269 24.20 23.54 20.29
C ASN B 269 22.69 23.70 20.47
N HIS B 270 21.97 24.03 19.40
CA HIS B 270 20.52 24.22 19.47
C HIS B 270 19.87 23.54 18.28
N LEU B 271 20.09 22.24 18.23
CA LEU B 271 19.69 21.41 17.12
C LEU B 271 18.21 21.36 17.06
N SER B 272 17.68 21.41 15.84
CA SER B 272 16.28 21.06 15.59
C SER B 272 16.16 20.15 14.38
N TYR B 273 15.22 19.22 14.48
CA TYR B 273 14.97 18.24 13.44
C TYR B 273 13.46 18.07 13.24
N ASN B 274 13.06 18.12 11.96
CA ASN B 274 11.66 17.98 11.54
C ASN B 274 11.33 16.56 11.17
N GLU B 275 10.26 16.02 11.76
CA GLU B 275 9.74 14.72 11.34
C GLU B 275 9.07 14.96 10.01
N GLY B 276 9.39 14.16 9.00
CA GLY B 276 8.89 14.39 7.64
C GLY B 276 9.94 14.13 6.57
N TYR B 277 9.73 13.07 5.78
CA TYR B 277 10.75 12.60 4.84
C TYR B 277 10.58 13.02 3.37
N ARG B 278 9.44 13.60 3.01
CA ARG B 278 9.18 14.04 1.62
C ARG B 278 10.35 14.78 1.08
N SER B 279 10.87 14.36 -0.07
CA SER B 279 12.07 14.95 -0.65
C SER B 279 11.88 16.43 -0.98
N SER B 280 10.64 16.83 -1.15
CA SER B 280 10.32 18.21 -1.33
C SER B 280 10.72 19.01 -0.10
N ALA B 281 10.64 18.38 1.08
CA ALA B 281 10.98 19.04 2.34
C ALA B 281 12.45 19.43 2.41
N ALA B 282 13.31 18.63 1.82
CA ALA B 282 14.73 18.91 1.81
C ALA B 282 15.02 20.15 0.97
N ARG B 283 14.45 20.15 -0.23
CA ARG B 283 14.44 21.31 -1.14
C ARG B 283 14.10 22.62 -0.43
N MET B 284 12.95 22.61 0.25
CA MET B 284 12.41 23.73 1.04
C MET B 284 13.44 24.19 2.05
N LEU B 285 13.88 23.25 2.87
CA LEU B 285 14.86 23.55 3.92
C LEU B 285 16.09 24.13 3.27
N ASN B 286 16.64 23.46 2.27
CA ASN B 286 17.79 24.00 1.54
C ASN B 286 17.56 25.43 1.04
N LYS B 287 16.46 25.67 0.34
CA LYS B 287 16.21 27.01 -0.19
C LYS B 287 16.15 28.04 0.94
N LYS B 288 15.72 27.61 2.13
CA LYS B 288 15.63 28.50 3.29
C LYS B 288 16.87 28.55 4.19
N GLY B 289 17.98 27.95 3.79
CA GLY B 289 19.16 27.94 4.65
C GLY B 289 19.14 27.00 5.86
N ASN B 290 18.30 25.97 5.79
CA ASN B 290 18.31 24.86 6.76
C ASN B 290 18.10 25.23 8.24
N PRO B 291 17.01 25.97 8.54
CA PRO B 291 16.66 26.27 9.94
C PRO B 291 16.52 24.98 10.80
N GLN B 292 15.99 23.92 10.19
CA GLN B 292 15.96 22.59 10.82
C GLN B 292 16.63 21.50 9.94
N LEU B 293 16.88 20.36 10.58
CA LEU B 293 17.35 19.13 9.95
C LEU B 293 16.24 18.34 9.24
N TYR B 294 16.43 18.07 7.95
CA TYR B 294 15.52 17.20 7.17
C TYR B 294 15.53 15.71 7.63
N MET B 295 14.37 15.06 7.71
CA MET B 295 14.32 13.62 8.02
C MET B 295 14.48 12.80 6.75
N ASP B 296 15.61 12.10 6.66
CA ASP B 296 15.99 11.33 5.49
C ASP B 296 15.28 10.00 5.51
N TYR B 297 15.17 9.39 4.32
CA TYR B 297 14.38 8.18 4.15
C TYR B 297 15.17 6.90 4.30
N VAL B 298 16.47 7.00 4.55
CA VAL B 298 17.42 5.86 4.44
C VAL B 298 17.10 4.66 5.34
N GLY B 299 16.39 4.89 6.44
CA GLY B 299 15.92 3.79 7.26
C GLY B 299 14.98 2.88 6.49
N SER B 300 14.14 3.49 5.66
CA SER B 300 13.26 2.73 4.82
C SER B 300 14.08 1.86 3.87
N THR B 301 15.03 2.45 3.15
CA THR B 301 16.02 1.67 2.37
C THR B 301 16.62 0.51 3.19
N LEU B 302 16.99 0.81 4.42
CA LEU B 302 17.67 -0.13 5.29
C LEU B 302 16.82 -1.32 5.62
N GLY B 303 15.54 -1.11 5.91
CA GLY B 303 14.64 -2.21 6.18
C GLY B 303 14.29 -2.97 4.92
N ASN B 304 14.19 -2.24 3.81
CA ASN B 304 13.95 -2.84 2.50
C ASN B 304 15.10 -3.70 1.99
N VAL B 305 16.34 -3.30 2.23
CA VAL B 305 17.52 -4.05 1.72
C VAL B 305 18.02 -5.15 2.66
N LEU B 306 17.95 -4.90 3.97
CA LEU B 306 18.44 -5.83 5.01
C LEU B 306 17.33 -6.46 5.85
N GLY B 307 16.25 -5.73 6.12
CA GLY B 307 15.31 -6.07 7.21
C GLY B 307 14.20 -7.07 6.91
N ARG B 308 13.80 -7.13 5.64
CA ARG B 308 12.76 -8.06 5.21
C ARG B 308 13.23 -9.50 5.25
N ALA B 309 12.29 -10.43 5.39
CA ALA B 309 12.62 -11.84 5.24
C ALA B 309 12.70 -12.18 3.78
N ASN B 310 11.62 -11.91 3.03
CA ASN B 310 11.55 -12.12 1.58
C ASN B 310 11.92 -10.83 0.85
N ASN B 311 12.09 -10.92 -0.46
CA ASN B 311 11.93 -9.76 -1.34
C ASN B 311 12.90 -8.61 -1.07
N ARG B 312 14.17 -8.95 -0.83
CA ARG B 312 15.15 -7.94 -0.41
C ARG B 312 15.75 -7.11 -1.56
N ASP B 313 15.61 -5.80 -1.46
CA ASP B 313 16.10 -4.89 -2.49
C ASP B 313 17.59 -5.07 -2.59
N THR B 314 18.17 -4.83 -3.78
CA THR B 314 19.58 -5.11 -3.98
C THR B 314 20.37 -4.20 -3.07
N ILE B 315 21.59 -4.64 -2.78
CA ILE B 315 22.52 -3.95 -1.91
C ILE B 315 22.86 -2.53 -2.41
N SER B 316 22.93 -2.33 -3.72
CA SER B 316 23.33 -1.01 -4.25
C SER B 316 22.44 0.15 -3.72
N ASN B 317 21.20 -0.15 -3.35
CA ASN B 317 20.28 0.87 -2.81
C ASN B 317 20.70 1.55 -1.52
N LEU B 318 21.66 1.00 -0.79
CA LEU B 318 22.21 1.70 0.36
C LEU B 318 23.09 2.88 -0.07
N ILE B 319 23.43 2.90 -1.34
CA ILE B 319 24.25 3.94 -1.95
C ILE B 319 23.42 5.17 -2.41
N THR B 320 22.28 4.91 -3.05
CA THR B 320 21.52 5.97 -3.72
C THR B 320 20.17 6.21 -3.09
N GLY B 321 19.76 5.33 -2.18
CA GLY B 321 18.42 5.37 -1.58
C GLY B 321 18.28 6.27 -0.36
N SER B 322 18.84 7.48 -0.46
CA SER B 322 18.83 8.49 0.59
C SER B 322 18.86 9.85 -0.10
N ILE B 323 18.54 10.89 0.65
CA ILE B 323 18.69 12.25 0.13
C ILE B 323 20.17 12.58 -0.09
N VAL B 324 21.06 11.74 0.45
CA VAL B 324 22.50 11.82 0.18
C VAL B 324 22.99 10.62 -0.60
N ASN B 325 23.66 10.87 -1.71
CA ASN B 325 24.29 9.80 -2.49
C ASN B 325 25.73 9.59 -2.03
N ARG B 326 26.06 8.37 -1.65
CA ARG B 326 27.35 8.09 -1.04
C ARG B 326 28.23 7.18 -1.90
N GLN B 327 27.97 7.19 -3.22
CA GLN B 327 28.79 6.41 -4.14
C GLN B 327 30.23 6.80 -3.89
N ASN B 328 30.45 8.10 -3.73
CA ASN B 328 31.73 8.63 -3.30
C ASN B 328 31.58 10.06 -2.76
N ASP B 329 31.23 10.20 -1.48
CA ASP B 329 30.88 11.50 -0.89
C ASP B 329 32.08 12.03 -0.10
N VAL B 330 32.75 13.01 -0.70
CA VAL B 330 34.09 13.43 -0.29
C VAL B 330 34.16 14.94 -0.10
N THR B 331 33.00 15.58 -0.01
CA THR B 331 32.95 17.04 0.13
C THR B 331 32.22 17.33 1.42
N GLU B 332 32.24 18.58 1.85
CA GLU B 332 31.43 19.05 2.98
C GLU B 332 30.44 20.14 2.54
N ASN B 333 29.55 20.50 3.45
CA ASN B 333 28.60 21.56 3.23
C ASN B 333 27.81 21.49 1.94
N GLU B 334 27.72 20.33 1.31
CA GLU B 334 26.88 20.16 0.12
C GLU B 334 25.64 19.32 0.38
N ALA B 335 25.77 18.28 1.18
CA ALA B 335 24.63 17.45 1.52
C ALA B 335 23.54 18.30 2.21
N THR B 336 22.28 17.96 1.99
CA THR B 336 21.19 18.48 2.82
C THR B 336 21.43 18.05 4.25
N PRO B 337 21.42 19.00 5.20
CA PRO B 337 21.55 18.63 6.60
C PRO B 337 20.36 17.80 7.10
N ASN B 338 20.65 16.59 7.57
CA ASN B 338 19.60 15.60 7.81
C ASN B 338 19.82 14.71 9.01
N TRP B 339 18.73 14.07 9.44
CA TRP B 339 18.79 13.11 10.50
C TRP B 339 18.18 11.83 9.97
N SER B 340 18.74 10.70 10.34
CA SER B 340 18.33 9.40 9.81
C SER B 340 18.31 8.37 10.92
N PHE B 341 17.78 7.18 10.63
CA PHE B 341 17.54 6.21 11.68
C PHE B 341 17.34 4.82 11.09
N VAL B 342 17.36 3.83 11.97
CA VAL B 342 16.95 2.50 11.60
C VAL B 342 15.48 2.31 11.89
N THR B 343 15.07 2.71 13.09
CA THR B 343 13.70 2.52 13.55
C THR B 343 13.19 3.78 14.22
N ASN B 344 11.88 4.05 14.05
CA ASN B 344 11.16 5.08 14.82
C ASN B 344 9.97 4.50 15.58
N HIS B 345 9.49 5.25 16.56
CA HIS B 345 8.25 4.92 17.29
C HIS B 345 7.07 4.52 16.36
N ASP B 346 6.96 5.20 15.22
CA ASP B 346 5.88 4.94 14.26
C ASP B 346 6.08 3.62 13.46
N GLN B 347 7.30 3.30 13.03
CA GLN B 347 7.57 1.95 12.46
C GLN B 347 7.24 0.79 13.41
N ARG B 348 7.67 0.88 14.66
CA ARG B 348 7.47 -0.21 15.60
C ARG B 348 5.97 -0.38 15.91
N ALA B 349 5.22 0.71 15.90
CA ALA B 349 3.77 0.61 16.08
C ALA B 349 3.07 0.01 14.85
N ASN B 350 3.51 0.37 13.66
CA ASN B 350 2.87 -0.15 12.46
C ASN B 350 2.89 -1.66 12.52
N LEU B 351 4.03 -2.19 12.94
CA LEU B 351 4.27 -3.64 13.01
C LEU B 351 3.44 -4.32 14.12
N ILE B 352 3.42 -3.74 15.31
CA ILE B 352 2.59 -4.28 16.38
C ILE B 352 1.09 -4.21 16.07
N ASN B 353 0.60 -3.06 15.58
CA ASN B 353 -0.78 -3.00 15.07
C ASN B 353 -1.13 -3.95 13.95
N GLY B 354 -0.24 -4.20 12.99
CA GLY B 354 -0.51 -5.18 11.95
C GLY B 354 -0.68 -6.60 12.51
N LEU B 355 0.10 -6.87 13.55
CA LEU B 355 0.01 -8.12 14.27
C LEU B 355 -1.28 -8.22 15.03
N ILE B 356 -1.80 -7.11 15.53
CA ILE B 356 -3.04 -7.13 16.29
C ILE B 356 -4.18 -7.60 15.38
N ILE B 357 -4.28 -7.05 14.16
CA ILE B 357 -5.38 -7.42 13.25
C ILE B 357 -5.21 -8.82 12.63
N LYS B 358 -3.97 -9.29 12.48
CA LYS B 358 -3.71 -10.67 12.05
C LYS B 358 -4.16 -11.67 13.11
N ASP B 359 -3.76 -11.44 14.36
CA ASP B 359 -4.10 -12.35 15.45
C ASP B 359 -5.57 -12.27 15.87
N HIS B 360 -6.30 -11.25 15.41
CA HIS B 360 -7.72 -11.10 15.78
C HIS B 360 -8.53 -10.48 14.65
N PRO B 361 -9.45 -11.26 14.03
CA PRO B 361 -10.02 -10.82 12.76
C PRO B 361 -10.66 -9.43 12.88
N GLY B 362 -9.91 -8.39 12.50
CA GLY B 362 -10.33 -6.99 12.64
C GLY B 362 -11.29 -6.68 13.79
N ALA B 363 -11.20 -7.45 14.87
CA ALA B 363 -12.25 -7.56 15.91
C ALA B 363 -12.27 -6.39 16.91
N TYR B 364 -13.06 -6.53 17.97
CA TYR B 364 -13.01 -5.60 19.10
C TYR B 364 -11.58 -5.55 19.64
N LYS B 365 -10.98 -4.37 19.65
CA LYS B 365 -9.57 -4.18 20.03
C LYS B 365 -9.30 -4.32 21.56
N ALA B 366 -9.79 -5.39 22.18
CA ALA B 366 -9.45 -5.70 23.59
C ALA B 366 -7.91 -5.80 23.70
N GLU B 367 -7.36 -5.56 24.88
CA GLU B 367 -5.89 -5.47 25.02
C GLU B 367 -5.17 -6.83 24.95
N TYR B 368 -5.18 -7.41 23.75
CA TYR B 368 -4.27 -8.48 23.35
C TYR B 368 -3.17 -7.87 22.46
N ALA B 369 -2.62 -6.80 23.00
CA ALA B 369 -1.38 -6.25 22.56
C ALA B 369 -0.28 -6.81 23.47
N ASN B 370 -0.65 -7.50 24.56
CA ASN B 370 0.31 -8.33 25.32
C ASN B 370 0.65 -9.55 24.50
N GLN B 371 -0.31 -10.00 23.71
CA GLN B 371 -0.13 -11.12 22.80
C GLN B 371 0.75 -10.75 21.62
N ALA B 372 0.56 -9.57 21.07
CA ALA B 372 1.36 -9.14 19.93
C ALA B 372 2.80 -8.96 20.37
N TRP B 373 2.98 -8.47 21.60
CA TRP B 373 4.33 -8.14 22.07
C TRP B 373 5.11 -9.40 22.39
N GLN B 374 4.41 -10.41 22.92
CA GLN B 374 5.04 -11.71 23.20
C GLN B 374 5.49 -12.35 21.89
N GLU B 375 4.67 -12.20 20.86
CA GLU B 375 4.99 -12.73 19.55
C GLU B 375 6.20 -12.05 18.92
N PHE B 376 6.32 -10.75 19.17
CA PHE B 376 7.45 -9.95 18.68
C PHE B 376 8.75 -10.43 19.36
N TYR B 377 8.73 -10.47 20.69
CA TYR B 377 9.89 -10.93 21.45
C TYR B 377 10.31 -12.36 21.01
N ALA B 378 9.33 -13.19 20.69
CA ALA B 378 9.56 -14.56 20.27
C ALA B 378 10.19 -14.61 18.85
N ASP B 379 9.55 -13.92 17.91
CA ASP B 379 10.08 -13.84 16.55
C ASP B 379 11.46 -13.15 16.48
N GLN B 380 11.65 -12.17 17.37
CA GLN B 380 12.91 -11.45 17.52
C GLN B 380 14.12 -12.34 17.75
N LYS B 381 13.94 -13.40 18.53
CA LYS B 381 15.05 -14.29 18.90
C LYS B 381 15.36 -15.36 17.85
N LYS B 382 14.39 -15.69 17.00
CA LYS B 382 14.52 -16.82 16.07
C LYS B 382 15.39 -16.41 14.91
N THR B 383 16.02 -17.39 14.27
CA THR B 383 16.75 -17.16 13.04
C THR B 383 15.79 -16.85 11.92
N ASP B 384 14.88 -17.79 11.69
CA ASP B 384 13.92 -17.65 10.60
C ASP B 384 12.74 -16.80 11.07
N LYS B 385 12.93 -15.48 11.10
CA LYS B 385 11.91 -14.60 11.65
C LYS B 385 10.78 -14.44 10.63
N GLN B 386 9.56 -14.25 11.13
CA GLN B 386 8.39 -13.98 10.28
C GLN B 386 8.03 -12.48 10.20
N TYR B 387 8.09 -11.77 11.33
CA TYR B 387 7.78 -10.34 11.41
C TYR B 387 9.04 -9.52 11.60
N ALA B 388 9.57 -9.51 12.85
CA ALA B 388 10.69 -8.64 13.28
C ALA B 388 11.82 -8.46 12.25
N GLN B 389 12.44 -7.30 12.30
CA GLN B 389 13.48 -6.99 11.37
C GLN B 389 14.61 -8.02 11.43
N TYR B 390 15.00 -8.49 10.24
CA TYR B 390 16.26 -9.19 10.07
C TYR B 390 17.40 -8.17 10.09
N ASN B 391 18.62 -8.63 10.39
CA ASN B 391 19.81 -7.82 10.21
C ASN B 391 19.89 -6.48 10.97
N VAL B 392 19.37 -6.45 12.18
CA VAL B 392 19.39 -5.22 12.95
C VAL B 392 20.80 -4.70 13.25
N PRO B 393 21.76 -5.57 13.60
CA PRO B 393 23.11 -5.06 13.78
C PRO B 393 23.72 -4.44 12.54
N ALA B 394 23.52 -5.08 11.40
CA ALA B 394 24.00 -4.55 10.14
C ALA B 394 23.38 -3.20 9.78
N GLN B 395 22.10 -2.99 10.06
CA GLN B 395 21.45 -1.72 9.71
C GLN B 395 22.08 -0.54 10.50
N TYR B 396 22.28 -0.75 11.80
CA TYR B 396 22.99 0.23 12.62
C TYR B 396 24.45 0.38 12.18
N ALA B 397 25.07 -0.69 11.67
CA ALA B 397 26.44 -0.58 11.21
C ALA B 397 26.54 0.41 10.06
N ILE B 398 25.59 0.30 9.13
CA ILE B 398 25.49 1.17 7.99
C ILE B 398 25.23 2.63 8.42
N LEU B 399 24.24 2.78 9.28
CA LEU B 399 23.81 4.08 9.75
C LEU B 399 24.90 4.81 10.53
N LEU B 400 25.68 4.04 11.28
CA LEU B 400 26.62 4.66 12.20
C LEU B 400 27.90 4.95 11.51
N SER B 401 28.06 4.35 10.34
CA SER B 401 29.20 4.60 9.50
C SER B 401 28.84 5.65 8.43
N ASN B 402 27.54 5.94 8.25
CA ASN B 402 27.10 6.85 7.17
C ASN B 402 27.49 8.31 7.45
N LYS B 403 28.13 8.91 6.45
CA LYS B 403 28.54 10.30 6.46
C LYS B 403 27.39 11.20 6.10
N ASP B 404 27.47 12.45 6.55
CA ASP B 404 26.46 13.45 6.22
C ASP B 404 25.11 12.95 6.68
N THR B 405 24.99 12.76 7.98
CA THR B 405 23.72 12.58 8.62
C THR B 405 23.98 12.72 10.12
N VAL B 406 22.94 13.02 10.88
CA VAL B 406 22.97 12.91 12.35
C VAL B 406 22.14 11.66 12.71
N PRO B 407 22.80 10.53 12.98
CA PRO B 407 22.04 9.30 13.17
C PRO B 407 21.25 9.29 14.49
N GLN B 408 20.08 8.63 14.46
CA GLN B 408 19.12 8.58 15.58
C GLN B 408 18.87 7.13 16.02
N ILE B 409 19.18 6.84 17.28
CA ILE B 409 19.00 5.50 17.81
C ILE B 409 17.64 5.38 18.46
N TYR B 410 17.02 4.20 18.32
CA TYR B 410 15.71 3.91 18.97
C TYR B 410 15.90 3.26 20.32
N TYR B 411 15.38 3.87 21.38
CA TYR B 411 15.34 3.23 22.70
C TYR B 411 15.06 1.73 22.64
N GLY B 412 14.06 1.39 21.84
CA GLY B 412 13.57 0.05 21.70
C GLY B 412 14.49 -0.91 21.02
N ASP B 413 15.53 -0.41 20.39
CA ASP B 413 16.48 -1.31 19.80
C ASP B 413 17.54 -1.69 20.83
N LEU B 414 17.72 -0.86 21.86
CA LEU B 414 18.64 -1.16 23.01
C LEU B 414 18.00 -1.87 24.22
N TYR B 415 16.69 -1.73 24.34
CA TYR B 415 15.94 -2.14 25.52
C TYR B 415 14.63 -2.79 25.10
N ASN B 416 14.11 -3.71 25.92
CA ASN B 416 12.77 -4.21 25.72
C ASN B 416 11.77 -3.15 26.13
N GLU B 417 11.23 -2.48 25.13
CA GLU B 417 10.45 -1.28 25.35
C GLU B 417 9.18 -1.41 26.20
N THR B 418 8.64 -2.62 26.36
CA THR B 418 7.42 -2.80 27.16
C THR B 418 7.72 -3.15 28.60
N ALA B 419 8.95 -3.54 28.91
CA ALA B 419 9.32 -3.72 30.28
C ALA B 419 9.51 -2.34 30.85
N GLN B 420 9.61 -2.25 32.17
CA GLN B 420 9.81 -0.96 32.84
C GLN B 420 11.07 -0.26 32.30
N TYR B 421 11.04 1.07 32.27
CA TYR B 421 12.05 1.83 31.55
C TYR B 421 13.44 1.40 31.95
N MET B 422 14.18 0.94 30.95
CA MET B 422 15.58 0.45 31.04
C MET B 422 15.84 -0.81 31.86
N GLN B 423 14.79 -1.38 32.47
CA GLN B 423 14.92 -2.62 33.23
C GLN B 423 15.49 -3.79 32.41
N GLU B 424 15.16 -3.88 31.11
CA GLU B 424 15.56 -5.03 30.28
C GLU B 424 16.27 -4.64 28.99
N LYS B 425 17.52 -5.05 28.86
CA LYS B 425 18.28 -4.82 27.64
C LYS B 425 17.84 -5.78 26.54
N SER B 426 17.86 -5.31 25.30
CA SER B 426 17.51 -6.15 24.15
C SER B 426 18.70 -7.02 23.80
N ILE B 427 18.46 -8.04 22.99
CA ILE B 427 19.54 -8.90 22.53
C ILE B 427 20.45 -8.15 21.62
N TYR B 428 19.91 -7.13 20.98
CA TYR B 428 20.70 -6.26 20.13
C TYR B 428 21.55 -5.17 20.90
N TYR B 429 21.48 -5.14 22.22
CA TYR B 429 22.15 -4.10 22.98
C TYR B 429 23.64 -4.15 22.75
N ASP B 430 24.21 -5.35 22.86
CA ASP B 430 25.67 -5.47 22.85
C ASP B 430 26.22 -5.03 21.50
N ALA B 431 25.67 -5.60 20.42
CA ALA B 431 26.05 -5.14 19.08
C ALA B 431 25.99 -3.61 18.91
N ILE B 432 24.79 -3.04 19.02
CA ILE B 432 24.57 -1.61 18.80
C ILE B 432 25.47 -0.73 19.65
N THR B 433 25.44 -0.91 20.97
CA THR B 433 26.27 -0.08 21.83
C THR B 433 27.71 -0.22 21.41
N THR B 434 28.10 -1.42 21.05
CA THR B 434 29.46 -1.59 20.55
C THR B 434 29.75 -0.68 19.36
N LEU B 435 28.84 -0.67 18.38
CA LEU B 435 28.97 0.13 17.17
C LEU B 435 28.89 1.63 17.43
N MET B 436 28.07 2.02 18.39
CA MET B 436 27.95 3.41 18.85
C MET B 436 29.28 3.93 19.41
N LYS B 437 29.92 3.13 20.24
CA LYS B 437 31.21 3.48 20.83
C LYS B 437 32.31 3.50 19.74
N ALA B 438 32.21 2.61 18.77
CA ALA B 438 33.13 2.64 17.62
C ALA B 438 33.00 3.94 16.81
N ARG B 439 31.80 4.50 16.77
CA ARG B 439 31.56 5.68 15.97
C ARG B 439 32.34 6.88 16.48
N LYS B 440 32.25 7.11 17.79
CA LYS B 440 32.95 8.19 18.45
C LYS B 440 34.45 8.10 18.21
N GLN B 441 34.96 6.88 18.30
CA GLN B 441 36.39 6.63 18.22
C GLN B 441 36.97 6.56 16.80
N PHE B 442 36.15 6.26 15.80
CA PHE B 442 36.70 5.94 14.46
C PHE B 442 36.01 6.55 13.25
N VAL B 443 34.75 6.98 13.38
CA VAL B 443 33.98 7.30 12.18
C VAL B 443 34.13 8.76 11.83
N SER B 444 34.90 8.99 10.76
CA SER B 444 35.15 10.34 10.24
C SER B 444 35.70 10.26 8.82
N GLY B 445 35.85 11.44 8.22
CA GLY B 445 36.37 11.57 6.86
C GLY B 445 35.39 11.23 5.76
N GLY B 446 35.86 11.24 4.53
CA GLY B 446 35.05 10.87 3.38
C GLY B 446 34.62 9.42 3.37
N GLN B 447 33.70 9.13 2.45
CA GLN B 447 33.03 7.84 2.39
C GLN B 447 32.92 7.33 0.97
N THR B 448 33.30 6.07 0.77
CA THR B 448 33.00 5.44 -0.49
C THR B 448 32.27 4.14 -0.25
N MET B 449 31.06 4.03 -0.81
CA MET B 449 30.26 2.82 -0.81
C MET B 449 30.42 2.11 -2.16
N THR B 450 30.93 0.87 -2.15
CA THR B 450 31.22 0.09 -3.36
C THR B 450 30.52 -1.26 -3.39
N LYS B 451 29.72 -1.46 -4.44
CA LYS B 451 29.14 -2.74 -4.82
C LYS B 451 30.23 -3.77 -5.14
N LEU B 452 30.13 -5.00 -4.63
CA LEU B 452 30.95 -6.13 -5.09
C LEU B 452 30.06 -7.38 -5.35
N SER B 453 28.76 -7.16 -5.54
CA SER B 453 27.74 -8.21 -5.80
C SER B 453 26.36 -7.49 -5.69
N ASP B 454 25.27 -8.11 -6.16
CA ASP B 454 23.90 -7.59 -5.92
C ASP B 454 23.53 -7.75 -4.44
N ASN B 455 24.31 -8.57 -3.72
CA ASN B 455 24.09 -8.85 -2.31
C ASN B 455 25.21 -8.45 -1.34
N LEU B 456 26.35 -7.97 -1.84
CA LEU B 456 27.48 -7.59 -0.97
C LEU B 456 27.96 -6.15 -1.25
N ILE B 457 28.20 -5.39 -0.18
CA ILE B 457 28.69 -4.00 -0.28
C ILE B 457 29.77 -3.70 0.78
N ALA B 458 30.68 -2.78 0.43
CA ALA B 458 31.73 -2.28 1.36
C ALA B 458 31.66 -0.78 1.57
N SER B 459 31.31 -0.35 2.76
CA SER B 459 31.17 1.09 3.04
C SER B 459 32.35 1.46 3.84
N VAL B 460 33.23 2.28 3.27
CA VAL B 460 34.45 2.70 3.93
C VAL B 460 34.46 4.21 4.22
N ARG B 461 34.77 4.54 5.47
CA ARG B 461 35.14 5.90 5.86
C ARG B 461 36.64 5.95 5.99
N TYR B 462 37.22 7.04 5.49
CA TYR B 462 38.67 7.13 5.40
C TYR B 462 39.39 7.71 6.61
N GLY B 463 38.68 8.09 7.66
CA GLY B 463 39.32 8.63 8.88
C GLY B 463 39.29 10.16 8.97
N LYS B 464 39.50 10.69 10.17
CA LYS B 464 39.38 12.14 10.39
C LYS B 464 40.41 12.88 9.56
N GLY B 465 39.96 13.89 8.80
CA GLY B 465 40.88 14.72 8.02
C GLY B 465 41.48 14.03 6.82
N VAL B 466 40.83 12.95 6.38
CA VAL B 466 41.16 12.29 5.14
C VAL B 466 39.92 12.46 4.30
N ALA B 467 39.97 13.38 3.36
CA ALA B 467 38.79 13.74 2.55
C ALA B 467 38.32 12.63 1.60
N ASN B 468 39.23 11.81 1.12
CA ASN B 468 38.89 10.82 0.09
C ASN B 468 39.90 9.70 0.05
N ALA B 469 39.76 8.78 -0.90
CA ALA B 469 40.61 7.61 -0.97
C ALA B 469 42.11 7.98 -1.10
N ASN B 470 42.44 9.04 -1.86
CA ASN B 470 43.84 9.40 -2.13
C ASN B 470 44.58 10.29 -1.12
N SER B 471 43.87 10.81 -0.13
CA SER B 471 44.46 11.76 0.80
C SER B 471 45.46 11.12 1.75
N GLU B 472 46.51 11.89 2.07
CA GLU B 472 47.53 11.49 3.05
C GLU B 472 46.95 11.52 4.47
N GLY B 473 46.40 12.67 4.83
CA GLY B 473 45.79 12.88 6.12
C GLY B 473 46.28 14.16 6.74
N THR B 474 45.34 15.04 7.10
CA THR B 474 45.66 16.30 7.79
C THR B 474 45.81 16.04 9.28
N ASP B 475 44.71 15.65 9.92
CA ASP B 475 44.64 15.47 11.37
C ASP B 475 45.61 14.37 11.84
N SER B 476 46.05 14.44 13.09
CA SER B 476 46.92 13.42 13.65
C SER B 476 46.20 12.09 14.00
N LEU B 477 44.86 12.10 14.04
CA LEU B 477 44.08 10.85 14.17
C LEU B 477 43.82 10.17 12.82
N SER B 478 44.06 10.89 11.72
CA SER B 478 43.86 10.39 10.36
C SER B 478 44.32 8.95 10.14
N ARG B 479 45.50 8.63 10.63
CA ARG B 479 46.07 7.32 10.39
C ARG B 479 45.22 6.24 11.08
N THR B 480 44.98 6.42 12.38
CA THR B 480 44.32 5.39 13.19
C THR B 480 42.79 5.53 13.31
N SER B 481 42.16 6.17 12.33
CA SER B 481 40.71 6.24 12.30
C SER B 481 40.22 5.81 10.92
N GLY B 482 38.90 5.85 10.71
CA GLY B 482 38.29 5.20 9.56
C GLY B 482 37.69 3.84 9.92
N MET B 483 36.95 3.27 8.97
CA MET B 483 36.22 2.01 9.18
C MET B 483 35.78 1.37 7.86
N ALA B 484 35.79 0.05 7.82
CA ALA B 484 35.10 -0.68 6.75
C ALA B 484 33.91 -1.43 7.35
N VAL B 485 32.77 -1.30 6.70
CA VAL B 485 31.59 -2.03 7.10
C VAL B 485 31.21 -2.90 5.92
N ILE B 486 31.33 -4.21 6.04
CA ILE B 486 30.89 -5.06 4.95
C ILE B 486 29.54 -5.70 5.29
N VAL B 487 28.56 -5.54 4.40
CA VAL B 487 27.23 -6.07 4.61
C VAL B 487 26.80 -6.95 3.44
N GLY B 488 26.43 -8.18 3.76
CA GLY B 488 25.85 -9.07 2.77
C GLY B 488 24.41 -9.29 3.14
N ASN B 489 23.52 -9.23 2.16
CA ASN B 489 22.09 -9.41 2.45
C ASN B 489 21.56 -10.73 1.92
N ASN B 490 22.48 -11.65 1.60
CA ASN B 490 22.08 -12.98 1.22
C ASN B 490 22.68 -14.05 2.10
N PRO B 491 21.83 -14.79 2.85
CA PRO B 491 22.33 -15.77 3.79
C PRO B 491 22.92 -17.00 3.14
N GLN B 492 22.68 -17.12 1.82
CA GLN B 492 23.16 -18.24 1.00
C GLN B 492 24.42 -17.87 0.23
N MET B 493 24.98 -16.71 0.51
CA MET B 493 26.10 -16.24 -0.29
C MET B 493 27.30 -17.19 -0.16
N ALA B 494 27.85 -17.58 -1.31
CA ALA B 494 29.01 -18.50 -1.39
C ALA B 494 30.26 -17.91 -0.71
N GLU B 495 31.00 -18.74 0.04
CA GLU B 495 32.21 -18.28 0.72
C GLU B 495 33.21 -17.73 -0.30
N GLN B 496 33.92 -16.66 0.03
CA GLN B 496 34.77 -15.98 -0.95
C GLN B 496 35.69 -14.94 -0.31
N THR B 497 36.74 -14.58 -1.06
CA THR B 497 37.68 -13.50 -0.69
C THR B 497 37.24 -12.17 -1.33
N ILE B 498 37.32 -11.05 -0.60
CA ILE B 498 37.06 -9.73 -1.19
C ILE B 498 38.21 -8.78 -0.94
N SER B 499 38.18 -7.65 -1.66
CA SER B 499 39.17 -6.60 -1.52
C SER B 499 38.47 -5.29 -1.29
N ILE B 500 38.99 -4.54 -0.34
CA ILE B 500 38.34 -3.36 0.14
C ILE B 500 39.40 -2.27 0.13
N ASN B 501 39.17 -1.19 -0.61
CA ASN B 501 40.11 -0.08 -0.59
C ASN B 501 39.91 0.81 0.63
N MET B 502 40.83 0.71 1.59
CA MET B 502 40.79 1.51 2.83
C MET B 502 41.33 2.95 2.70
N GLY B 503 41.73 3.35 1.48
CA GLY B 503 42.31 4.67 1.20
C GLY B 503 43.81 4.55 1.29
N ARG B 504 44.53 5.44 0.60
CA ARG B 504 46.01 5.50 0.65
C ARG B 504 46.59 5.91 2.03
N ALA B 505 45.78 6.55 2.87
CA ALA B 505 46.20 6.89 4.24
C ALA B 505 46.41 5.69 5.14
N HIS B 506 46.13 4.48 4.62
CA HIS B 506 46.13 3.24 5.43
C HIS B 506 46.87 2.11 4.75
N ALA B 507 47.98 2.47 4.10
CA ALA B 507 48.91 1.51 3.54
C ALA B 507 49.55 0.76 4.70
N ASN B 508 49.70 -0.56 4.56
CA ASN B 508 50.44 -1.39 5.53
C ASN B 508 50.07 -1.09 6.98
N GLU B 509 48.78 -1.28 7.28
CA GLU B 509 48.21 -0.96 8.59
C GLU B 509 47.43 -2.12 9.15
N GLN B 510 47.50 -2.25 10.47
CA GLN B 510 46.84 -3.33 11.17
C GLN B 510 45.41 -2.92 11.42
N TYR B 511 44.51 -3.92 11.33
CA TYR B 511 43.06 -3.71 11.47
C TYR B 511 42.43 -4.73 12.42
N ARG B 512 41.81 -4.20 13.44
CA ARG B 512 41.13 -5.02 14.41
C ARG B 512 39.84 -5.58 13.84
N ASN B 513 39.58 -6.87 14.07
CA ASN B 513 38.24 -7.39 13.79
C ASN B 513 37.29 -6.89 14.87
N LEU B 514 36.66 -5.74 14.62
CA LEU B 514 35.77 -5.11 15.58
C LEU B 514 34.60 -6.03 15.87
N LEU B 515 34.03 -6.57 14.78
CA LEU B 515 32.81 -7.38 14.86
C LEU B 515 32.73 -8.26 13.63
N ASP B 516 32.58 -9.58 13.83
CA ASP B 516 32.43 -10.50 12.71
C ASP B 516 31.29 -11.45 12.99
N THR B 517 30.73 -11.99 11.91
CA THR B 517 29.63 -12.90 11.98
C THR B 517 30.21 -14.29 12.20
N THR B 518 29.46 -15.10 12.96
CA THR B 518 29.77 -16.50 13.24
C THR B 518 28.56 -17.39 13.00
N ASP B 519 28.73 -18.68 13.24
CA ASP B 519 27.65 -19.65 13.15
C ASP B 519 26.49 -19.29 14.07
N ASN B 520 26.79 -18.91 15.30
CA ASN B 520 25.72 -18.60 16.26
C ASN B 520 25.24 -17.15 16.19
N GLY B 521 26.10 -16.23 15.77
CA GLY B 521 25.74 -14.82 15.69
C GLY B 521 26.89 -13.90 15.34
N LEU B 522 27.34 -13.14 16.35
CA LEU B 522 28.46 -12.21 16.21
C LEU B 522 29.52 -12.45 17.26
N THR B 523 30.78 -12.39 16.88
CA THR B 523 31.85 -12.41 17.87
C THR B 523 32.51 -11.04 17.92
N TYR B 524 33.02 -10.67 19.10
CA TYR B 524 33.61 -9.33 19.28
C TYR B 524 35.14 -9.41 19.32
N ASN B 525 35.66 -10.64 19.28
CA ASN B 525 37.11 -10.86 19.41
C ASN B 525 37.70 -11.79 18.33
N ALA B 526 36.95 -12.01 17.25
CA ALA B 526 37.25 -13.00 16.22
C ALA B 526 36.88 -14.50 16.52
N ASP B 527 36.70 -14.91 17.77
CA ASP B 527 36.41 -16.34 18.02
C ASP B 527 35.25 -16.81 17.19
N GLY B 528 35.46 -17.82 16.35
CA GLY B 528 34.36 -18.49 15.65
C GLY B 528 33.93 -17.89 14.32
N ALA B 529 34.67 -16.89 13.86
CA ALA B 529 34.41 -16.20 12.60
C ALA B 529 35.25 -16.82 11.52
N GLU B 530 35.25 -16.22 10.32
CA GLU B 530 36.10 -16.70 9.21
C GLU B 530 37.38 -15.90 9.07
N ASN B 531 37.51 -14.84 9.87
CA ASN B 531 38.71 -13.99 9.85
C ASN B 531 39.38 -13.93 11.23
N PRO B 532 40.71 -13.77 11.23
CA PRO B 532 41.46 -13.62 12.46
C PRO B 532 41.17 -12.27 13.12
N GLU B 533 41.80 -12.02 14.27
CA GLU B 533 41.53 -10.82 15.03
C GLU B 533 42.20 -9.59 14.42
N THR B 534 43.30 -9.79 13.71
CA THR B 534 43.96 -8.66 13.06
C THR B 534 44.35 -9.01 11.62
N LEU B 535 44.15 -8.04 10.74
CA LEU B 535 44.52 -8.18 9.35
C LEU B 535 45.25 -6.91 8.97
N THR B 536 46.08 -7.02 7.93
CA THR B 536 46.95 -5.93 7.50
C THR B 536 46.68 -5.59 6.04
N THR B 537 46.77 -4.31 5.70
CA THR B 537 46.57 -3.86 4.32
C THR B 537 47.89 -4.02 3.54
N ASP B 538 47.78 -4.21 2.22
CA ASP B 538 48.97 -4.23 1.34
C ASP B 538 49.51 -2.81 1.15
N ASP B 539 50.44 -2.59 0.23
CA ASP B 539 51.04 -1.25 0.16
C ASP B 539 50.16 -0.22 -0.60
N ASN B 540 49.06 -0.68 -1.20
CA ASN B 540 48.05 0.23 -1.77
C ASN B 540 46.87 0.53 -0.82
N GLY B 541 46.87 -0.08 0.35
CA GLY B 541 45.79 0.13 1.31
C GLY B 541 44.57 -0.72 1.01
N ILE B 542 44.79 -1.86 0.37
CA ILE B 542 43.72 -2.80 0.09
C ILE B 542 43.69 -3.87 1.21
N LEU B 543 42.50 -4.11 1.77
CA LEU B 543 42.28 -5.17 2.76
C LEU B 543 41.73 -6.44 2.09
N LYS B 544 42.33 -7.58 2.42
CA LYS B 544 41.85 -8.89 2.01
C LYS B 544 41.02 -9.48 3.17
N VAL B 545 39.75 -9.75 2.90
CA VAL B 545 38.83 -10.31 3.91
C VAL B 545 38.07 -11.52 3.33
N THR B 546 37.71 -12.47 4.20
CA THR B 546 36.94 -13.65 3.81
C THR B 546 35.49 -13.55 4.26
N VAL B 547 34.56 -13.63 3.33
CA VAL B 547 33.15 -13.47 3.71
C VAL B 547 32.29 -14.64 3.22
N LYS B 548 31.20 -14.93 3.95
CA LYS B 548 30.22 -15.89 3.48
C LYS B 548 28.85 -15.63 4.08
N GLY B 549 27.84 -16.28 3.50
CA GLY B 549 26.49 -16.26 4.00
C GLY B 549 26.32 -17.02 5.32
N TYR B 550 25.66 -16.35 6.26
CA TYR B 550 25.32 -16.88 7.54
C TYR B 550 23.84 -16.63 7.77
N SER B 551 23.26 -17.45 8.64
CA SER B 551 21.85 -17.35 8.93
C SER B 551 21.66 -17.69 10.40
N ASN B 552 21.43 -16.66 11.20
CA ASN B 552 21.19 -16.82 12.62
C ASN B 552 20.45 -15.58 13.12
N PRO B 553 20.09 -15.55 14.38
CA PRO B 553 19.24 -14.45 14.80
C PRO B 553 19.84 -13.05 14.62
N TYR B 554 21.14 -12.94 14.60
CA TYR B 554 21.74 -11.61 14.49
C TYR B 554 21.94 -11.21 13.00
N VAL B 555 22.20 -12.20 12.16
CA VAL B 555 22.58 -11.95 10.76
C VAL B 555 21.90 -12.92 9.82
N SER B 556 21.28 -12.37 8.79
CA SER B 556 20.79 -13.15 7.66
C SER B 556 21.44 -12.58 6.41
N GLY B 557 22.69 -13.00 6.21
CA GLY B 557 23.56 -12.39 5.23
C GLY B 557 24.98 -12.45 5.73
N TYR B 558 25.64 -11.30 5.81
CA TYR B 558 26.96 -11.22 6.38
C TYR B 558 27.09 -9.84 6.97
N LEU B 559 27.80 -9.76 8.09
CA LEU B 559 28.22 -8.49 8.67
C LEU B 559 29.66 -8.62 9.22
N GLY B 560 30.50 -7.66 8.86
CA GLY B 560 31.82 -7.54 9.44
C GLY B 560 32.26 -6.10 9.48
N VAL B 561 32.95 -5.73 10.56
CA VAL B 561 33.44 -4.37 10.70
C VAL B 561 34.93 -4.32 11.05
N TRP B 562 35.66 -3.43 10.36
CA TRP B 562 37.12 -3.31 10.56
C TRP B 562 37.52 -1.88 10.87
N VAL B 563 38.29 -1.75 11.94
CA VAL B 563 38.77 -0.46 12.36
C VAL B 563 40.25 -0.61 12.66
N PRO B 564 41.00 0.47 12.52
CA PRO B 564 42.41 0.46 12.85
C PRO B 564 42.71 -0.05 14.25
N VAL B 565 43.81 -0.78 14.39
CA VAL B 565 44.39 -1.09 15.68
C VAL B 565 45.00 0.14 16.35
N VAL B 566 44.66 0.36 17.62
CA VAL B 566 45.24 1.43 18.43
C VAL B 566 45.51 0.94 19.87
N SER B 567 46.33 1.68 20.60
CA SER B 567 46.61 1.37 22.00
C SER B 567 45.81 2.28 22.92
N VAL B 568 45.19 3.31 22.34
CA VAL B 568 44.58 4.40 23.11
C VAL B 568 43.13 4.67 22.73
N ASN B 569 42.39 5.26 23.66
CA ASN B 569 41.11 5.87 23.31
C ASN B 569 41.37 7.00 22.36
N GLN B 570 40.45 7.18 21.42
CA GLN B 570 40.46 8.35 20.56
C GLN B 570 39.04 8.85 20.30
N ASP B 571 38.93 10.13 19.99
CA ASP B 571 37.64 10.75 19.72
C ASP B 571 37.81 11.59 18.50
N VAL B 572 37.10 11.22 17.44
CA VAL B 572 37.26 11.86 16.16
C VAL B 572 36.21 12.92 15.91
N THR B 573 35.50 13.35 16.96
CA THR B 573 34.50 14.41 16.80
C THR B 573 35.19 15.72 16.35
N THR B 574 34.62 16.42 15.36
CA THR B 574 35.11 17.73 14.93
C THR B 574 34.32 18.82 15.68
N ASN B 575 35.03 19.69 16.42
CA ASN B 575 34.38 20.85 17.04
C ASN B 575 34.06 21.81 15.92
N ALA B 576 32.99 22.59 16.09
CA ALA B 576 32.59 23.57 15.10
C ALA B 576 33.33 24.89 15.37
N ALA B 577 33.76 25.63 14.35
CA ALA B 577 34.33 26.97 14.60
C ALA B 577 33.19 28.01 14.77
N THR B 578 33.50 29.20 15.29
CA THR B 578 32.46 30.24 15.60
C THR B 578 32.26 31.29 14.49
N VAL B 579 32.59 30.89 13.26
CA VAL B 579 32.26 31.65 12.06
C VAL B 579 32.10 30.62 10.91
N SER B 580 31.01 30.74 10.13
CA SER B 580 30.60 29.70 9.18
C SER B 580 31.13 29.89 7.76
N ALA B 581 31.42 28.79 7.08
CA ALA B 581 31.68 28.82 5.64
C ALA B 581 30.61 29.64 4.85
N ASP B 582 29.43 29.83 5.45
CA ASP B 582 28.30 30.54 4.82
C ASP B 582 27.38 31.19 5.89
N SER B 583 27.18 32.51 5.81
CA SER B 583 26.36 33.22 6.80
C SER B 583 24.87 33.22 6.44
N ASN B 584 24.54 32.70 5.25
CA ASN B 584 23.14 32.43 4.86
C ASN B 584 22.61 31.12 5.45
N LYS B 585 23.48 30.32 6.07
CA LYS B 585 23.11 29.01 6.56
C LYS B 585 23.03 28.96 8.07
N ILE B 586 22.06 28.17 8.55
CA ILE B 586 21.99 27.73 9.95
C ILE B 586 22.75 26.40 10.09
N PHE B 587 22.15 25.28 9.69
CA PHE B 587 22.83 24.00 9.74
C PHE B 587 23.49 23.61 8.42
N GLU B 588 24.68 22.99 8.56
CA GLU B 588 25.52 22.62 7.44
C GLU B 588 25.90 21.16 7.63
N SER B 589 25.83 20.36 6.59
CA SER B 589 26.18 18.97 6.68
C SER B 589 27.71 18.86 6.64
N ASN B 590 28.33 18.66 7.80
CA ASN B 590 29.79 18.51 7.87
C ASN B 590 30.30 17.71 9.08
N ALA B 591 31.61 17.45 9.11
CA ALA B 591 32.25 16.66 10.20
C ALA B 591 31.67 17.03 11.59
N ALA B 592 31.56 18.34 11.88
CA ALA B 592 30.99 18.84 13.14
C ALA B 592 29.55 18.33 13.36
N LEU B 593 28.67 18.52 12.38
CA LEU B 593 27.28 18.03 12.48
C LEU B 593 27.18 16.48 12.54
N ASP B 594 28.04 15.79 11.77
CA ASP B 594 28.13 14.33 11.78
C ASP B 594 28.59 13.78 13.15
N SER B 595 29.29 14.58 13.94
CA SER B 595 29.73 14.15 15.27
C SER B 595 28.58 14.04 16.27
N HIS B 596 27.45 14.68 15.97
CA HIS B 596 26.26 14.55 16.82
C HIS B 596 25.61 13.21 16.57
N MET B 597 24.85 12.75 17.55
CA MET B 597 24.09 11.52 17.47
C MET B 597 22.87 11.74 18.36
N ILE B 598 21.70 11.46 17.81
CA ILE B 598 20.42 11.59 18.53
C ILE B 598 20.00 10.25 19.15
N TYR B 599 19.28 10.31 20.29
CA TYR B 599 18.66 9.13 20.89
C TYR B 599 17.21 9.43 21.18
N GLN B 600 16.32 8.67 20.53
CA GLN B 600 14.91 8.67 20.88
C GLN B 600 14.75 7.92 22.18
N ASP B 601 14.35 8.64 23.25
CA ASP B 601 14.32 8.12 24.63
C ASP B 601 12.98 7.45 25.02
N PHE B 602 12.20 7.07 24.02
CA PHE B 602 10.90 6.49 24.30
C PHE B 602 10.33 5.61 23.23
N SER B 603 9.34 4.85 23.67
CA SER B 603 8.52 4.02 22.83
C SER B 603 7.09 4.29 23.24
N LEU B 604 6.19 4.26 22.26
CA LEU B 604 4.75 4.41 22.54
C LEU B 604 4.23 3.32 23.47
N TYR B 605 4.81 2.13 23.37
CA TYR B 605 4.39 0.97 24.19
C TYR B 605 5.27 0.86 25.44
N GLN B 606 5.63 2.00 25.99
CA GLN B 606 6.42 2.06 27.20
C GLN B 606 5.38 1.96 28.30
N PRO B 607 5.58 1.09 29.30
CA PRO B 607 4.52 0.83 30.26
C PRO B 607 4.40 1.95 31.28
N GLU B 608 3.21 2.05 31.90
CA GLU B 608 3.00 2.97 33.02
C GLU B 608 4.00 2.65 34.13
N PRO B 609 4.66 3.66 34.70
CA PRO B 609 5.52 3.33 35.83
C PRO B 609 4.70 2.84 37.00
N ILE B 610 5.26 1.88 37.75
CA ILE B 610 4.56 1.36 38.95
C ILE B 610 4.87 2.28 40.13
N SER B 611 6.12 2.35 40.52
CA SER B 611 6.57 3.32 41.54
C SER B 611 7.16 4.58 40.95
N THR B 612 7.51 5.51 41.83
CA THR B 612 8.25 6.71 41.44
C THR B 612 9.63 6.39 40.93
N GLU B 613 10.27 5.34 41.46
CA GLU B 613 11.62 4.92 41.01
C GLU B 613 11.64 4.60 39.52
N ASN B 614 10.49 4.21 38.99
CA ASN B 614 10.37 3.80 37.61
C ASN B 614 10.01 4.89 36.63
N HIS B 615 9.79 6.11 37.11
CA HIS B 615 9.62 7.24 36.19
C HIS B 615 10.84 7.33 35.28
N ALA B 616 10.59 7.24 33.98
CA ALA B 616 11.64 7.35 32.99
C ALA B 616 12.48 8.57 33.29
N TYR B 617 11.86 9.68 33.70
CA TYR B 617 12.65 10.86 34.03
C TYR B 617 13.67 10.61 35.14
N ASN B 618 13.32 9.80 36.13
CA ASN B 618 14.21 9.55 37.26
C ASN B 618 15.30 8.59 36.84
N ILE B 619 14.94 7.56 36.08
CA ILE B 619 15.93 6.62 35.57
C ILE B 619 16.87 7.24 34.58
N ILE B 620 16.39 8.20 33.78
CA ILE B 620 17.27 8.97 32.87
C ILE B 620 18.27 9.83 33.63
N ALA B 621 17.83 10.55 34.66
CA ALA B 621 18.76 11.35 35.47
C ALA B 621 19.83 10.45 36.13
N GLN B 622 19.47 9.21 36.42
CA GLN B 622 20.45 8.26 36.97
C GLN B 622 21.46 7.70 35.96
N ASN B 623 21.19 7.78 34.66
CA ASN B 623 22.09 7.20 33.66
C ASN B 623 22.58 8.18 32.60
N ALA B 624 22.76 9.43 33.01
CA ALA B 624 23.20 10.44 32.08
C ALA B 624 24.55 10.05 31.53
N GLU B 625 25.47 9.72 32.44
CA GLU B 625 26.83 9.34 32.04
C GLU B 625 26.89 8.17 31.05
N LEU B 626 25.96 7.22 31.20
CA LEU B 626 25.79 6.12 30.26
C LEU B 626 25.57 6.57 28.82
N PHE B 627 24.54 7.38 28.62
CA PHE B 627 24.27 7.96 27.29
C PHE B 627 25.49 8.68 26.78
N ASN B 628 26.14 9.45 27.65
CA ASN B 628 27.34 10.21 27.26
C ASN B 628 28.45 9.28 26.84
N ASN B 629 28.62 8.22 27.61
CA ASN B 629 29.61 7.22 27.28
C ASN B 629 29.32 6.59 25.91
N LEU B 630 28.05 6.53 25.54
CA LEU B 630 27.68 5.86 24.32
C LEU B 630 27.86 6.78 23.13
N GLY B 631 28.37 7.97 23.34
CA GLY B 631 28.62 8.84 22.22
C GLY B 631 27.42 9.67 21.87
N ILE B 632 26.36 9.56 22.68
CA ILE B 632 25.12 10.37 22.48
C ILE B 632 25.34 11.80 22.91
N THR B 633 24.91 12.71 22.05
CA THR B 633 25.10 14.15 22.23
C THR B 633 23.79 14.91 22.39
N ASP B 634 22.72 14.37 21.78
CA ASP B 634 21.45 15.07 21.67
C ASP B 634 20.28 14.10 21.96
N PHE B 635 19.54 14.43 23.02
CA PHE B 635 18.51 13.56 23.61
C PHE B 635 17.17 14.07 23.12
N TRP B 636 16.49 13.27 22.30
CA TRP B 636 15.13 13.56 21.86
C TRP B 636 14.21 12.98 22.92
N MET B 637 13.41 13.83 23.56
CA MET B 637 12.59 13.41 24.67
C MET B 637 11.14 13.38 24.25
N ALA B 638 10.38 12.50 24.86
CA ALA B 638 8.99 12.35 24.52
C ALA B 638 8.24 13.68 24.74
N PRO B 639 7.17 13.88 23.98
CA PRO B 639 6.32 14.98 24.28
C PRO B 639 5.95 14.87 25.75
N PRO B 640 6.29 15.91 26.50
CA PRO B 640 6.09 15.78 27.92
C PRO B 640 4.77 16.31 28.43
N TYR B 641 3.81 16.52 27.53
CA TYR B 641 2.60 17.28 27.87
C TYR B 641 1.56 16.36 28.55
N THR B 642 0.66 16.95 29.32
CA THR B 642 -0.44 16.20 29.95
C THR B 642 -1.38 15.65 28.89
N GLN B 643 -1.81 14.40 29.08
CA GLN B 643 -2.59 13.71 28.05
C GLN B 643 -4.08 13.48 28.42
N TYR B 644 -4.85 13.15 27.38
CA TYR B 644 -6.22 12.68 27.47
C TYR B 644 -6.28 11.38 28.29
N SER B 645 -7.13 11.36 29.32
CA SER B 645 -7.17 10.27 30.28
C SER B 645 -7.33 8.94 29.58
N GLU B 646 -8.17 8.92 28.55
CA GLU B 646 -8.63 7.67 27.93
C GLU B 646 -7.78 7.23 26.76
N SER B 647 -6.61 7.83 26.58
CA SER B 647 -5.81 7.59 25.39
C SER B 647 -5.26 6.18 25.37
N ARG B 648 -4.99 5.66 24.17
CA ARG B 648 -4.49 4.30 24.08
C ARG B 648 -3.15 4.18 24.81
N TYR B 649 -2.14 4.91 24.33
CA TYR B 649 -0.78 4.70 24.81
C TYR B 649 -0.31 5.67 25.90
N ASN B 650 -1.08 6.68 26.23
CA ASN B 650 -0.65 7.73 27.17
C ASN B 650 0.77 8.32 26.90
N ASP B 651 1.07 8.51 25.61
CA ASP B 651 2.46 8.60 25.14
C ASP B 651 3.01 10.01 24.91
N GLY B 652 2.15 11.00 24.96
CA GLY B 652 2.58 12.33 24.63
C GLY B 652 1.91 12.97 23.41
N TYR B 653 1.47 12.21 22.42
CA TYR B 653 0.93 12.84 21.20
C TYR B 653 -0.58 13.23 21.32
N SER B 654 -1.25 12.74 22.37
CA SER B 654 -2.65 13.10 22.66
C SER B 654 -2.75 14.31 23.58
N VAL B 655 -2.27 15.47 23.15
CA VAL B 655 -2.09 16.61 24.09
C VAL B 655 -3.41 17.26 24.56
N THR B 656 -3.48 17.52 25.86
CA THR B 656 -4.65 18.10 26.54
C THR B 656 -4.27 19.41 27.31
N ASP B 657 -3.02 19.47 27.76
CA ASP B 657 -2.42 20.70 28.24
C ASP B 657 -0.99 20.82 27.67
N ARG B 658 -0.73 21.91 26.92
CA ARG B 658 0.58 22.11 26.29
C ARG B 658 1.63 22.60 27.29
N TYR B 659 1.20 23.07 28.45
CA TYR B 659 2.11 23.66 29.46
C TYR B 659 2.26 22.86 30.75
N ASN B 660 1.38 21.90 31.00
CA ASN B 660 1.44 21.01 32.18
C ASN B 660 2.23 19.73 31.90
N LEU B 661 3.47 19.68 32.40
CA LEU B 661 4.35 18.57 32.09
C LEU B 661 4.37 17.56 33.23
N GLY B 662 3.38 17.67 34.11
CA GLY B 662 3.19 16.72 35.19
C GLY B 662 3.55 17.32 36.54
N THR B 663 2.84 16.96 37.60
CA THR B 663 3.18 17.41 38.96
C THR B 663 3.45 16.22 39.82
N ASN B 664 3.81 16.44 41.08
CA ASN B 664 4.19 15.36 42.00
C ASN B 664 3.16 14.29 42.15
N ALA B 665 1.89 14.70 42.19
CA ALA B 665 0.75 13.80 42.38
C ALA B 665 0.17 13.31 41.06
N ASN B 666 0.45 14.05 39.97
CA ASN B 666 -0.14 13.83 38.65
C ASN B 666 0.93 13.93 37.60
N PRO B 667 1.74 12.88 37.47
CA PRO B 667 2.75 12.84 36.43
C PRO B 667 2.19 12.29 35.14
N THR B 668 2.93 12.52 34.07
CA THR B 668 2.67 11.90 32.80
C THR B 668 3.11 10.44 32.97
N LYS B 669 3.24 9.71 31.86
CA LYS B 669 3.80 8.37 31.94
C LYS B 669 5.24 8.51 32.40
N TYR B 670 5.85 9.61 31.98
CA TYR B 670 7.28 9.78 32.11
C TYR B 670 7.70 10.37 33.46
N GLY B 671 6.82 11.15 34.09
CA GLY B 671 7.08 11.68 35.45
C GLY B 671 6.50 13.08 35.70
N SER B 672 6.98 13.77 36.74
CA SER B 672 6.55 15.14 37.03
C SER B 672 7.46 16.11 36.29
N GLY B 673 7.02 17.34 36.15
CA GLY B 673 7.84 18.42 35.58
C GLY B 673 9.06 18.78 36.41
N GLU B 674 8.94 18.63 37.74
CA GLU B 674 10.11 18.71 38.64
C GLU B 674 11.18 17.71 38.19
N GLU B 675 10.75 16.47 38.06
CA GLU B 675 11.55 15.37 37.57
C GLU B 675 12.05 15.57 36.11
N LEU B 676 11.23 16.21 35.27
CA LEU B 676 11.63 16.50 33.91
C LEU B 676 12.83 17.43 33.97
N ALA B 677 12.70 18.50 34.73
CA ALA B 677 13.79 19.48 34.84
C ALA B 677 15.06 18.85 35.32
N ASN B 678 14.95 17.95 36.29
CA ASN B 678 16.11 17.29 36.86
C ASN B 678 16.80 16.40 35.85
N ALA B 679 16.04 15.67 35.05
CA ALA B 679 16.67 14.82 34.02
C ALA B 679 17.42 15.70 33.01
N ILE B 680 16.76 16.76 32.57
CA ILE B 680 17.35 17.66 31.61
C ILE B 680 18.69 18.15 32.13
N ALA B 681 18.72 18.51 33.42
CA ALA B 681 19.94 19.09 33.97
C ALA B 681 20.98 18.01 34.21
N ALA B 682 20.55 16.78 34.48
CA ALA B 682 21.50 15.68 34.54
C ALA B 682 22.21 15.50 33.19
N LEU B 683 21.43 15.61 32.12
CA LEU B 683 21.97 15.50 30.81
C LEU B 683 22.95 16.63 30.54
N HIS B 684 22.57 17.87 30.86
CA HIS B 684 23.49 19.00 30.73
C HIS B 684 24.75 18.73 31.54
N SER B 685 24.60 18.41 32.82
CA SER B 685 25.73 18.06 33.65
C SER B 685 26.71 17.10 32.98
N ALA B 686 26.24 16.22 32.09
CA ALA B 686 27.12 15.29 31.35
C ALA B 686 27.48 15.76 29.92
N GLY B 687 27.22 17.03 29.62
CA GLY B 687 27.60 17.62 28.36
C GLY B 687 26.66 17.27 27.24
N LEU B 688 25.47 16.78 27.55
CA LEU B 688 24.50 16.46 26.48
C LEU B 688 23.48 17.58 26.31
N LYS B 689 22.73 17.54 25.20
CA LYS B 689 21.62 18.46 24.96
C LYS B 689 20.32 17.70 24.86
N ALA B 690 19.24 18.35 25.26
CA ALA B 690 17.95 17.76 25.25
C ALA B 690 17.10 18.54 24.26
N GLN B 691 16.38 17.80 23.40
CA GLN B 691 15.32 18.39 22.59
C GLN B 691 13.95 17.92 23.03
N VAL B 692 12.94 18.77 22.84
CA VAL B 692 11.55 18.43 23.21
C VAL B 692 10.72 18.15 21.94
N ASP B 693 9.87 17.13 22.05
CA ASP B 693 8.98 16.80 20.98
C ASP B 693 7.88 17.85 21.07
N ILE B 694 7.81 18.75 20.10
CA ILE B 694 6.77 19.79 20.10
C ILE B 694 5.63 19.52 19.09
N VAL B 695 4.40 19.45 19.62
CA VAL B 695 3.23 18.99 18.88
C VAL B 695 2.26 20.13 18.56
N MET B 696 2.55 20.82 17.45
CA MET B 696 1.77 21.96 17.00
C MET B 696 0.63 21.57 16.10
N ASN B 697 0.61 20.31 15.69
CA ASN B 697 -0.35 19.88 14.69
C ASN B 697 -1.73 19.63 15.26
N GLN B 698 -1.81 18.93 16.40
CA GLN B 698 -3.12 18.54 16.98
C GLN B 698 -3.19 18.63 18.49
N MET B 699 -4.42 18.64 18.98
CA MET B 699 -4.73 18.32 20.36
C MET B 699 -5.85 17.28 20.34
N ILE B 700 -5.93 16.47 21.39
CA ILE B 700 -6.80 15.30 21.45
C ILE B 700 -7.31 15.20 22.90
N GLY B 701 -8.60 14.95 23.08
CA GLY B 701 -9.24 14.85 24.39
C GLY B 701 -9.70 16.17 25.01
N LEU B 702 -9.84 17.23 24.22
CA LEU B 702 -10.37 18.49 24.75
C LEU B 702 -11.82 18.24 25.22
N PRO B 703 -12.11 18.60 26.47
CA PRO B 703 -13.38 18.13 27.08
C PRO B 703 -14.64 18.92 26.71
N GLY B 704 -14.45 20.11 26.16
CA GLY B 704 -15.52 21.04 25.92
C GLY B 704 -16.02 20.93 24.51
N GLN B 705 -17.30 20.59 24.39
CA GLN B 705 -17.99 20.55 23.10
C GLN B 705 -18.40 21.96 22.63
N GLU B 706 -18.36 22.16 21.31
CA GLU B 706 -18.80 23.37 20.66
C GLU B 706 -19.70 22.97 19.48
N ALA B 707 -20.71 23.77 19.20
CA ALA B 707 -21.42 23.66 17.95
C ALA B 707 -20.64 24.39 16.84
N VAL B 708 -20.15 23.60 15.90
CA VAL B 708 -19.40 24.10 14.76
C VAL B 708 -20.06 23.60 13.47
N THR B 709 -19.69 24.23 12.35
CA THR B 709 -20.23 23.85 11.04
C THR B 709 -19.11 23.18 10.21
N VAL B 710 -19.45 22.04 9.61
CA VAL B 710 -18.43 21.14 9.05
C VAL B 710 -18.76 20.53 7.68
N THR B 711 -17.71 20.15 6.97
CA THR B 711 -17.80 19.58 5.62
C THR B 711 -16.90 18.36 5.55
N ARG B 712 -17.48 17.23 5.18
CA ARG B 712 -16.69 16.02 5.08
C ARG B 712 -15.65 16.32 4.04
N ALA B 713 -14.40 16.11 4.44
CA ALA B 713 -13.28 16.58 3.67
C ALA B 713 -12.21 15.53 3.63
N ASP B 714 -11.43 15.53 2.53
CA ASP B 714 -10.26 14.64 2.38
C ASP B 714 -9.19 15.11 3.33
N ASN B 715 -8.05 14.44 3.34
CA ASN B 715 -7.01 14.83 4.27
C ASN B 715 -6.21 16.09 3.86
N ARG B 716 -6.63 16.80 2.81
CA ARG B 716 -6.06 18.12 2.50
C ARG B 716 -7.02 19.26 2.81
N GLY B 717 -8.18 18.98 3.34
CA GLY B 717 -9.14 20.04 3.66
C GLY B 717 -9.95 20.51 2.48
N MET B 718 -9.89 19.74 1.40
CA MET B 718 -10.83 19.85 0.29
C MET B 718 -11.90 18.79 0.53
N GLN B 719 -13.14 19.19 0.30
CA GLN B 719 -14.28 18.31 0.45
C GLN B 719 -14.07 17.04 -0.39
N THR B 720 -14.50 15.90 0.15
CA THR B 720 -14.41 14.59 -0.50
C THR B 720 -15.77 13.93 -0.52
N ASP B 721 -15.90 12.94 -1.39
CA ASP B 721 -17.18 12.38 -1.74
C ASP B 721 -17.10 10.89 -1.41
N VAL B 722 -16.99 10.59 -0.11
CA VAL B 722 -16.92 9.20 0.42
C VAL B 722 -18.08 8.27 0.06
N ASN B 723 -17.80 7.22 -0.72
CA ASN B 723 -18.79 6.18 -1.11
C ASN B 723 -20.06 6.71 -1.77
N GLY B 724 -19.96 7.59 -2.77
CA GLY B 724 -21.13 8.26 -3.29
C GLY B 724 -21.53 9.43 -2.42
N LYS B 725 -21.82 9.21 -1.15
CA LYS B 725 -22.23 10.27 -0.23
C LYS B 725 -21.16 11.37 0.02
N THR B 726 -21.65 12.54 0.43
CA THR B 726 -20.83 13.62 1.01
C THR B 726 -21.74 14.59 1.78
N TYR B 727 -21.16 15.61 2.40
CA TYR B 727 -21.94 16.56 3.14
C TYR B 727 -21.09 17.79 3.45
N ALA B 728 -21.74 18.94 3.38
CA ALA B 728 -21.08 20.19 3.56
C ALA B 728 -22.02 21.03 4.37
N ASN B 729 -21.46 22.02 5.04
CA ASN B 729 -22.21 22.96 5.82
C ASN B 729 -23.21 22.31 6.81
N GLN B 730 -22.76 21.27 7.53
CA GLN B 730 -23.56 20.58 8.59
C GLN B 730 -23.24 21.10 9.98
N MET B 731 -24.23 21.14 10.88
CA MET B 731 -23.94 21.36 12.31
C MET B 731 -23.33 20.09 12.96
N TYR B 732 -22.26 20.27 13.72
CA TYR B 732 -21.54 19.16 14.37
C TYR B 732 -21.14 19.61 15.77
N PHE B 733 -21.31 18.72 16.74
CA PHE B 733 -21.11 19.04 18.14
C PHE B 733 -19.80 18.46 18.59
N ALA B 734 -18.74 18.97 17.99
CA ALA B 734 -17.43 18.42 18.22
C ALA B 734 -16.84 18.89 19.52
N TYR B 735 -16.00 18.05 20.09
CA TYR B 735 -15.10 18.45 21.18
C TYR B 735 -14.02 19.35 20.65
N THR B 736 -14.04 20.64 21.01
CA THR B 736 -13.09 21.63 20.44
C THR B 736 -12.41 22.56 21.43
N THR B 737 -12.62 22.39 22.73
CA THR B 737 -12.30 23.44 23.68
C THR B 737 -11.60 22.95 24.93
N GLY B 738 -10.49 23.58 25.26
CA GLY B 738 -9.81 23.25 26.49
C GLY B 738 -8.39 23.74 26.46
N GLY B 739 -7.52 23.06 27.18
CA GLY B 739 -6.19 23.58 27.36
C GLY B 739 -5.59 23.27 28.69
N GLY B 740 -6.45 23.12 29.70
CA GLY B 740 -6.03 22.93 31.10
C GLY B 740 -5.72 24.27 31.73
N ASN B 741 -5.35 24.28 33.01
CA ASN B 741 -4.87 25.52 33.68
C ASN B 741 -3.58 26.02 33.06
N GLY B 742 -2.90 25.13 32.35
CA GLY B 742 -1.62 25.41 31.76
C GLY B 742 -1.79 26.41 30.66
N GLN B 743 -2.66 26.11 29.72
CA GLN B 743 -2.97 27.09 28.70
C GLN B 743 -3.46 28.45 29.33
N GLU B 744 -4.15 28.41 30.48
CA GLU B 744 -4.68 29.61 31.14
C GLU B 744 -3.63 30.45 31.85
N THR B 745 -2.79 29.81 32.67
CA THR B 745 -1.71 30.48 33.37
C THR B 745 -0.63 31.06 32.46
N TYR B 746 -0.26 30.28 31.45
CA TYR B 746 0.94 30.52 30.63
C TYR B 746 0.64 31.00 29.21
N GLY B 747 -0.58 30.78 28.72
CA GLY B 747 -0.96 31.20 27.36
C GLY B 747 -0.75 32.67 27.07
N GLY B 748 0.23 32.97 26.21
CA GLY B 748 0.52 34.32 25.79
C GLY B 748 1.34 35.10 26.80
N LYS B 749 1.70 34.47 27.92
CA LYS B 749 2.33 35.20 29.02
C LYS B 749 3.71 35.80 28.69
N TYR B 750 4.46 35.18 27.77
CA TYR B 750 5.85 35.62 27.53
C TYR B 750 5.99 36.52 26.27
N LEU B 751 4.84 36.85 25.65
CA LEU B 751 4.80 37.62 24.40
C LEU B 751 5.23 39.06 24.55
N SER B 752 4.95 39.68 25.71
CA SER B 752 5.43 41.05 26.05
C SER B 752 6.93 41.07 26.16
N GLU B 753 7.45 40.09 26.92
CA GLU B 753 8.89 39.90 27.04
C GLU B 753 9.49 39.58 25.66
N LEU B 754 8.83 38.73 24.88
CA LEU B 754 9.30 38.40 23.50
C LEU B 754 9.31 39.59 22.51
N GLN B 755 8.37 40.52 22.68
CA GLN B 755 8.30 41.72 21.81
C GLN B 755 9.39 42.74 22.13
N SER B 756 9.54 43.00 23.43
CA SER B 756 10.53 43.93 23.94
C SER B 756 11.98 43.55 23.57
N LYS B 757 12.33 42.27 23.69
CA LYS B 757 13.68 41.80 23.35
C LYS B 757 13.93 41.52 21.84
N TYR B 758 12.88 41.15 21.11
CA TYR B 758 13.04 40.68 19.73
C TYR B 758 11.86 41.15 18.87
N PRO B 759 11.80 42.45 18.55
CA PRO B 759 10.58 42.95 17.90
C PRO B 759 10.35 42.38 16.50
N ASP B 760 11.43 42.00 15.82
CA ASP B 760 11.37 41.45 14.45
C ASP B 760 10.40 40.26 14.29
N LEU B 761 10.22 39.51 15.38
CA LEU B 761 9.29 38.40 15.40
C LEU B 761 7.91 38.87 15.01
N PHE B 762 7.50 40.08 15.46
CA PHE B 762 6.14 40.54 15.27
C PHE B 762 5.97 41.63 14.21
N THR B 763 7.06 41.98 13.51
CA THR B 763 7.02 42.77 12.27
C THR B 763 7.30 41.95 10.97
N THR B 764 7.91 40.77 11.08
CA THR B 764 8.27 39.95 9.90
C THR B 764 6.98 39.30 9.37
N ARG B 765 6.59 39.67 8.16
CA ARG B 765 5.36 39.17 7.55
C ARG B 765 5.52 37.70 7.14
N ALA B 766 4.64 36.83 7.62
CA ALA B 766 4.66 35.42 7.27
C ALA B 766 4.35 35.18 5.80
N ILE B 767 4.94 34.14 5.22
CA ILE B 767 4.77 33.88 3.80
C ILE B 767 3.34 33.52 3.46
N SER B 768 2.74 32.56 4.17
CA SER B 768 1.38 32.11 3.85
C SER B 768 0.30 33.18 4.03
N THR B 769 0.50 34.14 4.94
CA THR B 769 -0.51 35.16 5.25
C THR B 769 -0.15 36.57 4.78
N GLY B 770 1.14 36.85 4.58
CA GLY B 770 1.60 38.21 4.28
C GLY B 770 1.43 39.16 5.46
N VAL B 771 1.40 38.60 6.66
CA VAL B 771 1.02 39.33 7.85
C VAL B 771 1.79 38.69 9.01
N ALA B 772 2.32 39.52 9.91
CA ALA B 772 3.17 39.05 11.01
C ALA B 772 2.34 38.40 12.13
N PRO B 773 3.00 37.58 12.98
CA PRO B 773 2.26 36.98 14.08
C PRO B 773 1.74 38.07 14.96
N ASP B 774 0.57 37.83 15.53
CA ASP B 774 -0.15 38.84 16.27
C ASP B 774 -0.11 38.51 17.78
N PRO B 775 0.69 39.27 18.53
CA PRO B 775 0.80 39.03 19.96
C PRO B 775 -0.24 39.74 20.77
N THR B 776 -1.12 40.51 20.12
CA THR B 776 -2.12 41.32 20.85
C THR B 776 -3.35 40.58 21.41
N THR B 777 -3.61 39.35 20.96
CA THR B 777 -4.55 38.46 21.65
C THR B 777 -3.81 37.25 22.23
N HIS B 778 -3.96 36.98 23.53
CA HIS B 778 -3.41 35.76 24.08
C HIS B 778 -4.41 34.63 23.88
N ILE B 779 -3.92 33.39 23.73
CA ILE B 779 -4.81 32.24 23.79
C ILE B 779 -4.72 31.57 25.15
N THR B 780 -5.83 31.58 25.87
CA THR B 780 -5.89 30.99 27.21
C THR B 780 -6.78 29.76 27.25
N LYS B 781 -7.35 29.42 26.09
CA LYS B 781 -8.25 28.29 25.94
C LYS B 781 -8.41 28.03 24.42
N TRP B 782 -8.26 26.78 24.01
CA TRP B 782 -8.40 26.49 22.61
C TRP B 782 -9.88 26.37 22.38
N SER B 783 -10.31 26.80 21.19
CA SER B 783 -11.67 26.62 20.71
C SER B 783 -11.62 26.52 19.18
N ALA B 784 -12.75 26.19 18.57
CA ALA B 784 -12.88 26.06 17.11
C ALA B 784 -12.34 27.18 16.24
N LYS B 785 -12.34 28.39 16.76
CA LYS B 785 -11.91 29.56 16.01
C LYS B 785 -10.43 29.53 15.66
N TYR B 786 -9.66 28.73 16.40
CA TYR B 786 -8.24 28.54 16.17
C TYR B 786 -7.90 27.15 15.54
N GLU B 787 -8.91 26.50 14.95
CA GLU B 787 -8.78 25.10 14.46
C GLU B 787 -9.35 24.98 13.06
N ASN B 788 -8.65 24.25 12.19
CA ASN B 788 -9.12 23.95 10.83
C ASN B 788 -10.21 22.90 10.73
N GLY B 789 -10.30 22.06 11.76
CA GLY B 789 -11.18 20.91 11.76
C GLY B 789 -10.71 19.83 12.72
N THR B 790 -11.36 18.70 12.64
CA THR B 790 -11.06 17.58 13.51
C THR B 790 -11.14 16.30 12.70
N SER B 791 -10.33 15.31 13.09
CA SER B 791 -10.60 13.94 12.64
C SER B 791 -12.04 13.56 13.07
N LEU B 792 -12.63 12.56 12.42
CA LEU B 792 -13.99 12.15 12.77
C LEU B 792 -13.99 11.74 14.23
N GLN B 793 -15.05 12.10 14.96
CA GLN B 793 -15.06 12.05 16.41
C GLN B 793 -15.99 10.95 16.95
N ASN B 794 -16.58 10.18 16.04
CA ASN B 794 -17.52 9.12 16.39
C ASN B 794 -18.85 9.57 17.07
N ILE B 795 -19.33 10.75 16.72
CA ILE B 795 -20.61 11.31 17.22
C ILE B 795 -21.76 11.24 16.22
N GLY B 796 -21.45 11.54 14.95
CA GLY B 796 -22.46 11.57 13.89
C GLY B 796 -22.90 12.97 13.57
N ILE B 797 -23.56 13.16 12.44
CA ILE B 797 -23.92 14.50 12.01
C ILE B 797 -25.40 14.86 12.23
N GLY B 798 -26.24 13.89 12.59
CA GLY B 798 -27.64 14.16 12.75
C GLY B 798 -28.11 14.55 14.15
N LEU B 799 -27.21 14.94 15.05
CA LEU B 799 -27.64 15.24 16.42
C LEU B 799 -28.38 16.55 16.60
N ALA B 800 -28.13 17.53 15.72
CA ALA B 800 -28.70 18.86 15.91
C ALA B 800 -30.17 18.83 15.59
N VAL B 801 -30.93 19.34 16.54
CA VAL B 801 -32.36 19.26 16.47
C VAL B 801 -32.85 20.35 15.54
N LYS B 802 -33.64 19.93 14.56
CA LYS B 802 -34.23 20.86 13.61
C LYS B 802 -35.72 20.88 13.77
N LEU B 803 -36.29 22.07 13.87
CA LEU B 803 -37.72 22.16 13.91
C LEU B 803 -38.28 21.84 12.53
N PRO B 804 -39.53 21.35 12.50
CA PRO B 804 -40.26 21.14 11.25
C PRO B 804 -40.07 22.24 10.20
N ASN B 805 -39.94 23.50 10.61
CA ASN B 805 -39.82 24.60 9.64
C ASN B 805 -38.43 24.78 8.97
N GLY B 806 -37.45 24.00 9.40
CA GLY B 806 -36.12 23.99 8.76
C GLY B 806 -34.99 24.62 9.56
N GLU B 807 -35.34 25.41 10.58
CA GLU B 807 -34.38 26.08 11.44
C GLU B 807 -34.04 25.20 12.64
N TYR B 808 -32.80 25.26 13.07
CA TYR B 808 -32.35 24.50 14.22
C TYR B 808 -33.02 25.09 15.45
N ALA B 809 -33.34 24.25 16.42
CA ALA B 809 -33.81 24.73 17.73
C ALA B 809 -32.76 25.65 18.36
N TYR B 810 -33.20 26.64 19.13
CA TYR B 810 -32.28 27.61 19.79
C TYR B 810 -32.72 28.09 21.19
N LEU B 811 -31.73 28.41 22.05
CA LEU B 811 -31.95 29.02 23.38
C LEU B 811 -31.11 30.27 23.58
N ARG B 812 -31.74 31.38 23.97
CA ARG B 812 -30.97 32.49 24.47
C ARG B 812 -30.60 32.11 25.90
N SER B 813 -29.33 31.74 26.11
CA SER B 813 -28.90 31.06 27.35
C SER B 813 -28.02 31.90 28.27
N SER B 814 -26.81 32.23 27.81
CA SER B 814 -25.81 32.98 28.59
C SER B 814 -24.89 33.79 27.64
N ASP B 815 -23.72 33.25 27.25
CA ASP B 815 -22.92 33.81 26.14
C ASP B 815 -23.76 33.74 24.85
N ASN B 816 -24.63 32.72 24.79
CA ASN B 816 -25.57 32.48 23.70
C ASN B 816 -26.78 33.42 23.80
N LYS B 817 -26.76 34.49 23.01
CA LYS B 817 -27.77 35.54 23.06
C LYS B 817 -27.98 36.27 21.71
N SER B 818 -27.67 35.59 20.60
CA SER B 818 -27.64 36.24 19.27
C SER B 818 -29.04 36.45 18.68
N PHE B 819 -29.71 35.34 18.35
CA PHE B 819 -30.99 35.36 17.65
C PHE B 819 -32.11 35.09 18.68
N ASN B 820 -33.33 34.79 18.21
CA ASN B 820 -34.48 34.58 19.10
C ASN B 820 -34.78 33.11 19.40
N THR B 821 -35.09 32.83 20.67
CA THR B 821 -35.32 31.46 21.16
C THR B 821 -36.45 30.74 20.43
N LEU B 822 -36.24 29.44 20.22
CA LEU B 822 -37.09 28.64 19.37
C LEU B 822 -36.94 27.16 19.75
N LEU B 823 -37.93 26.63 20.45
CA LEU B 823 -37.91 25.26 20.94
C LEU B 823 -38.94 24.38 20.23
N PRO B 824 -38.78 23.04 20.30
CA PRO B 824 -39.80 22.18 19.69
C PRO B 824 -41.21 22.33 20.31
N SER B 825 -42.21 21.95 19.51
CA SER B 825 -43.60 21.95 19.95
C SER B 825 -43.70 21.22 21.27
N GLU B 826 -43.15 20.02 21.30
CA GLU B 826 -43.37 19.11 22.42
C GLU B 826 -42.58 19.50 23.69
N ILE B 827 -42.06 20.74 23.75
CA ILE B 827 -41.32 21.29 24.93
C ILE B 827 -41.71 22.78 25.16
N SER B 828 -43.03 23.04 25.28
CA SER B 828 -43.62 24.40 25.47
C SER B 828 -45.15 24.39 25.22
#